data_4RM1
#
_entry.id   4RM1
#
_cell.length_a   69.548
_cell.length_b   125.004
_cell.length_c   132.242
_cell.angle_alpha   90.00
_cell.angle_beta   99.62
_cell.angle_gamma   90.00
#
_symmetry.space_group_name_H-M   'P 1 21 1'
#
loop_
_entity.id
_entity.type
_entity.pdbx_description
1 polymer 'Pyridoxal-dependent decarboxylase'
2 non-polymer "4'-DEOXY-4'-AMINOPYRIDOXAL-5'-PHOSPHATE"
3 non-polymer GLYCEROL
4 non-polymer 'CHLORIDE ION'
5 water water
#
_entity_poly.entity_id   1
_entity_poly.type   'polypeptide(L)'
_entity_poly.pdbx_seq_one_letter_code
;SNAMDSRFLPATAFIDPEGRNRNEVERLVQQVVDLILAKLTGAAERPPMPETVDLPGPITIPEAAATEATLLQAIRDMVD
GSMNPANPGYIGHMDPMPATMAILGDLVAAAVNNNMLSLEMSPSFSRLETLLLRAIAGLFGLGEQAGGVLTSGGSLANLQ
ALAVARNVAFDSVEPGITGLAQRPVIFASEAAHTSLQKAAMLLGLGTAAVIPVRATADSRMDPEDLRARIDQARGAGQHP
FCVVATAGTTTTGNIDPLAEIGAIAREHGLWFHVDAAYGGALVFSERHRWRLAGIEQADSITFNPQ(LLP)WLYVAKTCA
MVLFRDAGVLERAFRIPAPQMRATDGFINLGEIGVQGTRHADVVKLWLTLQHIGQQGYARLIDDGYRLAERVVEGVRQRP
FLRLAGEIDTNIVCFRGEPDWLPAERWDDWNAALQALLLREGKIFLSLPVYRGGRWLRAVLLNPYTTDAVIDAMFKQIDR
FAGRERGQER
;
_entity_poly.pdbx_strand_id   B,A,C,D
#
loop_
_chem_comp.id
_chem_comp.type
_chem_comp.name
_chem_comp.formula
CL non-polymer 'CHLORIDE ION' 'Cl -1'
GOL non-polymer GLYCEROL 'C3 H8 O3'
PMP non-polymer 4'-DEOXY-4'-AMINOPYRIDOXAL-5'-PHOSPHATE 'C8 H13 N2 O5 P'
#
# COMPACT_ATOMS: atom_id res chain seq x y z
N ASN A 2 7.69 1.50 -4.26
CA ASN A 2 8.04 0.18 -3.73
C ASN A 2 6.78 -0.68 -3.71
N ALA A 3 6.54 -1.42 -4.79
CA ALA A 3 5.28 -2.11 -4.99
C ALA A 3 4.85 -2.97 -3.80
N MET A 4 5.81 -3.56 -3.11
CA MET A 4 5.49 -4.51 -2.05
C MET A 4 5.00 -3.84 -0.75
N ASP A 5 5.04 -2.50 -0.72
CA ASP A 5 4.40 -1.68 0.34
C ASP A 5 3.02 -1.17 -0.05
N SER A 6 2.71 -1.27 -1.33
CA SER A 6 1.50 -0.66 -1.83
C SER A 6 0.28 -1.50 -1.48
N ARG A 7 -0.89 -0.89 -1.64
CA ARG A 7 -2.13 -1.60 -1.40
C ARG A 7 -2.51 -2.45 -2.63
N PHE A 8 -1.62 -2.57 -3.50
CA PHE A 8 -1.88 -3.18 -4.80
C PHE A 8 -1.27 -4.58 -4.92
N LEU A 9 -0.46 -4.89 -3.97
CA LEU A 9 0.08 -6.24 -3.88
C LEU A 9 -0.22 -6.85 -2.52
N PRO A 10 -0.54 -8.16 -2.50
CA PRO A 10 -0.68 -8.83 -1.21
C PRO A 10 0.66 -8.89 -0.50
N ALA A 11 0.63 -8.84 0.83
CA ALA A 11 1.84 -8.75 1.63
C ALA A 11 2.73 -9.99 1.43
N THR A 12 2.13 -11.07 0.97
CA THR A 12 2.87 -12.33 0.80
C THR A 12 3.16 -12.66 -0.68
N ALA A 13 2.99 -11.68 -1.57
CA ALA A 13 3.20 -11.92 -3.02
C ALA A 13 4.61 -12.43 -3.35
N PHE A 14 5.56 -11.89 -2.62
CA PHE A 14 6.97 -12.27 -2.69
C PHE A 14 7.50 -12.49 -1.31
N ILE A 15 8.70 -13.06 -1.23
CA ILE A 15 9.33 -13.27 0.07
C ILE A 15 10.36 -12.17 0.29
N ASP A 16 10.09 -11.30 1.28
CA ASP A 16 10.96 -10.17 1.63
C ASP A 16 12.35 -10.70 1.95
N PRO A 17 13.39 -10.21 1.26
CA PRO A 17 14.74 -10.77 1.45
C PRO A 17 15.40 -10.32 2.74
N GLU A 18 14.74 -9.46 3.51
CA GLU A 18 15.26 -9.00 4.79
C GLU A 18 14.32 -9.41 5.91
N GLY A 19 13.43 -10.35 5.60
CA GLY A 19 12.64 -11.01 6.61
C GLY A 19 11.39 -10.30 7.10
N ARG A 20 11.11 -9.14 6.50
CA ARG A 20 10.04 -8.28 7.01
C ARG A 20 8.67 -8.91 6.88
N ASN A 21 8.49 -9.92 6.01
CA ASN A 21 7.20 -10.59 6.02
C ASN A 21 7.31 -12.08 6.34
N ARG A 22 8.39 -12.45 7.04
CA ARG A 22 8.68 -13.84 7.41
C ARG A 22 7.46 -14.58 7.97
N ASN A 23 6.78 -13.99 8.94
CA ASN A 23 5.68 -14.68 9.60
C ASN A 23 4.52 -14.96 8.66
N GLU A 24 4.17 -13.97 7.85
CA GLU A 24 3.04 -14.11 6.95
C GLU A 24 3.34 -15.15 5.87
N VAL A 25 4.56 -15.15 5.33
CA VAL A 25 4.87 -16.13 4.29
C VAL A 25 4.98 -17.53 4.91
N GLU A 26 5.54 -17.62 6.12
CA GLU A 26 5.63 -18.92 6.79
C GLU A 26 4.27 -19.58 6.93
N ARG A 27 3.27 -18.76 7.23
CA ARG A 27 1.88 -19.21 7.42
C ARG A 27 1.24 -19.72 6.13
N LEU A 28 1.41 -18.93 5.08
CA LEU A 28 0.89 -19.30 3.76
C LEU A 28 1.59 -20.58 3.26
N VAL A 29 2.90 -20.63 3.39
CA VAL A 29 3.64 -21.80 2.98
C VAL A 29 3.19 -23.03 3.76
N GLN A 30 3.05 -22.89 5.08
CA GLN A 30 2.63 -24.03 5.90
C GLN A 30 1.26 -24.58 5.52
N GLN A 31 0.32 -23.71 5.18
CA GLN A 31 -1.02 -24.18 4.78
C GLN A 31 -0.95 -25.06 3.56
N VAL A 32 -0.12 -24.67 2.59
CA VAL A 32 0.00 -25.43 1.37
C VAL A 32 0.70 -26.73 1.67
N VAL A 33 1.77 -26.65 2.45
CA VAL A 33 2.54 -27.82 2.82
C VAL A 33 1.65 -28.81 3.59
N ASP A 34 0.92 -28.35 4.59
CA ASP A 34 0.06 -29.25 5.37
C ASP A 34 -1.00 -29.91 4.47
N LEU A 35 -1.55 -29.13 3.55
CA LEU A 35 -2.61 -29.65 2.68
C LEU A 35 -2.06 -30.71 1.71
N ILE A 36 -0.92 -30.43 1.11
CA ILE A 36 -0.33 -31.38 0.15
C ILE A 36 0.08 -32.65 0.86
N LEU A 37 0.66 -32.52 2.05
CA LEU A 37 1.07 -33.71 2.78
C LEU A 37 -0.13 -34.55 3.18
N ALA A 38 -1.24 -33.90 3.51
CA ALA A 38 -2.47 -34.62 3.87
C ALA A 38 -2.97 -35.38 2.66
N LYS A 39 -2.95 -34.71 1.51
CA LYS A 39 -3.38 -35.35 0.27
C LYS A 39 -2.47 -36.53 -0.11
N LEU A 40 -1.18 -36.44 0.20
CA LEU A 40 -0.27 -37.48 -0.24
C LEU A 40 -0.15 -38.63 0.75
N THR A 41 -0.11 -38.32 2.05
CA THR A 41 -0.08 -39.39 3.05
C THR A 41 -1.42 -40.13 3.10
N GLY A 42 -2.48 -39.48 2.59
CA GLY A 42 -3.75 -40.16 2.38
C GLY A 42 -4.15 -40.41 0.94
N ALA A 43 -3.17 -40.62 0.05
CA ALA A 43 -3.44 -40.77 -1.39
C ALA A 43 -4.36 -41.94 -1.72
N ALA A 44 -4.32 -42.98 -0.91
CA ALA A 44 -5.13 -44.17 -1.18
C ALA A 44 -6.64 -43.88 -0.99
N GLU A 45 -6.98 -42.73 -0.39
CA GLU A 45 -8.36 -42.30 -0.26
C GLU A 45 -8.92 -41.71 -1.56
N ARG A 46 -8.04 -41.37 -2.49
CA ARG A 46 -8.48 -40.90 -3.80
C ARG A 46 -8.24 -42.03 -4.81
N PRO A 47 -9.17 -42.22 -5.75
CA PRO A 47 -9.07 -43.27 -6.76
C PRO A 47 -7.94 -42.95 -7.75
N PRO A 48 -7.51 -43.94 -8.57
CA PRO A 48 -6.40 -43.66 -9.51
C PRO A 48 -6.73 -42.62 -10.56
N MET A 49 -8.00 -42.52 -10.97
CA MET A 49 -8.47 -41.45 -11.85
C MET A 49 -9.58 -40.67 -11.12
N PRO A 50 -9.73 -39.37 -11.38
CA PRO A 50 -10.70 -38.54 -10.64
C PRO A 50 -12.12 -38.61 -11.22
N GLU A 51 -13.11 -38.08 -10.49
CA GLU A 51 -14.41 -37.72 -11.10
C GLU A 51 -14.56 -36.20 -11.23
N THR A 52 -14.02 -35.65 -12.32
CA THR A 52 -13.88 -34.19 -12.55
C THR A 52 -13.35 -33.48 -11.33
N PRO A 58 -14.75 -21.55 -16.78
CA PRO A 58 -14.96 -20.22 -16.18
C PRO A 58 -13.66 -19.60 -15.66
N ILE A 59 -12.68 -19.39 -16.55
CA ILE A 59 -11.35 -18.96 -16.15
C ILE A 59 -11.11 -17.49 -16.48
N THR A 60 -10.84 -16.69 -15.45
CA THR A 60 -10.47 -15.30 -15.63
C THR A 60 -9.37 -14.89 -14.67
N ILE A 61 -8.43 -14.09 -15.16
CA ILE A 61 -7.40 -13.51 -14.32
C ILE A 61 -7.98 -12.33 -13.56
N PRO A 62 -8.02 -12.43 -12.22
CA PRO A 62 -8.67 -11.40 -11.40
C PRO A 62 -7.93 -10.08 -11.45
N GLU A 63 -8.67 -8.98 -11.25
CA GLU A 63 -8.06 -7.67 -11.10
C GLU A 63 -7.31 -7.57 -9.79
N ALA A 64 -7.99 -7.94 -8.71
CA ALA A 64 -7.41 -7.84 -7.37
C ALA A 64 -6.90 -9.20 -6.88
N ALA A 65 -6.00 -9.16 -5.92
CA ALA A 65 -5.38 -10.34 -5.34
C ALA A 65 -6.39 -11.32 -4.79
N ALA A 66 -6.26 -12.58 -5.17
CA ALA A 66 -7.08 -13.64 -4.60
C ALA A 66 -6.77 -13.80 -3.10
N THR A 67 -7.76 -14.26 -2.34
CA THR A 67 -7.56 -14.53 -0.92
C THR A 67 -6.83 -15.84 -0.72
N GLU A 68 -6.22 -16.01 0.45
CA GLU A 68 -5.61 -17.28 0.81
C GLU A 68 -6.60 -18.43 0.67
N ALA A 69 -7.84 -18.20 1.09
CA ALA A 69 -8.91 -19.21 1.00
C ALA A 69 -9.18 -19.67 -0.45
N THR A 70 -9.32 -18.72 -1.35
CA THR A 70 -9.46 -19.03 -2.77
C THR A 70 -8.27 -19.84 -3.29
N LEU A 71 -7.07 -19.44 -2.89
CA LEU A 71 -5.85 -20.08 -3.39
C LEU A 71 -5.76 -21.52 -2.87
N LEU A 72 -6.03 -21.69 -1.58
CA LEU A 72 -6.02 -23.03 -1.02
C LEU A 72 -7.13 -23.91 -1.59
N GLN A 73 -8.31 -23.33 -1.83
CA GLN A 73 -9.40 -24.08 -2.45
C GLN A 73 -9.05 -24.53 -3.89
N ALA A 74 -8.43 -23.63 -4.66
CA ALA A 74 -7.95 -23.98 -6.00
C ALA A 74 -6.96 -25.14 -5.95
N ILE A 75 -6.07 -25.12 -4.98
CA ILE A 75 -5.09 -26.19 -4.87
C ILE A 75 -5.84 -27.46 -4.53
N ARG A 76 -6.78 -27.37 -3.58
CA ARG A 76 -7.56 -28.55 -3.23
C ARG A 76 -8.28 -29.10 -4.48
N ASP A 77 -8.92 -28.24 -5.27
CA ASP A 77 -9.62 -28.69 -6.48
C ASP A 77 -8.65 -29.26 -7.53
N MET A 78 -7.50 -28.59 -7.70
CA MET A 78 -6.47 -29.09 -8.61
C MET A 78 -6.02 -30.49 -8.20
N VAL A 79 -5.74 -30.67 -6.92
CA VAL A 79 -5.31 -31.99 -6.47
C VAL A 79 -6.38 -33.07 -6.67
N ASP A 80 -7.63 -32.78 -6.25
CA ASP A 80 -8.74 -33.73 -6.37
C ASP A 80 -9.12 -34.08 -7.82
N GLY A 81 -8.88 -33.17 -8.75
CA GLY A 81 -9.21 -33.48 -10.13
C GLY A 81 -8.03 -34.02 -10.94
N SER A 82 -6.94 -34.38 -10.27
N SER A 82 -6.94 -34.38 -10.27
CA SER A 82 -5.76 -34.86 -10.97
CA SER A 82 -5.75 -34.86 -10.96
C SER A 82 -5.70 -36.38 -10.94
C SER A 82 -5.67 -36.38 -10.92
N MET A 83 -4.94 -36.97 -11.87
CA MET A 83 -4.73 -38.42 -11.81
C MET A 83 -3.89 -38.68 -10.58
N ASN A 84 -3.97 -39.88 -10.04
CA ASN A 84 -3.37 -40.20 -8.75
C ASN A 84 -2.51 -41.49 -8.81
N PRO A 85 -1.30 -41.37 -9.38
CA PRO A 85 -0.40 -42.53 -9.50
C PRO A 85 0.03 -43.07 -8.14
N ALA A 86 -0.24 -42.33 -7.08
CA ALA A 86 0.11 -42.77 -5.74
C ALA A 86 -0.80 -43.91 -5.26
N ASN A 87 -1.99 -43.99 -5.83
CA ASN A 87 -2.95 -45.03 -5.44
C ASN A 87 -2.39 -46.39 -5.84
N PRO A 88 -2.37 -47.37 -4.95
CA PRO A 88 -1.70 -48.64 -5.25
C PRO A 88 -2.33 -49.32 -6.46
N GLY A 89 -3.56 -48.96 -6.74
CA GLY A 89 -4.28 -49.39 -7.91
C GLY A 89 -3.86 -48.78 -9.26
N TYR A 90 -2.99 -47.79 -9.25
CA TYR A 90 -2.57 -47.17 -10.50
C TYR A 90 -1.45 -47.98 -11.13
N ILE A 91 -1.80 -48.79 -12.11
CA ILE A 91 -0.89 -49.70 -12.75
C ILE A 91 -0.86 -49.60 -14.28
N GLY A 92 -1.13 -48.43 -14.83
CA GLY A 92 -1.34 -48.30 -16.24
C GLY A 92 -0.40 -47.50 -17.15
N HIS A 93 0.49 -46.70 -16.55
CA HIS A 93 1.37 -45.84 -17.29
C HIS A 93 2.77 -45.72 -16.72
N MET A 94 3.69 -45.33 -17.58
CA MET A 94 5.05 -45.00 -17.21
C MET A 94 5.09 -43.68 -16.42
N ASP A 95 4.15 -43.50 -15.52
CA ASP A 95 4.03 -42.29 -14.74
C ASP A 95 3.85 -42.63 -13.24
N PRO A 96 4.93 -42.50 -12.46
CA PRO A 96 4.92 -43.01 -11.09
C PRO A 96 4.62 -41.93 -10.06
N MET A 97 4.25 -42.37 -8.86
CA MET A 97 4.30 -41.48 -7.73
C MET A 97 5.76 -41.02 -7.62
N PRO A 98 5.97 -39.76 -7.24
CA PRO A 98 7.33 -39.20 -7.19
C PRO A 98 8.10 -39.56 -5.91
N ALA A 99 9.41 -39.71 -6.02
CA ALA A 99 10.24 -39.84 -4.81
C ALA A 99 10.04 -38.58 -3.97
N THR A 100 10.07 -38.70 -2.65
CA THR A 100 9.90 -37.54 -1.77
C THR A 100 10.92 -36.42 -2.04
N MET A 101 12.18 -36.78 -2.23
CA MET A 101 13.23 -35.75 -2.52
C MET A 101 13.11 -35.10 -3.89
N ALA A 102 12.37 -35.72 -4.81
CA ALA A 102 12.08 -35.04 -6.09
C ALA A 102 11.04 -33.95 -5.88
N ILE A 103 10.08 -34.20 -5.00
CA ILE A 103 9.14 -33.17 -4.61
C ILE A 103 9.90 -32.01 -4.01
N LEU A 104 10.76 -32.34 -3.05
CA LEU A 104 11.51 -31.35 -2.29
C LEU A 104 12.58 -30.68 -3.17
N GLY A 105 13.16 -31.43 -4.10
CA GLY A 105 14.10 -30.85 -5.03
C GLY A 105 13.46 -29.74 -5.86
N ASP A 106 12.27 -30.01 -6.38
CA ASP A 106 11.57 -28.97 -7.15
C ASP A 106 11.17 -27.76 -6.27
N LEU A 107 10.94 -27.97 -4.99
CA LEU A 107 10.67 -26.84 -4.08
C LEU A 107 11.91 -25.94 -3.97
N VAL A 108 13.04 -26.57 -3.76
CA VAL A 108 14.35 -25.87 -3.73
C VAL A 108 14.65 -25.21 -5.08
N ALA A 109 14.45 -25.95 -6.16
CA ALA A 109 14.72 -25.39 -7.49
C ALA A 109 13.91 -24.14 -7.74
N ALA A 110 12.60 -24.17 -7.46
CA ALA A 110 11.72 -23.02 -7.68
C ALA A 110 12.10 -21.84 -6.78
N ALA A 111 12.48 -22.15 -5.54
CA ALA A 111 12.86 -21.15 -4.55
C ALA A 111 14.09 -20.33 -4.98
N VAL A 112 15.17 -21.01 -5.39
CA VAL A 112 16.36 -20.29 -5.85
C VAL A 112 16.21 -19.81 -7.30
N ASN A 113 15.35 -20.44 -8.08
CA ASN A 113 14.96 -19.95 -9.40
C ASN A 113 16.18 -19.60 -10.27
N ASN A 114 17.13 -20.53 -10.37
CA ASN A 114 18.27 -20.33 -11.27
C ASN A 114 17.88 -20.78 -12.69
N ASN A 115 18.72 -20.48 -13.67
CA ASN A 115 18.35 -20.68 -15.08
C ASN A 115 19.44 -21.50 -15.73
N MET A 116 19.11 -22.65 -16.36
CA MET A 116 20.20 -23.45 -16.92
C MET A 116 20.72 -22.85 -18.24
N LEU A 117 20.12 -21.76 -18.72
CA LEU A 117 20.61 -21.10 -19.95
C LEU A 117 22.14 -20.87 -19.96
N SER A 118 22.71 -20.42 -18.85
CA SER A 118 24.10 -20.03 -18.86
C SER A 118 24.74 -20.23 -17.50
N LEU A 119 26.08 -20.29 -17.44
CA LEU A 119 26.75 -20.50 -16.17
C LEU A 119 26.49 -19.39 -15.17
N GLU A 120 26.43 -18.13 -15.63
CA GLU A 120 26.29 -17.09 -14.64
C GLU A 120 24.88 -17.08 -14.05
N MET A 121 23.93 -17.74 -14.73
CA MET A 121 22.56 -17.81 -14.22
C MET A 121 22.31 -19.08 -13.42
N SER A 122 23.26 -20.01 -13.44
CA SER A 122 23.17 -21.24 -12.63
C SER A 122 24.56 -21.79 -12.30
N PRO A 123 25.35 -21.02 -11.50
CA PRO A 123 26.75 -21.35 -11.20
C PRO A 123 26.95 -22.77 -10.72
N SER A 124 26.22 -23.21 -9.70
CA SER A 124 26.44 -24.56 -9.23
C SER A 124 25.66 -25.58 -10.05
N PHE A 125 24.43 -25.25 -10.48
CA PHE A 125 23.60 -26.32 -11.10
C PHE A 125 24.14 -26.74 -12.47
N SER A 126 24.61 -25.77 -13.25
CA SER A 126 25.23 -26.08 -14.55
C SER A 126 26.37 -27.04 -14.36
N ARG A 127 27.23 -26.75 -13.40
CA ARG A 127 28.40 -27.61 -13.15
C ARG A 127 27.98 -28.97 -12.61
N LEU A 128 27.01 -28.98 -11.67
CA LEU A 128 26.46 -30.23 -11.19
C LEU A 128 25.88 -31.07 -12.32
N GLU A 129 25.09 -30.43 -13.18
CA GLU A 129 24.45 -31.20 -14.27
C GLU A 129 25.51 -31.78 -15.23
N THR A 130 26.46 -30.97 -15.67
CA THR A 130 27.51 -31.48 -16.57
C THR A 130 28.23 -32.69 -15.95
N LEU A 131 28.62 -32.57 -14.69
CA LEU A 131 29.36 -33.67 -14.03
C LEU A 131 28.50 -34.90 -13.79
N LEU A 132 27.27 -34.69 -13.36
CA LEU A 132 26.37 -35.82 -13.07
C LEU A 132 26.09 -36.59 -14.35
N LEU A 133 25.92 -35.89 -15.47
CA LEU A 133 25.60 -36.57 -16.73
C LEU A 133 26.80 -37.31 -17.34
N ARG A 134 28.01 -36.84 -17.02
CA ARG A 134 29.23 -37.55 -17.39
C ARG A 134 29.28 -38.86 -16.62
N ALA A 135 28.97 -38.78 -15.34
CA ALA A 135 28.91 -39.93 -14.46
C ALA A 135 27.89 -40.93 -14.99
N ILE A 136 26.73 -40.44 -15.41
CA ILE A 136 25.70 -41.35 -15.87
C ILE A 136 26.10 -41.91 -17.22
N ALA A 137 26.68 -41.09 -18.09
CA ALA A 137 27.11 -41.61 -19.39
C ALA A 137 28.13 -42.73 -19.18
N GLY A 138 28.89 -42.65 -18.10
CA GLY A 138 29.84 -43.70 -17.76
C GLY A 138 29.17 -45.00 -17.34
N LEU A 139 28.06 -44.91 -16.62
CA LEU A 139 27.31 -46.10 -16.27
C LEU A 139 26.79 -46.82 -17.53
N PHE A 140 26.48 -46.05 -18.57
CA PHE A 140 26.06 -46.62 -19.85
C PHE A 140 27.24 -47.14 -20.68
N GLY A 141 28.48 -46.82 -20.29
CA GLY A 141 29.64 -47.38 -20.95
C GLY A 141 30.12 -46.60 -22.16
N LEU A 142 29.71 -45.33 -22.25
CA LEU A 142 29.93 -44.52 -23.44
C LEU A 142 31.37 -44.02 -23.60
N GLY A 143 32.18 -44.13 -22.57
CA GLY A 143 33.57 -43.76 -22.69
C GLY A 143 33.89 -42.36 -22.17
N GLU A 144 35.17 -42.00 -22.25
CA GLU A 144 35.65 -40.85 -21.48
C GLU A 144 35.28 -39.51 -22.08
N GLN A 145 34.99 -39.49 -23.38
CA GLN A 145 34.56 -38.24 -24.00
C GLN A 145 33.06 -37.98 -23.84
N ALA A 146 32.35 -38.89 -23.18
CA ALA A 146 30.87 -38.81 -23.19
C ALA A 146 30.30 -37.76 -22.25
N GLY A 147 29.08 -37.29 -22.54
CA GLY A 147 28.40 -36.33 -21.71
C GLY A 147 27.07 -35.94 -22.34
N GLY A 148 26.38 -34.96 -21.75
CA GLY A 148 25.15 -34.52 -22.36
C GLY A 148 24.47 -33.41 -21.59
N VAL A 149 23.19 -33.22 -21.89
CA VAL A 149 22.38 -32.21 -21.24
C VAL A 149 21.04 -32.84 -20.79
N LEU A 150 20.49 -32.32 -19.69
CA LEU A 150 19.09 -32.58 -19.33
C LEU A 150 18.19 -31.81 -20.29
N THR A 151 17.03 -32.40 -20.60
CA THR A 151 16.05 -31.79 -21.51
C THR A 151 14.69 -31.91 -20.85
N SER A 152 13.72 -31.08 -21.21
CA SER A 152 12.41 -31.15 -20.55
C SER A 152 11.56 -32.19 -21.26
N GLY A 153 11.86 -33.45 -20.97
CA GLY A 153 11.11 -34.55 -21.55
C GLY A 153 11.99 -35.28 -22.56
N GLY A 154 11.66 -36.54 -22.79
CA GLY A 154 12.39 -37.38 -23.72
C GLY A 154 12.19 -37.05 -25.17
N SER A 155 11.07 -36.39 -25.52
CA SER A 155 10.88 -36.02 -26.92
C SER A 155 11.96 -35.05 -27.37
N LEU A 156 12.33 -34.14 -26.48
CA LEU A 156 13.36 -33.15 -26.78
C LEU A 156 14.75 -33.80 -26.90
N ALA A 157 14.98 -34.81 -26.06
CA ALA A 157 16.22 -35.60 -26.13
C ALA A 157 16.33 -36.28 -27.47
N ASN A 158 15.28 -37.00 -27.88
CA ASN A 158 15.28 -37.62 -29.22
C ASN A 158 15.40 -36.57 -30.33
N LEU A 159 14.70 -35.45 -30.20
CA LEU A 159 14.83 -34.39 -31.19
C LEU A 159 16.28 -33.94 -31.38
N GLN A 160 16.97 -33.71 -30.25
CA GLN A 160 18.32 -33.20 -30.28
C GLN A 160 19.32 -34.26 -30.80
N ALA A 161 19.14 -35.51 -30.39
CA ALA A 161 19.93 -36.61 -30.99
C ALA A 161 19.79 -36.64 -32.52
N LEU A 162 18.55 -36.67 -33.00
CA LEU A 162 18.27 -36.64 -34.44
C LEU A 162 18.77 -35.37 -35.14
N ALA A 163 18.78 -34.21 -34.46
CA ALA A 163 19.30 -32.98 -35.08
C ALA A 163 20.80 -33.09 -35.25
N VAL A 164 21.46 -33.65 -34.26
CA VAL A 164 22.91 -33.86 -34.38
C VAL A 164 23.25 -34.87 -35.49
N ALA A 165 22.58 -36.03 -35.51
CA ALA A 165 22.77 -37.02 -36.62
C ALA A 165 22.58 -36.39 -37.99
N ARG A 166 21.58 -35.52 -38.12
CA ARG A 166 21.32 -34.84 -39.37
C ARG A 166 22.44 -33.85 -39.72
N ASN A 167 22.82 -33.04 -38.74
CA ASN A 167 23.86 -32.03 -38.96
C ASN A 167 25.20 -32.65 -39.34
N VAL A 168 25.54 -33.75 -38.67
CA VAL A 168 26.75 -34.51 -38.95
C VAL A 168 26.72 -35.02 -40.40
N ALA A 169 25.60 -35.63 -40.79
CA ALA A 169 25.50 -36.22 -42.14
C ALA A 169 25.41 -35.18 -43.28
N PHE A 170 24.80 -34.02 -43.02
CA PHE A 170 24.51 -33.08 -44.10
C PHE A 170 25.12 -31.69 -43.92
N ASP A 171 25.92 -31.52 -42.86
CA ASP A 171 26.57 -30.23 -42.59
C ASP A 171 25.53 -29.10 -42.62
N SER A 172 24.41 -29.28 -41.94
CA SER A 172 23.27 -28.41 -42.18
C SER A 172 23.09 -27.29 -41.15
N VAL A 173 24.00 -27.14 -40.20
CA VAL A 173 23.80 -26.10 -39.19
C VAL A 173 23.55 -24.70 -39.83
N GLU A 174 24.39 -24.26 -40.77
CA GLU A 174 24.19 -22.94 -41.40
C GLU A 174 23.32 -22.91 -42.67
N PRO A 175 23.51 -23.87 -43.60
CA PRO A 175 22.74 -23.73 -44.84
C PRO A 175 21.41 -24.47 -44.86
N GLY A 176 21.12 -25.28 -43.85
CA GLY A 176 19.85 -25.97 -43.80
C GLY A 176 19.94 -27.25 -44.62
N ILE A 177 18.80 -27.93 -44.82
CA ILE A 177 18.75 -29.13 -45.65
C ILE A 177 17.89 -28.96 -46.90
N THR A 178 17.48 -27.74 -47.27
CA THR A 178 16.59 -27.63 -48.43
C THR A 178 17.29 -27.86 -49.76
N GLY A 179 18.61 -27.90 -49.78
CA GLY A 179 19.25 -28.11 -51.06
C GLY A 179 19.34 -29.56 -51.52
N LEU A 180 18.89 -30.50 -50.69
CA LEU A 180 19.16 -31.90 -50.93
C LEU A 180 18.36 -32.53 -52.07
N ALA A 181 19.03 -33.29 -52.93
CA ALA A 181 18.36 -33.99 -54.02
C ALA A 181 17.78 -35.32 -53.56
N GLN A 182 18.40 -35.92 -52.54
CA GLN A 182 17.96 -37.19 -51.97
C GLN A 182 17.36 -37.01 -50.58
N ARG A 183 16.19 -37.61 -50.34
CA ARG A 183 15.51 -37.43 -49.05
C ARG A 183 16.29 -38.10 -47.92
N PRO A 184 16.61 -37.34 -46.87
CA PRO A 184 17.18 -38.00 -45.70
C PRO A 184 16.12 -38.83 -45.00
N VAL A 185 16.51 -40.00 -44.51
CA VAL A 185 15.56 -40.87 -43.83
C VAL A 185 16.22 -41.51 -42.64
N ILE A 186 15.40 -41.94 -41.69
CA ILE A 186 15.89 -42.69 -40.54
C ILE A 186 15.11 -44.00 -40.38
N PHE A 187 15.69 -44.93 -39.64
CA PHE A 187 15.03 -46.22 -39.40
C PHE A 187 14.74 -46.38 -37.93
N ALA A 188 13.58 -46.95 -37.65
CA ALA A 188 13.16 -47.22 -36.29
C ALA A 188 12.18 -48.40 -36.35
N SER A 189 12.07 -49.11 -35.24
CA SER A 189 11.13 -50.22 -35.12
C SER A 189 9.69 -49.74 -35.32
N GLU A 190 8.85 -50.56 -35.94
CA GLU A 190 7.43 -50.21 -36.09
C GLU A 190 6.78 -49.98 -34.72
N ALA A 191 7.47 -50.37 -33.65
CA ALA A 191 6.98 -50.14 -32.29
C ALA A 191 7.70 -48.97 -31.55
N ALA A 192 8.56 -48.22 -32.25
CA ALA A 192 9.31 -47.11 -31.64
C ALA A 192 8.44 -45.87 -31.39
N HIS A 193 8.89 -44.97 -30.51
CA HIS A 193 8.07 -43.84 -30.00
C HIS A 193 7.74 -42.78 -31.03
N THR A 194 6.52 -42.24 -30.98
CA THR A 194 6.02 -41.24 -31.95
C THR A 194 6.82 -39.93 -31.94
N SER A 195 7.71 -39.75 -30.96
CA SER A 195 8.45 -38.50 -30.90
C SER A 195 9.48 -38.52 -32.03
N LEU A 196 9.69 -39.71 -32.59
CA LEU A 196 10.52 -39.78 -33.78
C LEU A 196 9.80 -39.10 -34.94
N GLN A 197 8.57 -39.47 -35.24
CA GLN A 197 7.87 -38.77 -36.32
C GLN A 197 7.70 -37.27 -36.02
N LYS A 198 7.39 -36.90 -34.77
CA LYS A 198 7.24 -35.48 -34.47
C LYS A 198 8.59 -34.79 -34.69
N ALA A 199 9.68 -35.42 -34.26
CA ALA A 199 11.01 -34.82 -34.43
C ALA A 199 11.37 -34.70 -35.89
N ALA A 200 11.05 -35.74 -36.65
CA ALA A 200 11.34 -35.75 -38.07
C ALA A 200 10.58 -34.63 -38.75
N MET A 201 9.32 -34.41 -38.36
CA MET A 201 8.58 -33.24 -38.84
C MET A 201 9.31 -31.94 -38.49
N LEU A 202 9.69 -31.81 -37.23
CA LEU A 202 10.30 -30.56 -36.75
C LEU A 202 11.62 -30.31 -37.47
N LEU A 203 12.37 -31.37 -37.71
CA LEU A 203 13.70 -31.25 -38.31
C LEU A 203 13.71 -30.97 -39.81
N GLY A 204 12.52 -30.91 -40.42
CA GLY A 204 12.42 -30.62 -41.83
C GLY A 204 12.49 -31.87 -42.71
N LEU A 205 12.45 -33.02 -42.06
CA LEU A 205 12.50 -34.31 -42.76
C LEU A 205 11.14 -34.85 -43.09
N GLY A 206 10.09 -34.38 -42.40
CA GLY A 206 8.74 -34.87 -42.62
C GLY A 206 8.48 -36.18 -41.88
N THR A 207 7.25 -36.40 -41.41
CA THR A 207 6.95 -37.62 -40.67
C THR A 207 7.30 -38.91 -41.45
N ALA A 208 7.13 -38.88 -42.77
CA ALA A 208 7.42 -40.04 -43.61
C ALA A 208 8.91 -40.35 -43.72
N ALA A 209 9.78 -39.54 -43.14
CA ALA A 209 11.21 -39.83 -43.23
C ALA A 209 11.59 -40.91 -42.23
N VAL A 210 10.66 -41.26 -41.36
CA VAL A 210 10.89 -42.30 -40.36
C VAL A 210 10.40 -43.60 -40.93
N ILE A 211 11.32 -44.45 -41.35
CA ILE A 211 10.96 -45.69 -42.02
C ILE A 211 10.83 -46.81 -40.99
N PRO A 212 9.66 -47.46 -40.93
CA PRO A 212 9.44 -48.53 -39.95
C PRO A 212 10.10 -49.84 -40.36
N VAL A 213 10.75 -50.44 -39.37
CA VAL A 213 11.39 -51.73 -39.50
C VAL A 213 10.52 -52.73 -38.77
N ARG A 214 10.28 -53.87 -39.41
CA ARG A 214 9.47 -54.95 -38.84
C ARG A 214 9.93 -55.32 -37.44
N ALA A 215 8.99 -55.50 -36.52
CA ALA A 215 9.32 -56.03 -35.21
C ALA A 215 8.75 -57.46 -35.07
N THR A 216 9.45 -58.29 -34.32
CA THR A 216 9.05 -59.67 -34.07
C THR A 216 7.72 -59.75 -33.32
N ALA A 217 7.30 -60.97 -33.00
CA ALA A 217 6.05 -61.19 -32.26
C ALA A 217 6.19 -60.67 -30.86
N ASP A 218 7.45 -60.52 -30.44
CA ASP A 218 7.77 -60.03 -29.10
C ASP A 218 8.13 -58.56 -29.15
N SER A 219 7.76 -57.91 -30.25
CA SER A 219 7.89 -56.47 -30.41
C SER A 219 9.35 -55.97 -30.34
N ARG A 220 10.29 -56.77 -30.81
CA ARG A 220 11.70 -56.33 -30.90
C ARG A 220 12.06 -56.12 -32.37
N MET A 221 12.86 -55.09 -32.67
CA MET A 221 13.22 -54.79 -34.05
C MET A 221 13.90 -55.99 -34.68
N ASP A 222 13.60 -56.25 -35.95
CA ASP A 222 14.20 -57.37 -36.69
C ASP A 222 15.41 -56.88 -37.46
N PRO A 223 16.63 -57.29 -37.04
CA PRO A 223 17.86 -56.82 -37.69
C PRO A 223 17.89 -57.19 -39.17
N GLU A 224 17.41 -58.39 -39.53
CA GLU A 224 17.37 -58.77 -40.94
C GLU A 224 16.52 -57.78 -41.74
N ASP A 225 15.37 -57.39 -41.19
CA ASP A 225 14.55 -56.41 -41.88
C ASP A 225 15.15 -55.01 -41.87
N LEU A 226 15.90 -54.65 -40.83
CA LEU A 226 16.64 -53.39 -40.85
C LEU A 226 17.56 -53.34 -42.08
N ARG A 227 18.34 -54.38 -42.25
CA ARG A 227 19.27 -54.45 -43.34
C ARG A 227 18.52 -54.36 -44.67
N ALA A 228 17.35 -54.97 -44.75
CA ALA A 228 16.55 -54.93 -45.96
C ALA A 228 16.02 -53.53 -46.21
N ARG A 229 15.54 -52.84 -45.18
CA ARG A 229 15.01 -51.50 -45.42
C ARG A 229 16.10 -50.52 -45.85
N ILE A 230 17.34 -50.67 -45.35
CA ILE A 230 18.44 -49.78 -45.70
C ILE A 230 18.79 -49.94 -47.17
N ASP A 231 18.94 -51.18 -47.60
CA ASP A 231 19.16 -51.48 -49.01
C ASP A 231 18.04 -50.94 -49.88
N GLN A 232 16.80 -51.07 -49.41
CA GLN A 232 15.65 -50.59 -50.18
C GLN A 232 15.68 -49.07 -50.33
N ALA A 233 16.08 -48.41 -49.25
CA ALA A 233 16.13 -46.96 -49.19
C ALA A 233 17.14 -46.44 -50.18
N ARG A 234 18.31 -47.07 -50.22
CA ARG A 234 19.38 -46.64 -51.10
C ARG A 234 18.94 -46.84 -52.53
N GLY A 235 18.29 -47.96 -52.80
CA GLY A 235 17.76 -48.21 -54.13
C GLY A 235 16.79 -47.14 -54.59
N ALA A 236 16.00 -46.62 -53.66
CA ALA A 236 14.95 -45.65 -54.00
C ALA A 236 15.53 -44.25 -54.08
N GLY A 237 16.84 -44.14 -53.90
CA GLY A 237 17.52 -42.86 -53.99
C GLY A 237 17.35 -42.00 -52.75
N GLN A 238 17.12 -42.65 -51.61
CA GLN A 238 17.05 -41.95 -50.33
C GLN A 238 18.40 -41.98 -49.64
N HIS A 239 18.56 -41.15 -48.61
CA HIS A 239 19.83 -40.98 -47.94
C HIS A 239 19.64 -41.28 -46.45
N PRO A 240 19.72 -42.56 -46.08
CA PRO A 240 19.65 -42.94 -44.65
C PRO A 240 20.80 -42.29 -43.89
N PHE A 241 20.55 -41.83 -42.66
CA PHE A 241 21.63 -41.26 -41.86
C PHE A 241 21.61 -41.65 -40.36
N CYS A 242 20.58 -42.38 -39.92
CA CYS A 242 20.41 -42.71 -38.48
C CYS A 242 19.53 -43.94 -38.30
N VAL A 243 19.93 -44.81 -37.38
CA VAL A 243 19.07 -45.91 -36.95
C VAL A 243 18.72 -45.67 -35.48
N VAL A 244 17.42 -45.76 -35.13
CA VAL A 244 17.05 -45.69 -33.73
C VAL A 244 16.66 -47.07 -33.17
N ALA A 245 17.40 -47.55 -32.21
CA ALA A 245 17.03 -48.75 -31.47
C ALA A 245 16.29 -48.30 -30.21
N THR A 246 15.26 -49.02 -29.80
CA THR A 246 14.50 -48.65 -28.62
C THR A 246 14.71 -49.65 -27.49
N ALA A 247 15.15 -49.18 -26.35
CA ALA A 247 15.35 -50.01 -25.17
C ALA A 247 14.23 -49.81 -24.14
N GLY A 248 13.15 -50.53 -24.35
CA GLY A 248 11.91 -50.39 -23.64
C GLY A 248 10.86 -49.60 -24.38
N THR A 249 10.17 -50.26 -25.30
CA THR A 249 9.19 -49.62 -26.15
C THR A 249 8.04 -49.14 -25.28
N THR A 250 7.35 -48.07 -25.68
CA THR A 250 6.36 -47.47 -24.79
C THR A 250 5.16 -48.41 -24.53
N THR A 251 4.68 -49.10 -25.56
CA THR A 251 3.47 -49.93 -25.37
C THR A 251 3.73 -51.26 -24.62
N THR A 252 4.67 -52.05 -25.14
CA THR A 252 4.94 -53.38 -24.58
C THR A 252 6.17 -53.48 -23.69
N GLY A 253 7.00 -52.45 -23.68
CA GLY A 253 8.17 -52.45 -22.81
C GLY A 253 9.31 -53.35 -23.27
N ASN A 254 9.38 -53.63 -24.58
CA ASN A 254 10.40 -54.57 -25.03
C ASN A 254 11.66 -53.84 -25.45
N ILE A 255 12.75 -54.61 -25.51
CA ILE A 255 14.08 -54.03 -25.80
C ILE A 255 14.61 -54.58 -27.09
N ASP A 256 14.96 -53.70 -28.04
CA ASP A 256 15.56 -54.09 -29.31
C ASP A 256 16.92 -54.77 -29.10
N PRO A 257 17.37 -55.59 -30.08
CA PRO A 257 18.69 -56.23 -29.94
C PRO A 257 19.79 -55.23 -30.28
N LEU A 258 20.16 -54.45 -29.27
CA LEU A 258 20.99 -53.27 -29.48
C LEU A 258 22.34 -53.57 -30.14
N ALA A 259 22.98 -54.68 -29.79
CA ALA A 259 24.28 -54.97 -30.35
C ALA A 259 24.15 -55.22 -31.84
N GLU A 260 23.17 -56.03 -32.23
CA GLU A 260 22.97 -56.37 -33.64
C GLU A 260 22.54 -55.14 -34.46
N ILE A 261 21.58 -54.39 -33.96
CA ILE A 261 21.14 -53.17 -34.64
C ILE A 261 22.26 -52.15 -34.77
N GLY A 262 23.01 -51.96 -33.69
CA GLY A 262 24.16 -51.06 -33.71
C GLY A 262 25.25 -51.48 -34.68
N ALA A 263 25.45 -52.79 -34.83
CA ALA A 263 26.47 -53.30 -35.77
C ALA A 263 26.06 -52.98 -37.20
N ILE A 264 24.77 -53.10 -37.48
CA ILE A 264 24.26 -52.80 -38.82
C ILE A 264 24.38 -51.30 -39.13
N ALA A 265 24.05 -50.47 -38.14
CA ALA A 265 24.15 -49.02 -38.31
C ALA A 265 25.59 -48.65 -38.62
N ARG A 266 26.51 -49.14 -37.81
CA ARG A 266 27.94 -48.86 -38.00
C ARG A 266 28.46 -49.34 -39.36
N GLU A 267 28.02 -50.53 -39.77
CA GLU A 267 28.37 -51.06 -41.09
C GLU A 267 28.03 -50.08 -42.22
N HIS A 268 26.90 -49.39 -42.08
CA HIS A 268 26.39 -48.51 -43.14
C HIS A 268 26.63 -47.03 -42.90
N GLY A 269 27.49 -46.71 -41.93
CA GLY A 269 27.86 -45.33 -41.68
C GLY A 269 26.72 -44.51 -41.10
N LEU A 270 25.80 -45.14 -40.36
CA LEU A 270 24.60 -44.46 -39.88
C LEU A 270 24.71 -44.13 -38.41
N TRP A 271 24.22 -42.96 -38.01
CA TRP A 271 24.23 -42.58 -36.60
C TRP A 271 23.38 -43.59 -35.84
N PHE A 272 23.87 -44.05 -34.70
CA PHE A 272 23.18 -45.02 -33.91
C PHE A 272 22.71 -44.38 -32.64
N HIS A 273 21.40 -44.15 -32.57
CA HIS A 273 20.78 -43.55 -31.39
C HIS A 273 20.02 -44.64 -30.65
N VAL A 274 20.18 -44.73 -29.33
CA VAL A 274 19.32 -45.64 -28.55
C VAL A 274 18.32 -44.85 -27.69
N ASP A 275 17.04 -44.99 -28.01
CA ASP A 275 15.97 -44.41 -27.21
C ASP A 275 15.76 -45.33 -26.03
N ALA A 276 16.46 -45.03 -24.95
CA ALA A 276 16.36 -45.81 -23.73
C ALA A 276 15.58 -45.05 -22.67
N ALA A 277 14.63 -44.22 -23.11
CA ALA A 277 13.85 -43.39 -22.21
C ALA A 277 13.41 -44.18 -20.97
N TYR A 278 12.85 -45.36 -21.19
CA TYR A 278 12.35 -46.16 -20.08
C TYR A 278 13.39 -47.16 -19.61
N GLY A 279 13.89 -47.98 -20.54
CA GLY A 279 14.68 -49.13 -20.16
C GLY A 279 16.10 -48.77 -19.74
N GLY A 280 16.52 -47.53 -19.98
CA GLY A 280 17.83 -47.09 -19.55
C GLY A 280 18.06 -47.26 -18.07
N ALA A 281 16.98 -47.32 -17.27
CA ALA A 281 17.15 -47.41 -15.81
C ALA A 281 17.79 -48.74 -15.39
N LEU A 282 17.82 -49.71 -16.30
CA LEU A 282 18.42 -51.02 -15.96
C LEU A 282 19.92 -50.90 -15.73
N VAL A 283 20.55 -49.78 -16.09
CA VAL A 283 21.97 -49.65 -15.76
C VAL A 283 22.21 -49.76 -14.27
N PHE A 284 21.18 -49.52 -13.47
CA PHE A 284 21.34 -49.63 -12.02
C PHE A 284 21.09 -51.05 -11.47
N SER A 285 20.65 -51.96 -12.34
CA SER A 285 20.43 -53.36 -11.96
C SER A 285 21.43 -54.33 -12.59
N GLU A 286 22.37 -54.83 -11.80
CA GLU A 286 23.31 -55.85 -12.27
C GLU A 286 22.59 -57.13 -12.74
N ARG A 287 21.47 -57.44 -12.09
CA ARG A 287 20.70 -58.61 -12.48
C ARG A 287 20.07 -58.48 -13.88
N HIS A 288 19.77 -57.25 -14.30
CA HIS A 288 19.06 -57.04 -15.57
C HIS A 288 19.80 -56.23 -16.65
N ARG A 289 20.94 -55.62 -16.35
CA ARG A 289 21.51 -54.70 -17.34
C ARG A 289 22.15 -55.38 -18.56
N TRP A 290 22.34 -56.70 -18.51
CA TRP A 290 22.83 -57.44 -19.68
C TRP A 290 21.88 -57.28 -20.87
N ARG A 291 20.61 -57.02 -20.56
CA ARG A 291 19.60 -56.76 -21.56
C ARG A 291 19.92 -55.52 -22.44
N LEU A 292 20.72 -54.60 -21.92
CA LEU A 292 21.17 -53.43 -22.68
C LEU A 292 22.50 -53.65 -23.42
N ALA A 293 22.98 -54.89 -23.51
CA ALA A 293 24.29 -55.14 -24.14
C ALA A 293 24.30 -54.57 -25.56
N GLY A 294 25.35 -53.81 -25.90
CA GLY A 294 25.35 -53.09 -27.17
C GLY A 294 25.14 -51.58 -27.05
N ILE A 295 24.50 -51.16 -25.95
CA ILE A 295 24.19 -49.72 -25.77
C ILE A 295 25.46 -48.89 -25.60
N GLU A 296 26.53 -49.54 -25.12
CA GLU A 296 27.77 -48.81 -24.83
C GLU A 296 28.43 -48.22 -26.09
N GLN A 297 28.02 -48.72 -27.26
CA GLN A 297 28.61 -48.24 -28.50
C GLN A 297 27.72 -47.24 -29.22
N ALA A 298 26.63 -46.85 -28.56
CA ALA A 298 25.71 -45.88 -29.15
C ALA A 298 26.41 -44.55 -29.45
N ASP A 299 25.98 -43.85 -30.50
CA ASP A 299 26.43 -42.46 -30.72
C ASP A 299 25.69 -41.56 -29.78
N SER A 300 24.43 -41.87 -29.53
CA SER A 300 23.69 -41.14 -28.51
C SER A 300 22.68 -42.00 -27.76
N ILE A 301 22.29 -41.54 -26.58
CA ILE A 301 21.31 -42.24 -25.76
C ILE A 301 20.31 -41.24 -25.23
N THR A 302 19.03 -41.56 -25.34
CA THR A 302 17.97 -40.82 -24.64
C THR A 302 17.65 -41.62 -23.38
N PHE A 303 17.57 -40.98 -22.22
CA PHE A 303 17.22 -41.69 -20.96
C PHE A 303 16.33 -40.78 -20.08
N ASN A 304 15.23 -41.32 -19.54
CA ASN A 304 14.24 -40.53 -18.79
C ASN A 304 14.12 -40.96 -17.32
N PRO A 305 14.89 -40.33 -16.41
CA PRO A 305 14.70 -40.63 -14.98
C PRO A 305 13.28 -40.40 -14.44
N GLN A 306 12.49 -39.57 -15.12
CA GLN A 306 11.11 -39.31 -14.70
C GLN A 306 10.19 -40.56 -14.83
N1 LLP A 307 10.56 -42.90 -26.15
C2 LLP A 307 10.14 -43.91 -25.39
C2' LLP A 307 10.58 -45.33 -25.70
C3 LLP A 307 9.31 -43.62 -24.30
O3 LLP A 307 8.86 -44.68 -23.47
C4 LLP A 307 8.93 -42.29 -24.04
C4' LLP A 307 8.02 -42.02 -22.83
C5 LLP A 307 9.41 -41.27 -24.90
C6 LLP A 307 10.24 -41.62 -25.95
C5' LLP A 307 9.08 -39.79 -24.76
OP4 LLP A 307 9.60 -39.05 -23.71
P LLP A 307 8.68 -37.90 -23.21
OP1 LLP A 307 9.32 -37.29 -21.98
OP2 LLP A 307 8.40 -36.90 -24.29
OP3 LLP A 307 7.36 -38.51 -22.78
N LLP A 307 10.65 -41.62 -15.52
CA LLP A 307 9.87 -42.86 -15.64
CB LLP A 307 9.99 -43.45 -16.99
CG LLP A 307 9.25 -42.57 -18.05
CD LLP A 307 9.39 -42.97 -19.49
CE LLP A 307 8.30 -42.53 -20.48
NZ LLP A 307 8.75 -41.76 -21.58
C LLP A 307 10.31 -43.83 -14.59
O LLP A 307 9.76 -43.83 -13.49
N TRP A 308 11.32 -44.64 -14.86
CA TRP A 308 11.70 -45.69 -13.92
C TRP A 308 12.65 -45.25 -12.82
N LEU A 309 13.04 -43.98 -12.76
CA LEU A 309 13.78 -43.54 -11.56
C LEU A 309 12.97 -42.64 -10.63
N TYR A 310 11.67 -42.53 -10.90
CA TYR A 310 10.73 -41.95 -9.96
C TYR A 310 10.99 -40.48 -9.71
N VAL A 311 11.67 -39.82 -10.64
CA VAL A 311 11.90 -38.39 -10.49
C VAL A 311 10.66 -37.67 -11.01
N ALA A 312 10.15 -36.75 -10.22
CA ALA A 312 9.01 -35.94 -10.63
C ALA A 312 9.25 -35.30 -12.02
N LYS A 313 8.27 -35.40 -12.90
CA LYS A 313 8.40 -34.86 -14.26
C LYS A 313 8.73 -33.36 -14.21
N THR A 314 9.53 -32.88 -15.13
CA THR A 314 10.16 -33.64 -16.18
C THR A 314 11.59 -33.86 -15.80
N CYS A 315 12.10 -35.01 -16.18
CA CYS A 315 13.52 -35.27 -16.02
C CYS A 315 13.98 -36.27 -17.08
N ALA A 316 14.72 -35.75 -18.05
CA ALA A 316 15.21 -36.55 -19.16
C ALA A 316 16.52 -35.97 -19.64
N MET A 317 17.30 -36.77 -20.37
CA MET A 317 18.59 -36.33 -20.88
C MET A 317 18.86 -36.96 -22.22
N VAL A 318 19.73 -36.32 -22.98
CA VAL A 318 20.31 -36.91 -24.18
C VAL A 318 21.84 -36.97 -23.90
N LEU A 319 22.42 -38.15 -24.07
CA LEU A 319 23.88 -38.36 -23.86
C LEU A 319 24.57 -38.63 -25.17
N PHE A 320 25.78 -38.11 -25.35
CA PHE A 320 26.54 -38.32 -26.59
C PHE A 320 27.85 -39.00 -26.25
N ARG A 321 28.27 -40.01 -27.01
CA ARG A 321 29.52 -40.66 -26.67
C ARG A 321 30.69 -39.68 -26.84
N ASP A 322 30.49 -38.66 -27.66
CA ASP A 322 31.50 -37.62 -27.82
C ASP A 322 30.80 -36.29 -27.68
N ALA A 323 30.87 -35.72 -26.48
CA ALA A 323 30.05 -34.55 -26.18
C ALA A 323 30.46 -33.36 -27.04
N GLY A 324 31.74 -33.29 -27.39
CA GLY A 324 32.23 -32.28 -28.30
C GLY A 324 31.47 -32.16 -29.63
N VAL A 325 30.75 -33.21 -30.00
CA VAL A 325 29.94 -33.15 -31.21
C VAL A 325 28.90 -32.02 -31.10
N LEU A 326 28.50 -31.66 -29.87
CA LEU A 326 27.51 -30.59 -29.69
C LEU A 326 28.12 -29.24 -30.11
N GLU A 327 29.44 -29.16 -30.06
CA GLU A 327 30.06 -27.91 -30.47
C GLU A 327 30.30 -27.88 -31.97
N ARG A 328 30.50 -29.05 -32.57
CA ARG A 328 30.79 -29.15 -34.01
C ARG A 328 29.57 -29.23 -34.92
N ALA A 329 28.48 -29.81 -34.44
CA ALA A 329 27.31 -30.06 -35.28
C ALA A 329 26.00 -29.78 -34.55
N PHE A 330 25.96 -28.72 -33.76
CA PHE A 330 24.71 -28.32 -33.13
C PHE A 330 24.74 -26.86 -32.78
N ARG A 331 25.71 -26.48 -31.96
CA ARG A 331 25.86 -25.12 -31.47
C ARG A 331 25.87 -24.11 -32.61
N ILE A 332 25.13 -23.00 -32.49
CA ILE A 332 25.10 -22.02 -33.58
C ILE A 332 26.34 -21.12 -33.48
N PRO A 333 26.80 -20.60 -34.63
CA PRO A 333 28.02 -19.78 -34.62
C PRO A 333 27.87 -18.64 -33.65
N ALA A 334 28.83 -18.51 -32.76
CA ALA A 334 28.81 -17.50 -31.72
C ALA A 334 30.12 -17.57 -31.00
N PRO A 335 30.54 -16.47 -30.37
CA PRO A 335 31.81 -16.50 -29.64
C PRO A 335 31.76 -17.54 -28.54
N GLN A 336 32.82 -18.33 -28.37
CA GLN A 336 32.83 -19.39 -27.36
C GLN A 336 33.54 -18.97 -26.06
N MET A 337 32.76 -18.83 -24.99
CA MET A 337 33.31 -18.43 -23.69
C MET A 337 33.20 -19.52 -22.64
N ARG A 338 34.28 -20.24 -22.50
CA ARG A 338 34.45 -21.29 -21.51
C ARG A 338 35.00 -20.73 -20.21
N ALA A 339 34.51 -21.23 -19.08
CA ALA A 339 34.99 -20.77 -17.78
C ALA A 339 36.36 -21.37 -17.50
N THR A 340 37.05 -20.86 -16.50
CA THR A 340 38.42 -21.25 -16.25
C THR A 340 38.47 -22.69 -15.79
N ASP A 341 37.37 -23.20 -15.23
CA ASP A 341 37.35 -24.61 -14.82
C ASP A 341 36.76 -25.54 -15.90
N GLY A 342 36.68 -25.06 -17.14
CA GLY A 342 36.35 -25.92 -18.26
C GLY A 342 34.89 -25.93 -18.73
N PHE A 343 33.97 -25.44 -17.91
CA PHE A 343 32.53 -25.54 -18.21
C PHE A 343 32.02 -24.54 -19.27
N ILE A 344 30.95 -24.94 -19.97
CA ILE A 344 30.37 -24.14 -21.04
C ILE A 344 28.90 -23.78 -20.71
N ASN A 345 28.38 -22.68 -21.24
CA ASN A 345 26.97 -22.39 -21.12
C ASN A 345 26.12 -23.50 -21.75
N LEU A 346 25.24 -24.12 -20.96
CA LEU A 346 24.47 -25.28 -21.47
C LEU A 346 23.40 -24.92 -22.52
N GLY A 347 22.85 -23.71 -22.48
CA GLY A 347 21.93 -23.22 -23.48
C GLY A 347 22.43 -23.33 -24.92
N GLU A 348 23.73 -23.20 -25.12
CA GLU A 348 24.27 -23.23 -26.49
C GLU A 348 24.19 -24.62 -27.10
N ILE A 349 24.14 -25.62 -26.23
CA ILE A 349 24.26 -27.01 -26.68
C ILE A 349 23.00 -27.84 -26.31
N GLY A 350 21.86 -27.16 -26.17
CA GLY A 350 20.57 -27.82 -26.01
C GLY A 350 19.54 -27.19 -26.91
N VAL A 351 18.44 -27.90 -27.15
CA VAL A 351 17.33 -27.36 -27.91
C VAL A 351 16.74 -26.16 -27.15
N GLN A 352 16.56 -26.35 -25.85
CA GLN A 352 16.09 -25.26 -25.01
C GLN A 352 17.19 -24.25 -24.76
N GLY A 353 16.82 -22.99 -24.50
CA GLY A 353 17.71 -22.00 -23.94
C GLY A 353 17.47 -21.95 -22.43
N THR A 354 16.59 -21.09 -21.97
CA THR A 354 16.16 -21.12 -20.57
C THR A 354 15.60 -22.49 -20.25
N ARG A 355 15.94 -22.97 -19.06
CA ARG A 355 15.52 -24.29 -18.62
C ARG A 355 15.48 -24.37 -17.10
N HIS A 356 14.45 -25.05 -16.60
CA HIS A 356 14.24 -25.30 -15.18
C HIS A 356 15.38 -26.14 -14.66
N ALA A 357 15.83 -25.95 -13.41
CA ALA A 357 16.95 -26.75 -12.91
C ALA A 357 16.48 -28.14 -12.46
N ASP A 358 16.34 -29.07 -13.40
CA ASP A 358 15.91 -30.43 -13.06
C ASP A 358 17.00 -31.21 -12.35
N VAL A 359 18.24 -30.68 -12.37
CA VAL A 359 19.33 -31.42 -11.75
C VAL A 359 19.15 -31.49 -10.23
N VAL A 360 18.43 -30.54 -9.63
CA VAL A 360 18.24 -30.57 -8.17
C VAL A 360 17.46 -31.81 -7.74
N LYS A 361 16.27 -32.02 -8.30
CA LYS A 361 15.49 -33.20 -7.95
C LYS A 361 16.20 -34.48 -8.37
N LEU A 362 16.88 -34.45 -9.50
CA LEU A 362 17.54 -35.66 -9.98
C LEU A 362 18.66 -36.04 -9.04
N TRP A 363 19.51 -35.08 -8.70
CA TRP A 363 20.65 -35.38 -7.83
C TRP A 363 20.17 -35.80 -6.44
N LEU A 364 19.16 -35.10 -5.93
CA LEU A 364 18.66 -35.43 -4.59
C LEU A 364 17.99 -36.80 -4.56
N THR A 365 17.23 -37.14 -5.60
CA THR A 365 16.57 -38.45 -5.63
C THR A 365 17.58 -39.58 -5.78
N LEU A 366 18.53 -39.41 -6.71
CA LEU A 366 19.55 -40.44 -6.92
C LEU A 366 20.29 -40.78 -5.61
N GLN A 367 20.59 -39.77 -4.80
CA GLN A 367 21.33 -40.02 -3.55
C GLN A 367 20.44 -40.64 -2.48
N HIS A 368 19.18 -40.22 -2.42
CA HIS A 368 18.29 -40.74 -1.38
C HIS A 368 17.97 -42.20 -1.64
N ILE A 369 17.84 -42.59 -2.90
CA ILE A 369 17.42 -43.95 -3.20
C ILE A 369 18.65 -44.83 -3.36
N GLY A 370 19.67 -44.33 -4.07
CA GLY A 370 20.89 -45.09 -4.28
C GLY A 370 20.81 -46.15 -5.38
N GLN A 371 21.96 -46.61 -5.86
CA GLN A 371 21.94 -47.66 -6.89
C GLN A 371 21.26 -48.94 -6.37
N GLN A 372 21.55 -49.36 -5.14
CA GLN A 372 20.90 -50.57 -4.61
C GLN A 372 19.41 -50.40 -4.43
N GLY A 373 18.97 -49.21 -4.05
CA GLY A 373 17.55 -48.93 -3.91
C GLY A 373 16.86 -49.12 -5.25
N TYR A 374 17.48 -48.60 -6.31
CA TYR A 374 16.86 -48.74 -7.62
C TYR A 374 16.91 -50.19 -8.10
N ALA A 375 17.98 -50.90 -7.79
CA ALA A 375 18.08 -52.32 -8.17
C ALA A 375 16.91 -53.10 -7.55
N ARG A 376 16.61 -52.82 -6.28
CA ARG A 376 15.49 -53.50 -5.59
C ARG A 376 14.12 -53.14 -6.17
N LEU A 377 13.88 -51.85 -6.39
CA LEU A 377 12.68 -51.40 -7.06
C LEU A 377 12.50 -52.05 -8.41
N ILE A 378 13.60 -52.09 -9.16
CA ILE A 378 13.55 -52.71 -10.48
C ILE A 378 13.16 -54.20 -10.37
N ASP A 379 13.77 -54.94 -9.46
CA ASP A 379 13.40 -56.33 -9.15
C ASP A 379 11.94 -56.52 -8.79
N ASP A 380 11.43 -55.69 -7.88
CA ASP A 380 10.04 -55.78 -7.50
C ASP A 380 9.12 -55.52 -8.69
N GLY A 381 9.51 -54.56 -9.53
CA GLY A 381 8.80 -54.32 -10.78
C GLY A 381 8.68 -55.56 -11.65
N TYR A 382 9.80 -56.22 -11.90
CA TYR A 382 9.80 -57.48 -12.64
C TYR A 382 8.97 -58.59 -11.99
N ARG A 383 9.02 -58.67 -10.66
CA ARG A 383 8.23 -59.66 -9.93
C ARG A 383 6.74 -59.45 -10.13
N LEU A 384 6.28 -58.22 -9.95
CA LEU A 384 4.86 -57.91 -10.18
C LEU A 384 4.45 -58.25 -11.59
N ALA A 385 5.29 -57.88 -12.56
CA ALA A 385 4.99 -58.16 -13.96
C ALA A 385 4.92 -59.65 -14.21
N GLU A 386 5.76 -60.44 -13.56
CA GLU A 386 5.75 -61.88 -13.83
C GLU A 386 4.46 -62.53 -13.31
N ARG A 387 3.90 -61.94 -12.25
CA ARG A 387 2.62 -62.40 -11.69
C ARG A 387 1.48 -62.09 -12.66
N VAL A 388 1.58 -60.95 -13.35
CA VAL A 388 0.58 -60.60 -14.35
C VAL A 388 0.73 -61.57 -15.53
N VAL A 389 1.98 -61.87 -15.90
CA VAL A 389 2.19 -62.75 -17.04
C VAL A 389 1.56 -64.10 -16.76
N GLU A 390 1.74 -64.57 -15.53
CA GLU A 390 1.27 -65.89 -15.11
C GLU A 390 -0.26 -65.91 -15.01
N GLY A 391 -0.82 -64.82 -14.51
CA GLY A 391 -2.27 -64.67 -14.48
C GLY A 391 -2.87 -64.76 -15.88
N VAL A 392 -2.23 -64.11 -16.86
CA VAL A 392 -2.67 -64.20 -18.25
C VAL A 392 -2.50 -65.61 -18.86
N ARG A 393 -1.42 -66.29 -18.51
CA ARG A 393 -1.16 -67.62 -19.05
C ARG A 393 -2.22 -68.61 -18.58
N GLN A 394 -2.69 -68.39 -17.36
CA GLN A 394 -3.64 -69.26 -16.71
C GLN A 394 -5.05 -69.09 -17.29
N ARG A 395 -5.27 -68.02 -18.04
CA ARG A 395 -6.58 -67.70 -18.57
C ARG A 395 -6.66 -67.71 -20.10
N PRO A 396 -7.22 -68.79 -20.67
CA PRO A 396 -7.25 -69.02 -22.13
C PRO A 396 -8.04 -67.99 -22.92
N PHE A 397 -8.88 -67.19 -22.28
CA PHE A 397 -9.55 -66.12 -23.03
C PHE A 397 -8.70 -64.83 -23.09
N LEU A 398 -7.60 -64.81 -22.36
CA LEU A 398 -6.62 -63.70 -22.43
C LEU A 398 -5.41 -64.08 -23.29
N ARG A 399 -4.75 -63.08 -23.87
CA ARG A 399 -3.55 -63.36 -24.65
C ARG A 399 -2.48 -62.30 -24.37
N LEU A 400 -1.25 -62.73 -24.11
CA LEU A 400 -0.11 -61.78 -24.04
C LEU A 400 0.25 -61.16 -25.40
N ALA A 401 0.68 -59.88 -25.39
CA ALA A 401 1.26 -59.29 -26.60
C ALA A 401 2.49 -60.05 -27.03
N GLY A 402 3.27 -60.51 -26.06
CA GLY A 402 4.48 -61.30 -26.35
C GLY A 402 5.31 -61.40 -25.11
N GLU A 403 6.54 -61.92 -25.20
CA GLU A 403 7.43 -61.98 -24.04
C GLU A 403 7.67 -60.58 -23.48
N ILE A 404 7.98 -60.47 -22.19
CA ILE A 404 8.29 -59.16 -21.64
C ILE A 404 9.78 -58.97 -21.43
N ASP A 405 10.25 -57.72 -21.47
CA ASP A 405 11.66 -57.39 -21.25
C ASP A 405 11.86 -56.46 -20.06
N THR A 406 10.79 -55.74 -19.69
CA THR A 406 10.76 -54.83 -18.53
C THR A 406 9.49 -55.08 -17.68
N ASN A 407 9.21 -54.20 -16.73
CA ASN A 407 8.09 -54.41 -15.80
C ASN A 407 6.80 -53.92 -16.41
N ILE A 408 6.58 -54.32 -17.65
CA ILE A 408 5.45 -53.87 -18.46
C ILE A 408 4.81 -55.11 -19.10
N VAL A 409 3.48 -55.24 -18.97
CA VAL A 409 2.77 -56.36 -19.58
C VAL A 409 1.58 -55.83 -20.40
N CYS A 410 1.64 -56.05 -21.70
CA CYS A 410 0.54 -55.73 -22.56
C CYS A 410 -0.21 -57.05 -22.84
N PHE A 411 -1.52 -57.05 -22.61
CA PHE A 411 -2.36 -58.23 -22.91
C PHE A 411 -3.76 -57.78 -23.28
N ARG A 412 -4.58 -58.72 -23.74
CA ARG A 412 -5.98 -58.39 -24.02
C ARG A 412 -6.87 -59.63 -24.01
N GLY A 413 -8.18 -59.40 -23.91
CA GLY A 413 -9.15 -60.46 -24.10
C GLY A 413 -9.26 -60.79 -25.57
N GLU A 414 -9.27 -62.08 -25.90
CA GLU A 414 -9.64 -62.56 -27.23
C GLU A 414 -10.63 -63.70 -27.06
N PRO A 415 -11.81 -63.40 -26.52
CA PRO A 415 -12.76 -64.43 -26.07
C PRO A 415 -13.51 -65.09 -27.24
N ASP A 416 -13.64 -66.42 -27.23
CA ASP A 416 -14.25 -67.14 -28.37
C ASP A 416 -15.78 -67.02 -28.40
N TRP A 417 -16.36 -66.36 -27.40
CA TRP A 417 -17.79 -66.17 -27.38
C TRP A 417 -18.15 -64.89 -28.10
N LEU A 418 -17.14 -64.23 -28.65
CA LEU A 418 -17.37 -63.04 -29.46
C LEU A 418 -16.60 -63.16 -30.77
N PRO A 419 -17.15 -62.59 -31.85
CA PRO A 419 -16.29 -62.46 -33.04
C PRO A 419 -15.18 -61.42 -32.81
N ALA A 420 -14.07 -61.53 -33.53
CA ALA A 420 -12.93 -60.64 -33.37
C ALA A 420 -13.34 -59.17 -33.33
N GLU A 421 -14.24 -58.79 -34.23
CA GLU A 421 -14.65 -57.39 -34.37
C GLU A 421 -15.29 -56.82 -33.12
N ARG A 422 -15.55 -57.67 -32.11
CA ARG A 422 -16.12 -57.21 -30.86
C ARG A 422 -15.11 -57.17 -29.70
N TRP A 423 -13.91 -57.69 -29.93
CA TRP A 423 -12.90 -57.69 -28.89
C TRP A 423 -12.52 -56.27 -28.41
N ASP A 424 -12.43 -55.30 -29.30
CA ASP A 424 -12.13 -53.93 -28.85
C ASP A 424 -13.16 -53.45 -27.82
N ASP A 425 -14.47 -53.66 -28.04
CA ASP A 425 -15.46 -53.28 -27.00
C ASP A 425 -15.36 -54.07 -25.70
N TRP A 426 -15.02 -55.34 -25.79
CA TRP A 426 -14.86 -56.16 -24.62
C TRP A 426 -13.71 -55.61 -23.75
N ASN A 427 -12.60 -55.24 -24.37
CA ASN A 427 -11.44 -54.79 -23.60
C ASN A 427 -11.64 -53.40 -23.03
N ALA A 428 -12.23 -52.49 -23.81
CA ALA A 428 -12.62 -51.18 -23.29
C ALA A 428 -13.56 -51.33 -22.09
N ALA A 429 -14.51 -52.25 -22.22
CA ALA A 429 -15.47 -52.49 -21.15
C ALA A 429 -14.78 -53.07 -19.92
N LEU A 430 -13.86 -54.01 -20.12
CA LEU A 430 -13.10 -54.56 -18.98
C LEU A 430 -12.28 -53.46 -18.29
N GLN A 431 -11.60 -52.65 -19.09
CA GLN A 431 -10.83 -51.53 -18.52
C GLN A 431 -11.70 -50.61 -17.67
N ALA A 432 -12.91 -50.29 -18.17
CA ALA A 432 -13.85 -49.42 -17.46
C ALA A 432 -14.30 -50.06 -16.16
N LEU A 433 -14.64 -51.34 -16.23
CA LEU A 433 -15.05 -52.10 -15.05
C LEU A 433 -13.95 -52.19 -13.98
N LEU A 434 -12.72 -52.51 -14.40
CA LEU A 434 -11.60 -52.54 -13.45
C LEU A 434 -11.42 -51.21 -12.74
N LEU A 435 -11.63 -50.13 -13.46
CA LEU A 435 -11.42 -48.81 -12.89
C LEU A 435 -12.58 -48.45 -11.96
N ARG A 436 -13.81 -48.71 -12.41
CA ARG A 436 -15.00 -48.32 -11.64
C ARG A 436 -15.17 -49.14 -10.37
N GLU A 437 -15.17 -50.45 -10.50
CA GLU A 437 -15.45 -51.34 -9.37
C GLU A 437 -14.17 -51.82 -8.69
N GLY A 438 -13.11 -52.00 -9.47
CA GLY A 438 -11.88 -52.49 -8.89
C GLY A 438 -10.99 -51.38 -8.37
N LYS A 439 -11.24 -50.15 -8.81
CA LYS A 439 -10.36 -49.01 -8.52
C LYS A 439 -8.93 -49.34 -8.96
N ILE A 440 -8.85 -49.95 -10.15
CA ILE A 440 -7.58 -50.37 -10.74
C ILE A 440 -7.49 -49.78 -12.11
N PHE A 441 -6.41 -49.02 -12.36
CA PHE A 441 -6.27 -48.33 -13.65
C PHE A 441 -5.27 -49.06 -14.55
N LEU A 442 -5.75 -49.56 -15.69
CA LEU A 442 -4.90 -50.06 -16.76
C LEU A 442 -5.04 -49.09 -17.91
N SER A 443 -4.01 -48.92 -18.74
CA SER A 443 -4.22 -48.12 -19.93
C SER A 443 -4.72 -49.03 -21.05
N LEU A 444 -5.28 -48.42 -22.08
CA LEU A 444 -5.84 -49.18 -23.21
C LEU A 444 -5.35 -48.65 -24.54
N PRO A 445 -4.05 -48.83 -24.81
CA PRO A 445 -3.50 -48.39 -26.10
C PRO A 445 -4.03 -49.13 -27.34
N VAL A 446 -4.02 -48.47 -28.49
CA VAL A 446 -4.09 -49.13 -29.78
C VAL A 446 -2.73 -49.78 -30.10
N TYR A 447 -2.76 -51.07 -30.45
CA TYR A 447 -1.56 -51.82 -30.77
C TYR A 447 -1.95 -52.92 -31.73
N ARG A 448 -1.13 -53.08 -32.77
CA ARG A 448 -1.42 -54.04 -33.82
C ARG A 448 -2.86 -53.97 -34.34
N GLY A 449 -3.42 -52.78 -34.47
CA GLY A 449 -4.76 -52.62 -35.05
C GLY A 449 -5.92 -52.87 -34.08
N GLY A 450 -5.61 -53.16 -32.83
CA GLY A 450 -6.61 -53.45 -31.81
C GLY A 450 -6.36 -52.75 -30.48
N ARG A 451 -7.33 -52.86 -29.59
CA ARG A 451 -7.23 -52.31 -28.25
C ARG A 451 -6.67 -53.33 -27.29
N TRP A 452 -5.53 -53.01 -26.68
CA TRP A 452 -4.90 -53.91 -25.72
C TRP A 452 -4.83 -53.26 -24.35
N LEU A 453 -4.97 -54.08 -23.30
CA LEU A 453 -4.78 -53.62 -21.95
C LEU A 453 -3.29 -53.49 -21.68
N ARG A 454 -2.91 -52.54 -20.84
CA ARG A 454 -1.49 -52.33 -20.62
C ARG A 454 -1.21 -52.08 -19.16
N ALA A 455 -0.38 -52.95 -18.57
CA ALA A 455 0.04 -52.81 -17.18
C ALA A 455 1.50 -52.34 -17.09
N VAL A 456 1.72 -51.26 -16.34
CA VAL A 456 3.06 -50.77 -16.04
C VAL A 456 3.23 -50.78 -14.52
N LEU A 457 3.99 -51.75 -14.04
CA LEU A 457 4.05 -52.04 -12.63
C LEU A 457 5.15 -51.26 -11.89
N LEU A 458 4.85 -50.00 -11.55
CA LEU A 458 5.83 -49.03 -11.09
C LEU A 458 5.59 -48.60 -9.66
N ASN A 459 4.32 -48.47 -9.27
CA ASN A 459 4.02 -47.96 -7.93
C ASN A 459 4.70 -48.87 -6.92
N PRO A 460 5.59 -48.31 -6.08
CA PRO A 460 6.25 -49.06 -5.01
C PRO A 460 5.26 -49.73 -4.06
N TYR A 461 4.04 -49.21 -3.98
CA TYR A 461 3.04 -49.72 -3.04
C TYR A 461 1.98 -50.58 -3.73
N THR A 462 2.19 -50.90 -5.01
CA THR A 462 1.38 -51.94 -5.63
C THR A 462 1.81 -53.31 -5.12
N THR A 463 0.85 -54.17 -4.80
CA THR A 463 1.16 -55.46 -4.19
C THR A 463 0.63 -56.66 -4.96
N ASP A 464 1.00 -57.85 -4.49
CA ASP A 464 0.47 -59.08 -5.06
C ASP A 464 -1.04 -59.09 -4.99
N ALA A 465 -1.57 -58.55 -3.90
CA ALA A 465 -3.02 -58.50 -3.68
C ALA A 465 -3.74 -57.63 -4.72
N VAL A 466 -3.11 -56.50 -5.09
CA VAL A 466 -3.70 -55.67 -6.14
C VAL A 466 -3.78 -56.46 -7.45
N ILE A 467 -2.72 -57.17 -7.79
CA ILE A 467 -2.75 -57.95 -9.02
C ILE A 467 -3.81 -59.06 -8.93
N ASP A 468 -3.93 -59.68 -7.76
CA ASP A 468 -4.95 -60.73 -7.58
C ASP A 468 -6.37 -60.16 -7.63
N ALA A 469 -6.55 -58.95 -7.09
CA ALA A 469 -7.85 -58.29 -7.18
C ALA A 469 -8.22 -58.05 -8.64
N MET A 470 -7.23 -57.64 -9.44
CA MET A 470 -7.44 -57.42 -10.87
C MET A 470 -7.97 -58.68 -11.56
N PHE A 471 -7.28 -59.82 -11.36
CA PHE A 471 -7.68 -61.03 -12.06
C PHE A 471 -9.04 -61.55 -11.57
N LYS A 472 -9.35 -61.41 -10.28
CA LYS A 472 -10.70 -61.72 -9.81
C LYS A 472 -11.77 -60.89 -10.52
N GLN A 473 -11.57 -59.58 -10.66
CA GLN A 473 -12.50 -58.77 -11.46
C GLN A 473 -12.56 -59.22 -12.91
N ILE A 474 -11.41 -59.53 -13.49
CA ILE A 474 -11.40 -60.01 -14.87
C ILE A 474 -12.21 -61.32 -14.95
N ASP A 475 -11.99 -62.23 -14.01
CA ASP A 475 -12.73 -63.49 -14.00
C ASP A 475 -14.26 -63.29 -13.89
N ARG A 476 -14.69 -62.34 -13.07
CA ARG A 476 -16.10 -62.00 -12.93
C ARG A 476 -16.65 -61.50 -14.27
N PHE A 477 -15.95 -60.55 -14.87
CA PHE A 477 -16.37 -59.94 -16.14
C PHE A 477 -16.53 -60.98 -17.24
N ALA A 478 -15.64 -61.96 -17.25
CA ALA A 478 -15.66 -62.96 -18.30
C ALA A 478 -16.54 -64.18 -17.96
N GLY A 479 -17.08 -64.21 -16.75
CA GLY A 479 -17.82 -65.37 -16.27
C GLY A 479 -17.05 -66.16 -15.24
N ASN B 2 7.05 -54.33 -2.07
CA ASN B 2 8.00 -55.02 -1.20
C ASN B 2 9.21 -54.15 -0.83
N ALA B 3 9.62 -53.28 -1.75
CA ALA B 3 10.83 -52.46 -1.61
C ALA B 3 10.78 -51.49 -0.44
N MET B 4 9.61 -50.92 -0.17
CA MET B 4 9.53 -49.91 0.89
C MET B 4 9.60 -50.58 2.27
N ASP B 5 9.19 -51.84 2.35
CA ASP B 5 9.51 -52.67 3.53
C ASP B 5 10.90 -53.33 3.39
N SER B 6 11.94 -52.48 3.35
CA SER B 6 13.32 -52.96 3.17
C SER B 6 14.36 -52.17 3.95
N ARG B 7 15.52 -52.82 4.10
CA ARG B 7 16.72 -52.16 4.54
C ARG B 7 17.24 -51.28 3.40
N PHE B 8 16.95 -51.71 2.18
CA PHE B 8 17.54 -51.09 0.99
C PHE B 8 16.93 -49.74 0.62
N LEU B 9 15.77 -49.42 1.20
CA LEU B 9 15.15 -48.11 0.96
C LEU B 9 14.96 -47.35 2.26
N PRO B 10 15.36 -46.09 2.27
CA PRO B 10 15.04 -45.21 3.41
C PRO B 10 13.52 -45.14 3.63
N ALA B 11 13.10 -45.04 4.89
CA ALA B 11 11.68 -45.05 5.25
C ALA B 11 10.91 -43.93 4.58
N THR B 12 11.61 -42.90 4.14
CA THR B 12 11.01 -41.69 3.56
C THR B 12 11.22 -41.52 2.04
N ALA B 13 11.78 -42.54 1.38
CA ALA B 13 12.07 -42.49 -0.07
C ALA B 13 10.85 -42.12 -0.88
N PHE B 14 9.69 -42.63 -0.43
CA PHE B 14 8.39 -42.33 -1.02
C PHE B 14 7.42 -41.96 0.10
N ILE B 15 6.26 -41.44 -0.28
CA ILE B 15 5.23 -41.16 0.70
C ILE B 15 4.18 -42.27 0.68
N ASP B 16 4.07 -42.99 1.79
CA ASP B 16 3.12 -44.09 1.89
C ASP B 16 1.70 -43.54 1.73
N PRO B 17 0.95 -44.02 0.70
CA PRO B 17 -0.42 -43.55 0.40
C PRO B 17 -1.42 -43.92 1.50
N GLU B 18 -1.04 -44.82 2.39
CA GLU B 18 -1.90 -45.15 3.52
C GLU B 18 -1.41 -44.58 4.85
N GLY B 19 -0.43 -43.68 4.81
CA GLY B 19 -0.05 -42.92 5.98
C GLY B 19 0.94 -43.58 6.89
N ARG B 20 1.42 -44.75 6.52
CA ARG B 20 2.29 -45.52 7.43
C ARG B 20 3.67 -44.90 7.65
N ASN B 21 4.10 -43.95 6.81
CA ASN B 21 5.35 -43.26 7.15
C ASN B 21 5.12 -41.76 7.31
N ARG B 22 3.87 -41.42 7.61
CA ARG B 22 3.43 -40.03 7.70
C ARG B 22 4.28 -39.12 8.58
N ASN B 23 4.64 -39.58 9.77
CA ASN B 23 5.42 -38.72 10.68
C ASN B 23 6.84 -38.46 10.19
N GLU B 24 7.49 -39.49 9.68
CA GLU B 24 8.85 -39.33 9.21
C GLU B 24 8.90 -38.44 7.99
N VAL B 25 7.90 -38.53 7.12
N VAL B 25 7.90 -38.57 7.13
CA VAL B 25 7.91 -37.72 5.90
CA VAL B 25 7.82 -37.75 5.93
C VAL B 25 7.49 -36.28 6.19
C VAL B 25 7.59 -36.30 6.30
N GLU B 26 6.68 -36.06 7.21
CA GLU B 26 6.37 -34.69 7.63
C GLU B 26 7.59 -33.97 8.18
N ARG B 27 8.43 -34.69 8.93
CA ARG B 27 9.61 -34.09 9.51
C ARG B 27 10.68 -33.81 8.46
N LEU B 28 10.86 -34.73 7.52
CA LEU B 28 11.85 -34.48 6.48
C LEU B 28 11.44 -33.27 5.63
N VAL B 29 10.22 -33.30 5.12
CA VAL B 29 9.65 -32.16 4.41
C VAL B 29 9.80 -30.87 5.21
N GLN B 30 9.51 -30.92 6.51
CA GLN B 30 9.53 -29.69 7.30
C GLN B 30 10.94 -29.13 7.41
N GLN B 31 11.94 -29.99 7.55
CA GLN B 31 13.34 -29.52 7.59
C GLN B 31 13.74 -28.83 6.29
N VAL B 32 13.32 -29.38 5.16
CA VAL B 32 13.67 -28.72 3.89
C VAL B 32 12.89 -27.40 3.74
N VAL B 33 11.62 -27.41 4.12
CA VAL B 33 10.82 -26.19 4.07
C VAL B 33 11.40 -25.09 4.96
N ASP B 34 11.81 -25.46 6.18
CA ASP B 34 12.38 -24.48 7.10
C ASP B 34 13.73 -23.96 6.62
N LEU B 35 14.54 -24.82 6.01
CA LEU B 35 15.84 -24.37 5.50
C LEU B 35 15.67 -23.43 4.32
N ILE B 36 14.74 -23.76 3.43
CA ILE B 36 14.54 -22.95 2.22
C ILE B 36 13.97 -21.60 2.61
N LEU B 37 13.01 -21.60 3.53
CA LEU B 37 12.45 -20.34 3.98
C LEU B 37 13.50 -19.49 4.68
N ALA B 38 14.42 -20.12 5.40
CA ALA B 38 15.47 -19.33 6.06
C ALA B 38 16.35 -18.69 4.99
N LYS B 39 16.66 -19.44 3.95
CA LYS B 39 17.52 -18.92 2.90
C LYS B 39 16.87 -17.76 2.13
N LEU B 40 15.56 -17.74 2.06
CA LEU B 40 14.85 -16.76 1.26
C LEU B 40 14.47 -15.54 2.07
N THR B 41 14.00 -15.75 3.29
CA THR B 41 13.68 -14.63 4.17
C THR B 41 14.96 -13.90 4.61
N GLY B 42 16.11 -14.55 4.43
CA GLY B 42 17.40 -13.94 4.68
C GLY B 42 18.22 -13.80 3.40
N ALA B 43 17.55 -13.80 2.25
CA ALA B 43 18.28 -13.77 0.97
C ALA B 43 19.24 -12.59 0.84
N ALA B 44 18.91 -11.46 1.46
CA ALA B 44 19.78 -10.28 1.34
C ALA B 44 21.13 -10.48 2.05
N GLU B 45 21.23 -11.50 2.89
CA GLU B 45 22.48 -11.84 3.54
C GLU B 45 23.46 -12.47 2.54
N ARG B 46 22.92 -12.98 1.45
CA ARG B 46 23.75 -13.59 0.40
C ARG B 46 23.92 -12.59 -0.75
N PRO B 47 25.15 -12.51 -1.29
CA PRO B 47 25.39 -11.61 -2.43
C PRO B 47 24.65 -12.07 -3.67
N PRO B 48 24.44 -11.19 -4.65
CA PRO B 48 23.72 -11.55 -5.89
C PRO B 48 24.35 -12.71 -6.66
N MET B 49 25.67 -12.81 -6.60
CA MET B 49 26.36 -13.94 -7.21
C MET B 49 27.16 -14.63 -6.11
N PRO B 50 27.31 -15.96 -6.19
CA PRO B 50 28.00 -16.78 -5.19
C PRO B 50 29.51 -16.64 -5.20
N GLU B 51 30.16 -16.81 -4.06
CA GLU B 51 31.63 -16.74 -3.98
C GLU B 51 32.30 -18.10 -3.74
N GLY B 57 32.25 -32.75 -6.45
CA GLY B 57 33.47 -33.22 -7.08
C GLY B 57 34.29 -34.09 -6.15
N PRO B 58 34.36 -35.40 -6.45
CA PRO B 58 33.75 -36.02 -7.64
C PRO B 58 32.26 -36.30 -7.45
N ILE B 59 31.52 -36.35 -8.56
CA ILE B 59 30.10 -36.65 -8.50
C ILE B 59 29.91 -38.14 -8.74
N THR B 60 29.47 -38.83 -7.70
CA THR B 60 29.25 -40.26 -7.70
C THR B 60 27.81 -40.56 -7.30
N ILE B 61 27.15 -41.46 -8.03
CA ILE B 61 25.85 -41.95 -7.61
C ILE B 61 26.13 -43.07 -6.61
N PRO B 62 25.77 -42.85 -5.35
CA PRO B 62 26.11 -43.78 -4.27
C PRO B 62 25.41 -45.13 -4.41
N GLU B 63 26.04 -46.17 -3.89
CA GLU B 63 25.44 -47.49 -3.84
C GLU B 63 24.31 -47.53 -2.82
N ALA B 64 24.58 -46.93 -1.66
CA ALA B 64 23.63 -46.93 -0.55
C ALA B 64 22.92 -45.60 -0.45
N ALA B 65 21.76 -45.63 0.20
CA ALA B 65 20.96 -44.43 0.42
C ALA B 65 21.73 -43.37 1.18
N ALA B 66 21.63 -42.12 0.73
CA ALA B 66 22.25 -41.03 1.48
C ALA B 66 21.44 -40.81 2.76
N THR B 67 22.09 -40.30 3.80
CA THR B 67 21.38 -39.92 5.04
C THR B 67 20.69 -38.58 4.88
N GLU B 68 19.75 -38.28 5.77
CA GLU B 68 19.07 -36.99 5.75
C GLU B 68 20.04 -35.81 5.94
N ALA B 69 21.05 -36.00 6.77
CA ALA B 69 22.04 -34.94 7.04
C ALA B 69 22.80 -34.54 5.78
N THR B 70 23.25 -35.56 5.03
CA THR B 70 23.92 -35.37 3.74
C THR B 70 23.02 -34.62 2.73
N LEU B 71 21.76 -35.02 2.64
CA LEU B 71 20.83 -34.38 1.72
C LEU B 71 20.56 -32.94 2.11
N LEU B 72 20.32 -32.68 3.38
CA LEU B 72 20.13 -31.30 3.81
C LEU B 72 21.38 -30.47 3.59
N GLN B 73 22.54 -31.07 3.77
CA GLN B 73 23.75 -30.31 3.55
C GLN B 73 23.92 -30.02 2.06
N ALA B 74 23.57 -30.99 1.21
CA ALA B 74 23.68 -30.76 -0.22
C ALA B 74 22.76 -29.61 -0.65
N ILE B 75 21.56 -29.55 -0.08
CA ILE B 75 20.64 -28.44 -0.37
C ILE B 75 21.23 -27.10 0.06
N ARG B 76 21.81 -27.07 1.25
CA ARG B 76 22.52 -25.88 1.72
C ARG B 76 23.63 -25.46 0.76
N ASP B 77 24.41 -26.42 0.28
CA ASP B 77 25.51 -26.15 -0.63
C ASP B 77 25.00 -25.64 -1.99
N MET B 78 23.94 -26.28 -2.49
CA MET B 78 23.32 -25.89 -3.76
C MET B 78 22.72 -24.48 -3.71
N VAL B 79 22.00 -24.16 -2.65
CA VAL B 79 21.48 -22.82 -2.50
C VAL B 79 22.66 -21.81 -2.40
N ASP B 80 23.66 -22.11 -1.58
CA ASP B 80 24.76 -21.16 -1.38
C ASP B 80 25.62 -20.99 -2.61
N GLY B 81 25.64 -21.97 -3.48
CA GLY B 81 26.39 -21.85 -4.72
C GLY B 81 25.58 -21.34 -5.92
N SER B 82 24.35 -20.90 -5.70
N SER B 82 24.36 -20.89 -5.68
CA SER B 82 23.50 -20.49 -6.81
CA SER B 82 23.47 -20.46 -6.78
C SER B 82 23.42 -18.97 -6.94
C SER B 82 23.48 -18.95 -6.94
N MET B 83 23.02 -18.44 -8.09
CA MET B 83 22.86 -16.98 -8.23
C MET B 83 21.70 -16.57 -7.33
N ASN B 84 21.66 -15.30 -6.90
CA ASN B 84 20.65 -14.90 -5.93
C ASN B 84 19.85 -13.68 -6.35
N PRO B 85 18.88 -13.87 -7.25
CA PRO B 85 18.09 -12.74 -7.74
C PRO B 85 17.26 -12.06 -6.67
N ALA B 86 17.02 -12.71 -5.52
CA ALA B 86 16.30 -12.09 -4.42
C ALA B 86 17.10 -10.94 -3.77
N ASN B 87 18.41 -10.94 -3.91
CA ASN B 87 19.20 -9.79 -3.43
C ASN B 87 18.77 -8.51 -4.14
N PRO B 88 18.50 -7.43 -3.42
CA PRO B 88 18.05 -6.16 -4.02
C PRO B 88 19.05 -5.61 -5.00
N GLY B 89 20.31 -5.96 -4.81
CA GLY B 89 21.37 -5.65 -5.73
C GLY B 89 21.36 -6.41 -7.05
N TYR B 90 20.54 -7.45 -7.20
CA TYR B 90 20.55 -8.21 -8.44
C TYR B 90 19.69 -7.50 -9.47
N ILE B 91 20.35 -6.75 -10.34
CA ILE B 91 19.72 -5.89 -11.32
C ILE B 91 20.17 -6.13 -12.75
N GLY B 92 20.63 -7.32 -13.07
CA GLY B 92 21.23 -7.57 -14.37
C GLY B 92 20.66 -8.50 -15.41
N HIS B 93 19.62 -9.26 -15.11
CA HIS B 93 19.04 -10.22 -16.04
C HIS B 93 17.52 -10.32 -15.97
N MET B 94 16.92 -10.85 -17.02
CA MET B 94 15.47 -11.10 -17.04
C MET B 94 15.11 -12.32 -16.21
N ASP B 95 15.66 -12.38 -15.00
CA ASP B 95 15.54 -13.55 -14.12
C ASP B 95 15.21 -13.13 -12.71
N PRO B 96 13.93 -13.22 -12.33
CA PRO B 96 13.50 -12.58 -11.07
C PRO B 96 13.44 -13.53 -9.90
N MET B 97 13.43 -12.96 -8.70
CA MET B 97 13.02 -13.75 -7.55
C MET B 97 11.57 -14.23 -7.84
N PRO B 98 11.23 -15.47 -7.42
CA PRO B 98 9.91 -16.02 -7.77
C PRO B 98 8.79 -15.52 -6.85
N ALA B 99 7.58 -15.34 -7.42
CA ALA B 99 6.38 -15.14 -6.59
C ALA B 99 6.27 -16.25 -5.59
N THR B 100 5.79 -15.94 -4.40
CA THR B 100 5.64 -17.00 -3.37
C THR B 100 4.79 -18.13 -3.89
N MET B 101 3.66 -17.80 -4.54
CA MET B 101 2.73 -18.86 -5.02
C MET B 101 3.29 -19.68 -6.17
N ALA B 102 4.31 -19.16 -6.85
CA ALA B 102 4.94 -19.97 -7.89
C ALA B 102 5.85 -21.00 -7.28
N ILE B 103 6.54 -20.65 -6.21
CA ILE B 103 7.27 -21.69 -5.46
C ILE B 103 6.31 -22.79 -5.01
N LEU B 104 5.24 -22.37 -4.36
CA LEU B 104 4.27 -23.29 -3.82
C LEU B 104 3.57 -24.07 -4.93
N GLY B 105 3.33 -23.41 -6.06
CA GLY B 105 2.75 -24.08 -7.21
C GLY B 105 3.58 -25.27 -7.71
N ASP B 106 4.89 -25.08 -7.78
CA ASP B 106 5.76 -26.19 -8.21
C ASP B 106 5.82 -27.30 -7.15
N LEU B 107 5.64 -26.94 -5.90
CA LEU B 107 5.54 -27.98 -4.87
C LEU B 107 4.29 -28.84 -5.12
N VAL B 108 3.17 -28.19 -5.36
CA VAL B 108 1.91 -28.87 -5.68
C VAL B 108 2.04 -29.68 -6.97
N ALA B 109 2.63 -29.09 -8.01
CA ALA B 109 2.74 -29.83 -9.28
C ALA B 109 3.58 -31.09 -9.11
N ALA B 110 4.74 -30.98 -8.48
CA ALA B 110 5.60 -32.17 -8.30
C ALA B 110 4.92 -33.25 -7.42
N ALA B 111 4.17 -32.83 -6.40
CA ALA B 111 3.48 -33.78 -5.51
C ALA B 111 2.50 -34.66 -6.27
N VAL B 112 1.64 -34.05 -7.10
CA VAL B 112 0.67 -34.90 -7.78
C VAL B 112 1.28 -35.50 -9.05
N ASN B 113 2.38 -34.91 -9.53
CA ASN B 113 3.17 -35.49 -10.63
C ASN B 113 2.31 -35.98 -11.79
N ASN B 114 1.39 -35.13 -12.26
CA ASN B 114 0.65 -35.39 -13.49
C ASN B 114 1.50 -35.05 -14.72
N ASN B 115 1.02 -35.42 -15.90
CA ASN B 115 1.81 -35.29 -17.13
C ASN B 115 0.99 -34.56 -18.20
N MET B 116 1.48 -33.43 -18.73
CA MET B 116 0.68 -32.70 -19.74
C MET B 116 0.59 -33.38 -21.08
N LEU B 117 1.28 -34.50 -21.25
CA LEU B 117 1.24 -35.24 -22.52
C LEU B 117 -0.19 -35.50 -22.98
N SER B 118 -1.07 -35.92 -22.08
CA SER B 118 -2.45 -36.29 -22.50
C SER B 118 -3.49 -36.00 -21.41
N LEU B 119 -4.76 -35.92 -21.80
CA LEU B 119 -5.82 -35.62 -20.84
C LEU B 119 -5.85 -36.65 -19.73
N GLU B 120 -5.73 -37.90 -20.14
CA GLU B 120 -5.81 -39.03 -19.23
C GLU B 120 -4.78 -38.90 -18.12
N MET B 121 -3.65 -38.29 -18.47
CA MET B 121 -2.55 -38.10 -17.51
C MET B 121 -2.55 -36.76 -16.78
N SER B 122 -3.43 -35.83 -17.17
CA SER B 122 -3.57 -34.53 -16.50
C SER B 122 -4.99 -34.01 -16.66
N PRO B 123 -5.99 -34.73 -16.10
CA PRO B 123 -7.40 -34.41 -16.37
C PRO B 123 -7.74 -32.95 -16.07
N SER B 124 -7.29 -32.46 -14.92
N SER B 124 -7.30 -32.43 -14.93
CA SER B 124 -7.57 -31.08 -14.55
CA SER B 124 -7.62 -31.03 -14.64
C SER B 124 -6.62 -30.07 -15.19
C SER B 124 -6.62 -30.04 -15.23
N PHE B 125 -5.33 -30.38 -15.18
CA PHE B 125 -4.31 -29.42 -15.62
C PHE B 125 -4.39 -29.12 -17.12
N SER B 126 -4.67 -30.14 -17.93
CA SER B 126 -4.84 -29.95 -19.37
C SER B 126 -5.99 -28.98 -19.68
N ARG B 127 -7.12 -29.18 -19.03
CA ARG B 127 -8.25 -28.31 -19.23
C ARG B 127 -7.96 -26.90 -18.70
N LEU B 128 -7.36 -26.83 -17.52
CA LEU B 128 -7.01 -25.52 -16.95
C LEU B 128 -6.03 -24.80 -17.89
N GLU B 129 -5.07 -25.53 -18.41
CA GLU B 129 -4.10 -24.87 -19.31
C GLU B 129 -4.80 -24.36 -20.59
N THR B 130 -5.58 -25.23 -21.24
CA THR B 130 -6.26 -24.83 -22.45
C THR B 130 -7.13 -23.60 -22.21
N LEU B 131 -7.95 -23.61 -21.15
CA LEU B 131 -8.83 -22.48 -20.86
C LEU B 131 -8.08 -21.20 -20.51
N LEU B 132 -7.03 -21.34 -19.74
CA LEU B 132 -6.24 -20.19 -19.28
C LEU B 132 -5.54 -19.50 -20.44
N LEU B 133 -4.99 -20.28 -21.37
CA LEU B 133 -4.27 -19.68 -22.49
C LEU B 133 -5.23 -19.07 -23.51
N ARG B 134 -6.46 -19.56 -23.57
CA ARG B 134 -7.50 -18.91 -24.37
C ARG B 134 -7.81 -17.53 -23.78
N ALA B 135 -7.93 -17.46 -22.46
CA ALA B 135 -8.14 -16.17 -21.79
C ALA B 135 -6.95 -15.23 -22.03
N ILE B 136 -5.74 -15.76 -21.91
CA ILE B 136 -4.57 -14.90 -22.11
C ILE B 136 -4.53 -14.46 -23.58
N ALA B 137 -4.81 -15.37 -24.50
CA ALA B 137 -4.75 -15.01 -25.91
C ALA B 137 -5.77 -13.90 -26.18
N GLY B 138 -6.89 -13.97 -25.47
CA GLY B 138 -7.93 -12.98 -25.63
C GLY B 138 -7.43 -11.67 -25.09
N LEU B 139 -6.65 -11.71 -24.01
CA LEU B 139 -6.12 -10.47 -23.50
C LEU B 139 -5.14 -9.82 -24.48
N PHE B 140 -4.46 -10.61 -25.31
CA PHE B 140 -3.59 -10.04 -26.34
C PHE B 140 -4.42 -9.56 -27.53
N GLY B 141 -5.74 -9.77 -27.46
CA GLY B 141 -6.66 -9.35 -28.52
C GLY B 141 -6.64 -10.25 -29.74
N LEU B 142 -6.25 -11.50 -29.57
CA LEU B 142 -6.10 -12.36 -30.76
C LEU B 142 -7.44 -12.91 -31.32
N GLY B 143 -8.53 -12.75 -30.59
CA GLY B 143 -9.83 -13.18 -31.13
C GLY B 143 -10.35 -14.51 -30.62
N GLU B 144 -11.57 -14.88 -31.01
CA GLU B 144 -12.30 -16.03 -30.47
C GLU B 144 -11.68 -17.39 -30.73
N GLN B 145 -11.01 -17.53 -31.86
CA GLN B 145 -10.39 -18.80 -32.22
C GLN B 145 -9.01 -18.99 -31.61
N ALA B 146 -8.53 -18.03 -30.83
CA ALA B 146 -7.12 -18.06 -30.44
C ALA B 146 -6.90 -18.95 -29.23
N GLY B 147 -5.71 -19.54 -29.16
CA GLY B 147 -5.31 -20.27 -27.97
C GLY B 147 -3.89 -20.79 -28.21
N GLY B 148 -3.39 -21.59 -27.28
CA GLY B 148 -2.09 -22.19 -27.49
C GLY B 148 -1.72 -23.17 -26.41
N VAL B 149 -0.42 -23.33 -26.22
CA VAL B 149 0.11 -24.31 -25.26
C VAL B 149 1.27 -23.72 -24.50
N LEU B 150 1.43 -24.13 -23.24
CA LEU B 150 2.62 -23.81 -22.44
C LEU B 150 3.82 -24.64 -22.94
N THR B 151 5.01 -24.04 -22.98
CA THR B 151 6.22 -24.73 -23.42
C THR B 151 7.29 -24.52 -22.36
N SER B 152 8.27 -25.41 -22.29
CA SER B 152 9.32 -25.27 -21.29
C SER B 152 10.37 -24.25 -21.81
N GLY B 153 10.00 -22.97 -21.77
CA GLY B 153 10.91 -21.92 -22.20
C GLY B 153 10.45 -21.25 -23.49
N GLY B 154 10.85 -19.99 -23.67
CA GLY B 154 10.47 -19.24 -24.85
C GLY B 154 11.14 -19.70 -26.14
N SER B 155 12.27 -20.39 -26.03
CA SER B 155 12.96 -20.85 -27.26
C SER B 155 12.12 -21.89 -27.99
N LEU B 156 11.49 -22.74 -27.21
CA LEU B 156 10.56 -23.72 -27.74
C LEU B 156 9.30 -23.11 -28.30
N ALA B 157 8.85 -22.02 -27.69
CA ALA B 157 7.66 -21.33 -28.15
C ALA B 157 7.96 -20.76 -29.52
N ASN B 158 9.12 -20.11 -29.64
CA ASN B 158 9.60 -19.61 -30.93
C ASN B 158 9.80 -20.72 -31.97
N LEU B 159 10.39 -21.84 -31.57
CA LEU B 159 10.55 -22.99 -32.45
C LEU B 159 9.21 -23.46 -33.02
N GLN B 160 8.23 -23.57 -32.15
CA GLN B 160 6.93 -24.13 -32.55
C GLN B 160 6.19 -23.17 -33.48
N ALA B 161 6.28 -21.90 -33.17
CA ALA B 161 5.66 -20.88 -33.99
C ALA B 161 6.27 -20.87 -35.39
N LEU B 162 7.60 -20.97 -35.47
CA LEU B 162 8.28 -21.02 -36.80
C LEU B 162 8.05 -22.34 -37.53
N ALA B 163 7.98 -23.45 -36.81
CA ALA B 163 7.59 -24.73 -37.42
C ALA B 163 6.21 -24.62 -38.10
N VAL B 164 5.23 -24.03 -37.41
CA VAL B 164 3.92 -23.84 -37.99
C VAL B 164 3.96 -22.92 -39.21
N ALA B 165 4.65 -21.77 -39.11
CA ALA B 165 4.79 -20.88 -40.26
C ALA B 165 5.37 -21.64 -41.46
N ARG B 166 6.38 -22.46 -41.19
CA ARG B 166 7.01 -23.26 -42.23
C ARG B 166 6.06 -24.30 -42.86
N ASN B 167 5.40 -25.06 -42.01
CA ASN B 167 4.42 -26.06 -42.44
C ASN B 167 3.27 -25.46 -43.23
N VAL B 168 2.80 -24.27 -42.82
CA VAL B 168 1.73 -23.60 -43.54
C VAL B 168 2.20 -23.21 -44.94
N ALA B 169 3.40 -22.65 -45.03
CA ALA B 169 3.92 -22.18 -46.31
C ALA B 169 4.33 -23.29 -47.24
N PHE B 170 4.91 -24.38 -46.72
CA PHE B 170 5.51 -25.37 -47.61
C PHE B 170 4.89 -26.74 -47.53
N ASP B 171 3.80 -26.89 -46.75
CA ASP B 171 3.09 -28.15 -46.63
C ASP B 171 4.03 -29.30 -46.26
N SER B 172 4.81 -29.07 -45.21
CA SER B 172 5.95 -29.92 -44.94
C SER B 172 5.78 -30.91 -43.81
N VAL B 173 4.58 -31.04 -43.24
CA VAL B 173 4.44 -31.95 -42.10
C VAL B 173 4.89 -33.35 -42.49
N GLU B 174 4.43 -33.85 -43.63
CA GLU B 174 4.76 -35.24 -43.99
C GLU B 174 5.97 -35.38 -44.93
N PRO B 175 6.07 -34.52 -45.96
CA PRO B 175 7.20 -34.76 -46.88
C PRO B 175 8.51 -34.01 -46.53
N GLY B 176 8.48 -33.15 -45.52
CA GLY B 176 9.69 -32.39 -45.16
C GLY B 176 9.94 -31.24 -46.09
N ILE B 177 11.09 -30.59 -45.98
CA ILE B 177 11.40 -29.51 -46.92
C ILE B 177 12.62 -29.74 -47.81
N THR B 178 13.09 -30.97 -47.94
CA THR B 178 14.35 -31.19 -48.63
C THR B 178 14.27 -31.02 -50.14
N GLY B 179 13.08 -31.07 -50.71
CA GLY B 179 13.00 -31.01 -52.16
C GLY B 179 13.03 -29.60 -52.71
N LEU B 180 12.92 -28.61 -51.84
CA LEU B 180 12.73 -27.23 -52.24
C LEU B 180 13.90 -26.69 -53.03
N ALA B 181 13.61 -25.95 -54.11
CA ALA B 181 14.65 -25.36 -54.94
C ALA B 181 15.06 -23.95 -54.47
N GLN B 182 14.14 -23.24 -53.83
CA GLN B 182 14.42 -21.93 -53.25
C GLN B 182 14.57 -22.03 -51.73
N ARG B 183 15.56 -21.34 -51.16
CA ARG B 183 15.75 -21.40 -49.71
C ARG B 183 14.68 -20.59 -48.95
N PRO B 184 13.97 -21.24 -48.01
CA PRO B 184 13.04 -20.53 -47.12
C PRO B 184 13.81 -19.64 -46.18
N VAL B 185 13.33 -18.40 -45.94
CA VAL B 185 14.02 -17.45 -45.11
C VAL B 185 13.01 -16.68 -44.28
N ILE B 186 13.45 -16.18 -43.15
CA ILE B 186 12.59 -15.33 -42.33
C ILE B 186 13.33 -14.05 -42.01
N PHE B 187 12.58 -13.04 -41.57
CA PHE B 187 13.19 -11.76 -41.26
C PHE B 187 12.96 -11.44 -39.84
N ALA B 188 13.99 -10.90 -39.19
CA ALA B 188 13.93 -10.47 -37.81
C ALA B 188 14.90 -9.33 -37.59
N SER B 189 14.63 -8.49 -36.60
CA SER B 189 15.53 -7.38 -36.29
C SER B 189 16.93 -7.86 -36.02
N GLU B 190 17.95 -7.10 -36.43
CA GLU B 190 19.32 -7.47 -36.07
C GLU B 190 19.50 -7.53 -34.56
N ALA B 191 18.58 -6.94 -33.81
CA ALA B 191 18.56 -7.11 -32.34
C ALA B 191 17.74 -8.31 -31.81
N ALA B 192 17.15 -9.13 -32.68
CA ALA B 192 16.20 -10.17 -32.23
C ALA B 192 16.90 -11.38 -31.58
N HIS B 193 16.15 -12.24 -30.88
CA HIS B 193 16.74 -13.32 -30.05
C HIS B 193 17.39 -14.46 -30.84
N THR B 194 18.49 -15.00 -30.31
CA THR B 194 19.25 -16.02 -31.01
C THR B 194 18.45 -17.33 -31.16
N SER B 195 17.35 -17.46 -30.40
CA SER B 195 16.56 -18.70 -30.49
C SER B 195 15.92 -18.78 -31.89
N LEU B 196 15.91 -17.65 -32.61
CA LEU B 196 15.51 -17.66 -33.99
C LEU B 196 16.53 -18.48 -34.82
N GLN B 197 17.74 -18.21 -34.74
CA GLN B 197 18.77 -18.97 -35.45
C GLN B 197 18.84 -20.47 -35.06
N LYS B 198 18.81 -20.68 -33.73
CA LYS B 198 18.75 -22.07 -33.27
C LYS B 198 17.49 -22.78 -33.80
N ALA B 199 16.33 -22.13 -33.69
CA ALA B 199 15.10 -22.66 -34.30
C ALA B 199 15.32 -22.92 -35.78
N ALA B 200 15.89 -21.94 -36.49
CA ALA B 200 16.07 -22.08 -37.93
C ALA B 200 16.96 -23.28 -38.25
N MET B 201 18.05 -23.43 -37.49
CA MET B 201 18.90 -24.63 -37.58
C MET B 201 18.08 -25.91 -37.32
N LEU B 202 17.31 -25.91 -36.25
CA LEU B 202 16.57 -27.09 -35.85
C LEU B 202 15.54 -27.45 -36.93
N LEU B 203 14.91 -26.43 -37.49
CA LEU B 203 13.83 -26.65 -38.46
C LEU B 203 14.36 -27.09 -39.83
N GLY B 204 15.67 -27.07 -40.01
CA GLY B 204 16.25 -27.49 -41.28
C GLY B 204 16.45 -26.37 -42.28
N LEU B 205 16.28 -25.14 -41.82
CA LEU B 205 16.43 -23.94 -42.65
C LEU B 205 17.86 -23.43 -42.62
N GLY B 206 18.57 -23.75 -41.54
CA GLY B 206 19.93 -23.29 -41.35
C GLY B 206 19.93 -21.95 -40.65
N THR B 207 20.94 -21.68 -39.84
CA THR B 207 21.04 -20.40 -39.14
C THR B 207 21.00 -19.23 -40.09
N ALA B 208 21.56 -19.42 -41.27
CA ALA B 208 21.63 -18.34 -42.24
C ALA B 208 20.26 -18.00 -42.87
N ALA B 209 19.23 -18.81 -42.60
CA ALA B 209 17.90 -18.48 -43.09
C ALA B 209 17.28 -17.29 -42.34
N VAL B 210 17.89 -16.85 -41.24
CA VAL B 210 17.36 -15.71 -40.49
C VAL B 210 18.00 -14.43 -41.00
N ILE B 211 17.28 -13.65 -41.81
CA ILE B 211 17.86 -12.46 -42.42
C ILE B 211 17.64 -11.28 -41.49
N PRO B 212 18.75 -10.66 -41.03
CA PRO B 212 18.68 -9.53 -40.10
C PRO B 212 18.15 -8.30 -40.79
N VAL B 213 17.26 -7.58 -40.12
CA VAL B 213 16.72 -6.34 -40.68
C VAL B 213 17.33 -5.23 -39.87
N ARG B 214 17.75 -4.14 -40.52
CA ARG B 214 18.32 -3.01 -39.79
C ARG B 214 17.41 -2.51 -38.65
N ALA B 215 18.03 -2.20 -37.52
CA ALA B 215 17.37 -1.61 -36.36
C ALA B 215 17.81 -0.18 -36.23
N THR B 216 16.98 0.70 -35.68
CA THR B 216 17.36 2.09 -35.47
C THR B 216 18.37 2.21 -34.33
N ALA B 217 18.70 3.45 -34.02
CA ALA B 217 19.62 3.78 -32.95
C ALA B 217 18.99 3.40 -31.62
N ASP B 218 17.66 3.29 -31.62
CA ASP B 218 16.94 2.81 -30.43
C ASP B 218 16.56 1.34 -30.50
N SER B 219 17.22 0.60 -31.38
CA SER B 219 17.13 -0.85 -31.43
C SER B 219 15.73 -1.37 -31.78
N ARG B 220 15.02 -0.58 -32.56
CA ARG B 220 13.73 -1.01 -33.10
C ARG B 220 13.87 -1.30 -34.58
N MET B 221 13.21 -2.35 -35.05
CA MET B 221 13.28 -2.73 -36.43
C MET B 221 12.80 -1.59 -37.34
N ASP B 222 13.57 -1.35 -38.40
CA ASP B 222 13.25 -0.35 -39.42
C ASP B 222 12.31 -0.91 -40.49
N PRO B 223 11.09 -0.37 -40.61
CA PRO B 223 10.16 -0.95 -41.57
C PRO B 223 10.64 -0.85 -43.02
N GLU B 224 11.27 0.26 -43.39
CA GLU B 224 11.72 0.44 -44.78
C GLU B 224 12.77 -0.60 -45.12
N ASP B 225 13.68 -0.85 -44.18
CA ASP B 225 14.68 -1.86 -44.43
C ASP B 225 14.05 -3.25 -44.52
N LEU B 226 13.01 -3.50 -43.72
CA LEU B 226 12.27 -4.77 -43.84
C LEU B 226 11.75 -4.97 -45.27
N ARG B 227 11.05 -3.98 -45.81
CA ARG B 227 10.56 -4.07 -47.19
C ARG B 227 11.72 -4.33 -48.20
N ALA B 228 12.85 -3.66 -48.02
CA ALA B 228 13.99 -3.88 -48.91
C ALA B 228 14.55 -5.30 -48.82
N ARG B 229 14.62 -5.84 -47.61
CA ARG B 229 15.21 -7.17 -47.43
C ARG B 229 14.29 -8.23 -48.03
N ILE B 230 12.98 -8.04 -47.92
CA ILE B 230 12.05 -8.98 -48.51
C ILE B 230 12.20 -8.96 -50.05
N ASP B 231 12.30 -7.75 -50.61
CA ASP B 231 12.46 -7.62 -52.04
C ASP B 231 13.79 -8.22 -52.52
N GLN B 232 14.86 -7.95 -51.81
CA GLN B 232 16.18 -8.53 -52.10
C GLN B 232 16.15 -10.07 -52.04
N ALA B 233 15.51 -10.63 -51.01
CA ALA B 233 15.38 -12.09 -50.91
C ALA B 233 14.68 -12.68 -52.12
N ARG B 234 13.59 -12.06 -52.55
CA ARG B 234 12.87 -12.59 -53.69
C ARG B 234 13.72 -12.47 -54.95
N GLY B 235 14.53 -11.42 -55.05
CA GLY B 235 15.36 -11.23 -56.23
C GLY B 235 16.56 -12.17 -56.22
N ALA B 236 16.86 -12.69 -55.04
CA ALA B 236 17.99 -13.58 -54.86
C ALA B 236 17.56 -15.05 -54.88
N GLY B 237 16.36 -15.32 -55.39
CA GLY B 237 15.88 -16.68 -55.50
C GLY B 237 15.48 -17.34 -54.18
N GLN B 238 15.24 -16.56 -53.13
CA GLN B 238 14.84 -17.15 -51.86
C GLN B 238 13.35 -17.05 -51.63
N HIS B 239 12.83 -17.81 -50.67
CA HIS B 239 11.39 -17.86 -50.45
C HIS B 239 11.03 -17.37 -49.03
N PRO B 240 10.72 -16.08 -48.89
CA PRO B 240 10.32 -15.54 -47.58
C PRO B 240 9.02 -16.14 -47.08
N PHE B 241 8.94 -16.50 -45.81
CA PHE B 241 7.66 -17.02 -45.34
C PHE B 241 7.22 -16.47 -43.98
N CYS B 242 8.06 -15.66 -43.33
CA CYS B 242 7.77 -15.21 -41.96
C CYS B 242 8.58 -13.98 -41.59
N VAL B 243 7.90 -13.05 -40.93
CA VAL B 243 8.54 -11.93 -40.31
C VAL B 243 8.37 -12.08 -38.81
N VAL B 244 9.46 -11.99 -38.08
CA VAL B 244 9.38 -11.95 -36.63
C VAL B 244 9.66 -10.57 -36.11
N ALA B 245 8.68 -9.99 -35.42
CA ALA B 245 8.87 -8.75 -34.69
C ALA B 245 9.15 -9.07 -33.23
N THR B 246 9.89 -8.21 -32.56
CA THR B 246 10.26 -8.45 -31.18
C THR B 246 9.73 -7.36 -30.27
N ALA B 247 8.90 -7.77 -29.32
CA ALA B 247 8.37 -6.90 -28.27
C ALA B 247 9.18 -7.02 -26.99
N GLY B 248 10.26 -6.26 -26.88
CA GLY B 248 11.19 -6.32 -25.78
C GLY B 248 12.42 -7.14 -26.08
N THR B 249 13.36 -6.53 -26.80
CA THR B 249 14.56 -7.22 -27.23
C THR B 249 15.36 -7.60 -26.00
N THR B 250 16.06 -8.71 -26.07
CA THR B 250 16.73 -9.23 -24.89
C THR B 250 17.79 -8.29 -24.32
N THR B 251 18.62 -7.67 -25.15
CA THR B 251 19.69 -6.81 -24.66
C THR B 251 19.22 -5.45 -24.14
N THR B 252 18.43 -4.73 -24.94
CA THR B 252 18.10 -3.34 -24.64
C THR B 252 16.65 -3.16 -24.21
N GLY B 253 15.83 -4.18 -24.45
CA GLY B 253 14.44 -4.18 -24.00
C GLY B 253 13.53 -3.35 -24.89
N ASN B 254 13.93 -3.12 -26.15
CA ASN B 254 13.11 -2.28 -27.01
C ASN B 254 12.03 -3.08 -27.75
N ILE B 255 11.02 -2.36 -28.23
CA ILE B 255 9.86 -2.98 -28.87
C ILE B 255 9.77 -2.52 -30.32
N ASP B 256 9.81 -3.48 -31.28
CA ASP B 256 9.63 -3.17 -32.69
C ASP B 256 8.29 -2.48 -32.92
N PRO B 257 8.19 -1.68 -33.99
CA PRO B 257 6.88 -1.03 -34.24
C PRO B 257 5.90 -2.08 -34.79
N LEU B 258 5.20 -2.76 -33.89
CA LEU B 258 4.44 -3.96 -34.25
C LEU B 258 3.37 -3.72 -35.31
N ALA B 259 2.67 -2.59 -35.25
CA ALA B 259 1.58 -2.37 -36.23
C ALA B 259 2.13 -2.17 -37.65
N GLU B 260 3.20 -1.42 -37.75
CA GLU B 260 3.82 -1.18 -39.06
C GLU B 260 4.47 -2.45 -39.62
N ILE B 261 5.17 -3.18 -38.77
CA ILE B 261 5.80 -4.41 -39.23
C ILE B 261 4.73 -5.44 -39.60
N GLY B 262 3.66 -5.50 -38.82
CA GLY B 262 2.56 -6.41 -39.13
C GLY B 262 1.93 -6.10 -40.48
N ALA B 263 1.70 -4.82 -40.74
CA ALA B 263 1.12 -4.38 -41.99
C ALA B 263 1.99 -4.78 -43.17
N ILE B 264 3.31 -4.68 -43.02
CA ILE B 264 4.23 -5.05 -44.11
C ILE B 264 4.29 -6.57 -44.33
N ALA B 265 4.28 -7.32 -43.23
CA ALA B 265 4.15 -8.77 -43.27
C ALA B 265 2.91 -9.18 -44.05
N ARG B 266 1.79 -8.58 -43.69
CA ARG B 266 0.55 -8.92 -44.32
C ARG B 266 0.53 -8.51 -45.80
N GLU B 267 1.04 -7.34 -46.11
CA GLU B 267 1.13 -6.89 -47.50
C GLU B 267 1.87 -7.92 -48.40
N HIS B 268 2.88 -8.57 -47.85
CA HIS B 268 3.63 -9.56 -48.57
C HIS B 268 3.19 -11.02 -48.38
N GLY B 269 2.08 -11.22 -47.70
CA GLY B 269 1.60 -12.56 -47.47
C GLY B 269 2.50 -13.42 -46.61
N LEU B 270 3.14 -12.83 -45.61
CA LEU B 270 4.03 -13.56 -44.71
C LEU B 270 3.44 -13.73 -43.31
N TRP B 271 3.69 -14.89 -42.70
CA TRP B 271 3.29 -15.17 -41.33
C TRP B 271 3.87 -14.07 -40.44
N PHE B 272 3.06 -13.51 -39.56
CA PHE B 272 3.54 -12.49 -38.64
C PHE B 272 3.64 -13.07 -37.24
N HIS B 273 4.87 -13.31 -36.76
CA HIS B 273 5.13 -13.81 -35.40
C HIS B 273 5.69 -12.69 -34.54
N VAL B 274 5.12 -12.52 -33.34
CA VAL B 274 5.67 -11.55 -32.41
C VAL B 274 6.33 -12.29 -31.25
N ASP B 275 7.62 -12.05 -31.08
CA ASP B 275 8.33 -12.59 -29.94
C ASP B 275 8.19 -11.60 -28.81
N ALA B 276 7.14 -11.79 -28.01
CA ALA B 276 6.88 -10.94 -26.87
C ALA B 276 7.29 -11.62 -25.60
N ALA B 277 8.36 -12.41 -25.67
CA ALA B 277 8.78 -13.17 -24.48
C ALA B 277 8.82 -12.30 -23.25
N TYR B 278 9.44 -11.14 -23.39
CA TYR B 278 9.62 -10.26 -22.26
C TYR B 278 8.48 -9.24 -22.19
N GLY B 279 8.36 -8.44 -23.25
CA GLY B 279 7.42 -7.33 -23.25
C GLY B 279 5.92 -7.70 -23.27
N GLY B 280 5.60 -8.96 -23.51
CA GLY B 280 4.19 -9.36 -23.48
C GLY B 280 3.53 -9.17 -22.13
N ALA B 281 4.33 -9.07 -21.06
CA ALA B 281 3.75 -8.85 -19.74
C ALA B 281 3.00 -7.54 -19.70
N LEU B 282 3.27 -6.63 -20.65
CA LEU B 282 2.56 -5.34 -20.64
C LEU B 282 1.06 -5.48 -20.85
N VAL B 283 0.57 -6.66 -21.24
CA VAL B 283 -0.88 -6.82 -21.36
C VAL B 283 -1.59 -6.65 -20.05
N PHE B 284 -0.87 -6.81 -18.94
CA PHE B 284 -1.45 -6.64 -17.64
C PHE B 284 -1.35 -5.23 -17.12
N SER B 285 -0.86 -4.32 -17.96
CA SER B 285 -0.70 -2.92 -17.57
C SER B 285 -1.52 -1.99 -18.44
N GLU B 286 -2.54 -1.35 -17.87
CA GLU B 286 -3.33 -0.44 -18.68
C GLU B 286 -2.48 0.76 -19.05
N ARG B 287 -1.56 1.15 -18.18
CA ARG B 287 -0.78 2.33 -18.49
C ARG B 287 0.25 2.10 -19.61
N HIS B 288 0.73 0.86 -19.78
CA HIS B 288 1.80 0.65 -20.74
C HIS B 288 1.44 -0.27 -21.91
N ARG B 289 0.25 -0.87 -21.93
CA ARG B 289 0.04 -1.88 -22.95
C ARG B 289 -0.14 -1.34 -24.36
N TRP B 290 -0.39 -0.04 -24.50
CA TRP B 290 -0.40 0.59 -25.83
C TRP B 290 0.92 0.39 -26.59
N ARG B 291 2.01 0.14 -25.87
CA ARG B 291 3.31 -0.12 -26.49
C ARG B 291 3.27 -1.36 -27.36
N LEU B 292 2.28 -2.22 -27.12
CA LEU B 292 2.19 -3.45 -27.90
C LEU B 292 1.18 -3.35 -29.05
N ALA B 293 0.69 -2.15 -29.32
CA ALA B 293 -0.37 -1.97 -30.33
C ALA B 293 0.07 -2.59 -31.65
N GLY B 294 -0.81 -3.38 -32.25
CA GLY B 294 -0.49 -4.15 -33.44
C GLY B 294 -0.30 -5.64 -33.19
N ILE B 295 0.07 -5.97 -31.96
CA ILE B 295 0.26 -7.37 -31.59
C ILE B 295 -1.04 -8.14 -31.78
N GLU B 296 -2.19 -7.46 -31.73
CA GLU B 296 -3.50 -8.14 -31.81
C GLU B 296 -3.72 -8.81 -33.17
N GLN B 297 -2.93 -8.46 -34.19
CA GLN B 297 -3.12 -9.07 -35.49
C GLN B 297 -2.03 -10.12 -35.83
N ALA B 298 -1.16 -10.41 -34.88
CA ALA B 298 -0.13 -11.44 -35.06
C ALA B 298 -0.79 -12.79 -35.40
N ASP B 299 -0.17 -13.57 -36.27
CA ASP B 299 -0.55 -14.98 -36.42
C ASP B 299 -0.16 -15.80 -35.21
N SER B 300 0.94 -15.43 -34.56
CA SER B 300 1.37 -16.13 -33.36
C SER B 300 2.13 -15.20 -32.42
N ILE B 301 2.09 -15.55 -31.13
CA ILE B 301 2.78 -14.80 -30.09
C ILE B 301 3.52 -15.73 -29.15
N THR B 302 4.78 -15.41 -28.88
CA THR B 302 5.56 -16.04 -27.83
C THR B 302 5.51 -15.12 -26.61
N PHE B 303 5.25 -15.66 -25.43
CA PHE B 303 5.20 -14.85 -24.22
C PHE B 303 5.74 -15.65 -23.02
N ASN B 304 6.59 -15.06 -22.17
CA ASN B 304 7.27 -15.83 -21.09
C ASN B 304 6.90 -15.27 -19.70
N PRO B 305 5.81 -15.80 -19.08
CA PRO B 305 5.54 -15.36 -17.70
C PRO B 305 6.74 -15.53 -16.77
N GLN B 306 7.69 -16.41 -17.11
CA GLN B 306 8.83 -16.63 -16.21
C GLN B 306 9.71 -15.38 -16.11
N1 LLP B 307 13.02 -13.94 -27.10
C2 LLP B 307 13.22 -12.89 -26.29
C2' LLP B 307 12.99 -11.47 -26.82
C3 LLP B 307 13.65 -13.14 -24.99
O3 LLP B 307 13.88 -12.02 -24.14
C4 LLP B 307 13.86 -14.47 -24.55
C4' LLP B 307 14.31 -14.73 -23.12
C5 LLP B 307 13.61 -15.52 -25.44
C6 LLP B 307 13.17 -15.20 -26.71
C5' LLP B 307 13.80 -16.99 -25.10
OP4 LLP B 307 13.10 -17.55 -24.04
P LLP B 307 13.87 -18.66 -23.26
OP1 LLP B 307 13.02 -19.29 -22.16
OP2 LLP B 307 14.42 -19.71 -24.21
OP3 LLP B 307 15.07 -18.05 -22.57
N LLP B 307 9.50 -14.41 -17.01
CA LLP B 307 10.33 -13.19 -17.00
CB LLP B 307 10.73 -12.79 -18.38
CG LLP B 307 11.72 -13.75 -19.10
CD LLP B 307 12.17 -13.42 -20.49
CE LLP B 307 13.33 -14.23 -21.04
NZ LLP B 307 13.95 -13.69 -22.18
C LLP B 307 9.63 -12.10 -16.22
O LLP B 307 9.84 -11.97 -15.00
N TRP B 308 8.72 -11.36 -16.84
CA TRP B 308 8.18 -10.17 -16.18
C TRP B 308 6.87 -10.44 -15.37
N LEU B 309 6.39 -11.67 -15.34
CA LEU B 309 5.30 -12.03 -14.42
C LEU B 309 5.79 -12.85 -13.21
N TYR B 310 7.11 -12.99 -13.07
CA TYR B 310 7.69 -13.52 -11.84
C TYR B 310 7.35 -14.97 -11.54
N VAL B 311 7.00 -15.73 -12.57
CA VAL B 311 6.71 -17.14 -12.36
C VAL B 311 8.04 -17.90 -12.37
N ALA B 312 8.29 -18.71 -11.37
CA ALA B 312 9.54 -19.46 -11.36
C ALA B 312 9.67 -20.33 -12.62
N LYS B 313 10.87 -20.35 -13.15
CA LYS B 313 11.16 -20.98 -14.43
C LYS B 313 10.78 -22.46 -14.38
N THR B 314 10.34 -23.01 -15.49
CA THR B 314 10.06 -22.31 -16.70
C THR B 314 8.57 -22.11 -16.81
N CYS B 315 8.19 -21.01 -17.43
CA CYS B 315 6.83 -20.76 -17.82
C CYS B 315 6.80 -19.88 -19.06
N ALA B 316 6.40 -20.46 -20.18
CA ALA B 316 6.31 -19.79 -21.45
C ALA B 316 5.17 -20.38 -22.24
N MET B 317 4.71 -19.63 -23.24
CA MET B 317 3.68 -20.08 -24.12
C MET B 317 3.84 -19.63 -25.56
N VAL B 318 3.29 -20.43 -26.46
CA VAL B 318 3.04 -19.95 -27.80
C VAL B 318 1.54 -19.92 -28.05
N LEU B 319 1.06 -18.75 -28.50
CA LEU B 319 -0.36 -18.53 -28.79
C LEU B 319 -0.54 -18.41 -30.29
N PHE B 320 -1.65 -18.91 -30.82
CA PHE B 320 -1.93 -18.78 -32.24
C PHE B 320 -3.27 -18.10 -32.37
N ARG B 321 -3.42 -17.17 -33.31
CA ARG B 321 -4.69 -16.48 -33.48
C ARG B 321 -5.77 -17.47 -33.95
N ASP B 322 -5.34 -18.56 -34.60
CA ASP B 322 -6.24 -19.66 -34.93
C ASP B 322 -5.68 -20.95 -34.37
N ALA B 323 -6.15 -21.37 -33.19
CA ALA B 323 -5.53 -22.50 -32.53
C ALA B 323 -5.68 -23.76 -33.33
N GLY B 324 -6.72 -23.78 -34.18
CA GLY B 324 -6.95 -24.87 -35.12
C GLY B 324 -5.78 -25.17 -36.04
N VAL B 325 -4.95 -24.17 -36.29
CA VAL B 325 -3.77 -24.35 -37.16
C VAL B 325 -2.85 -25.46 -36.63
N LEU B 326 -2.89 -25.74 -35.33
CA LEU B 326 -2.02 -26.75 -34.73
C LEU B 326 -2.47 -28.14 -35.16
N GLU B 327 -3.74 -28.29 -35.47
CA GLU B 327 -4.21 -29.59 -35.97
C GLU B 327 -3.97 -29.78 -37.47
N ARG B 328 -3.96 -28.69 -38.23
CA ARG B 328 -3.76 -28.76 -39.68
C ARG B 328 -2.30 -28.72 -40.15
N ALA B 329 -1.44 -28.07 -39.38
CA ALA B 329 -0.09 -27.76 -39.87
C ALA B 329 0.97 -27.97 -38.79
N PHE B 330 0.79 -29.01 -37.99
CA PHE B 330 1.77 -29.32 -36.96
C PHE B 330 1.58 -30.74 -36.48
N ARG B 331 0.40 -31.02 -35.96
CA ARG B 331 0.07 -32.30 -35.37
C ARG B 331 0.42 -33.45 -36.33
N ILE B 332 1.00 -34.54 -35.84
CA ILE B 332 1.39 -35.61 -36.78
C ILE B 332 0.17 -36.47 -37.04
N PRO B 333 0.07 -37.09 -38.24
CA PRO B 333 -1.05 -38.00 -38.53
C PRO B 333 -1.23 -39.03 -37.43
N ALA B 334 -2.46 -39.15 -36.94
CA ALA B 334 -2.80 -40.04 -35.83
C ALA B 334 -4.31 -39.96 -35.66
N PRO B 335 -4.91 -40.95 -35.00
CA PRO B 335 -6.35 -40.87 -34.71
C PRO B 335 -6.61 -39.69 -33.80
N GLN B 336 -7.64 -38.89 -34.07
CA GLN B 336 -7.90 -37.72 -33.22
C GLN B 336 -8.79 -38.07 -32.02
N MET B 337 -8.18 -38.18 -30.87
CA MET B 337 -8.93 -38.41 -29.67
C MET B 337 -9.35 -37.06 -29.09
N ARG B 338 -10.63 -36.95 -28.89
CA ARG B 338 -11.20 -35.71 -28.37
C ARG B 338 -12.22 -36.00 -27.27
N ALA B 339 -12.03 -35.42 -26.09
CA ALA B 339 -12.99 -35.67 -25.00
C ALA B 339 -14.37 -35.08 -25.32
N THR B 340 -15.39 -35.54 -24.59
CA THR B 340 -16.75 -35.06 -24.84
C THR B 340 -16.94 -33.59 -24.48
N ASP B 341 -16.06 -33.03 -23.63
CA ASP B 341 -16.17 -31.58 -23.37
C ASP B 341 -15.27 -30.75 -24.30
N GLY B 342 -14.71 -31.38 -25.34
CA GLY B 342 -14.07 -30.64 -26.42
C GLY B 342 -12.55 -30.66 -26.40
N PHE B 343 -11.95 -30.96 -25.25
CA PHE B 343 -10.50 -30.88 -25.09
C PHE B 343 -9.71 -31.96 -25.83
N ILE B 344 -8.47 -31.61 -26.17
CA ILE B 344 -7.56 -32.48 -26.93
C ILE B 344 -6.30 -32.77 -26.10
N ASN B 345 -5.65 -33.89 -26.38
CA ASN B 345 -4.38 -34.25 -25.74
C ASN B 345 -3.33 -33.23 -26.14
N LEU B 346 -2.74 -32.53 -25.18
CA LEU B 346 -1.87 -31.42 -25.54
C LEU B 346 -0.53 -31.87 -26.13
N GLY B 347 -0.08 -33.10 -25.84
CA GLY B 347 1.15 -33.58 -26.42
C GLY B 347 1.13 -33.61 -27.95
N GLU B 348 -0.05 -33.78 -28.54
CA GLU B 348 -0.15 -33.84 -30.01
C GLU B 348 0.11 -32.48 -30.69
N ILE B 349 -0.06 -31.39 -29.94
CA ILE B 349 0.02 -30.05 -30.52
C ILE B 349 1.10 -29.21 -29.82
N GLY B 350 2.08 -29.87 -29.24
CA GLY B 350 3.27 -29.20 -28.74
C GLY B 350 4.55 -29.87 -29.25
N VAL B 351 5.66 -29.13 -29.18
CA VAL B 351 6.96 -29.67 -29.48
C VAL B 351 7.25 -30.81 -28.49
N GLN B 352 7.04 -30.53 -27.21
CA GLN B 352 7.20 -31.54 -26.19
C GLN B 352 6.06 -32.54 -26.22
N GLY B 353 6.33 -33.73 -25.70
CA GLY B 353 5.31 -34.71 -25.38
C GLY B 353 5.02 -34.64 -23.89
N THR B 354 5.72 -35.46 -23.10
CA THR B 354 5.64 -35.33 -21.64
C THR B 354 6.06 -33.93 -21.26
N ARG B 355 5.43 -33.36 -20.26
CA ARG B 355 5.71 -32.00 -19.91
C ARG B 355 5.26 -31.77 -18.48
N HIS B 356 6.11 -31.07 -17.71
CA HIS B 356 5.82 -30.64 -16.35
C HIS B 356 4.59 -29.74 -16.29
N ALA B 357 3.80 -29.78 -15.22
CA ALA B 357 2.55 -29.00 -15.20
C ALA B 357 2.79 -27.56 -14.77
N ASP B 358 3.30 -26.73 -15.68
CA ASP B 358 3.59 -25.33 -15.38
C ASP B 358 2.37 -24.51 -15.09
N VAL B 359 1.21 -24.99 -15.54
CA VAL B 359 -0.02 -24.24 -15.38
C VAL B 359 -0.35 -24.03 -13.89
N VAL B 360 0.15 -24.91 -13.02
CA VAL B 360 -0.17 -24.79 -11.60
C VAL B 360 0.41 -23.50 -11.00
N LYS B 361 1.72 -23.32 -11.14
CA LYS B 361 2.33 -22.10 -10.62
C LYS B 361 1.86 -20.88 -11.40
N LEU B 362 1.58 -21.02 -12.70
CA LEU B 362 1.12 -19.87 -13.48
C LEU B 362 -0.24 -19.41 -12.94
N TRP B 363 -1.14 -20.36 -12.77
CA TRP B 363 -2.50 -20.00 -12.38
C TRP B 363 -2.57 -19.45 -10.94
N LEU B 364 -1.83 -20.05 -10.03
CA LEU B 364 -1.80 -19.58 -8.66
C LEU B 364 -1.13 -18.22 -8.55
N THR B 365 -0.13 -17.98 -9.38
CA THR B 365 0.57 -16.70 -9.29
C THR B 365 -0.27 -15.57 -9.86
N LEU B 366 -0.86 -15.81 -11.02
CA LEU B 366 -1.76 -14.85 -11.63
C LEU B 366 -2.92 -14.45 -10.69
N GLN B 367 -3.50 -15.44 -9.99
CA GLN B 367 -4.57 -15.14 -9.03
C GLN B 367 -4.09 -14.34 -7.81
N HIS B 368 -2.90 -14.69 -7.30
CA HIS B 368 -2.40 -14.05 -6.07
C HIS B 368 -1.97 -12.61 -6.34
N ILE B 369 -1.28 -12.38 -7.46
CA ILE B 369 -0.80 -11.03 -7.76
C ILE B 369 -1.89 -10.20 -8.44
N GLY B 370 -2.65 -10.81 -9.34
CA GLY B 370 -3.72 -10.10 -10.01
C GLY B 370 -3.23 -9.12 -11.07
N GLN B 371 -4.15 -8.62 -11.88
CA GLN B 371 -3.79 -7.65 -12.90
C GLN B 371 -3.39 -6.31 -12.28
N GLN B 372 -4.00 -5.98 -11.14
CA GLN B 372 -3.62 -4.75 -10.45
C GLN B 372 -2.19 -4.88 -9.94
N GLY B 373 -1.85 -6.07 -9.45
CA GLY B 373 -0.54 -6.28 -8.87
C GLY B 373 0.55 -6.13 -9.91
N TYR B 374 0.37 -6.77 -11.06
CA TYR B 374 1.32 -6.66 -12.16
C TYR B 374 1.45 -5.22 -12.69
N ALA B 375 0.34 -4.51 -12.78
CA ALA B 375 0.40 -3.10 -13.22
C ALA B 375 1.27 -2.28 -12.28
N ARG B 376 1.17 -2.55 -10.99
CA ARG B 376 2.02 -1.83 -10.00
C ARG B 376 3.50 -2.23 -10.10
N LEU B 377 3.75 -3.54 -10.20
CA LEU B 377 5.09 -4.07 -10.36
C LEU B 377 5.76 -3.46 -11.60
N ILE B 378 5.03 -3.46 -12.70
CA ILE B 378 5.54 -2.93 -13.98
C ILE B 378 5.86 -1.45 -13.87
N ASP B 379 4.93 -0.66 -13.33
CA ASP B 379 5.18 0.77 -13.17
C ASP B 379 6.45 1.07 -12.36
N ASP B 380 6.61 0.36 -11.26
CA ASP B 380 7.80 0.56 -10.43
C ASP B 380 9.09 0.15 -11.17
N GLY B 381 9.03 -0.87 -12.01
CA GLY B 381 10.14 -1.21 -12.88
C GLY B 381 10.53 -0.06 -13.82
N TYR B 382 9.54 0.53 -14.48
CA TYR B 382 9.80 1.70 -15.31
C TYR B 382 10.39 2.84 -14.48
N ARG B 383 9.97 3.01 -13.24
CA ARG B 383 10.48 4.14 -12.49
C ARG B 383 11.97 3.94 -12.15
N LEU B 384 12.35 2.71 -11.78
CA LEU B 384 13.75 2.39 -11.53
C LEU B 384 14.59 2.55 -12.81
N ALA B 385 14.06 2.06 -13.94
CA ALA B 385 14.74 2.19 -15.22
C ALA B 385 14.95 3.67 -15.57
N GLU B 386 13.92 4.48 -15.31
CA GLU B 386 14.00 5.90 -15.61
C GLU B 386 15.03 6.60 -14.70
N ARG B 387 15.20 6.09 -13.49
CA ARG B 387 16.21 6.59 -12.59
C ARG B 387 17.63 6.27 -13.12
N VAL B 388 17.82 5.07 -13.68
CA VAL B 388 19.09 4.71 -14.30
C VAL B 388 19.34 5.62 -15.51
N VAL B 389 18.34 5.84 -16.35
CA VAL B 389 18.47 6.69 -17.53
C VAL B 389 18.91 8.10 -17.16
N GLU B 390 18.26 8.67 -16.15
CA GLU B 390 18.61 9.99 -15.65
C GLU B 390 20.05 10.03 -15.13
N GLY B 391 20.43 9.03 -14.33
CA GLY B 391 21.78 8.90 -13.82
C GLY B 391 22.84 8.89 -14.92
N VAL B 392 22.56 8.14 -15.97
CA VAL B 392 23.46 8.06 -17.12
C VAL B 392 23.59 9.39 -17.86
N ARG B 393 22.46 10.05 -18.07
CA ARG B 393 22.41 11.32 -18.77
C ARG B 393 23.18 12.43 -18.04
N GLN B 394 23.32 12.30 -16.73
CA GLN B 394 24.05 13.27 -15.93
C GLN B 394 25.57 13.09 -16.01
N ARG B 395 26.02 11.96 -16.55
CA ARG B 395 27.44 11.61 -16.54
C ARG B 395 28.00 11.50 -17.96
N PRO B 396 28.78 12.52 -18.40
CA PRO B 396 29.27 12.62 -19.79
C PRO B 396 30.10 11.44 -20.23
N PHE B 397 30.73 10.73 -19.30
CA PHE B 397 31.58 9.60 -19.66
C PHE B 397 30.77 8.31 -19.86
N LEU B 398 29.45 8.37 -19.71
CA LEU B 398 28.58 7.23 -19.93
C LEU B 398 27.64 7.51 -21.08
N ARG B 399 27.32 6.48 -21.84
CA ARG B 399 26.37 6.63 -22.94
C ARG B 399 25.25 5.60 -22.87
N LEU B 400 24.01 6.06 -23.11
CA LEU B 400 22.87 5.15 -23.27
C LEU B 400 22.88 4.47 -24.64
N ALA B 401 22.47 3.21 -24.69
CA ALA B 401 22.31 2.51 -25.97
C ALA B 401 21.21 3.18 -26.82
N GLY B 402 20.24 3.79 -26.15
CA GLY B 402 19.16 4.48 -26.83
C GLY B 402 17.94 4.63 -25.94
N GLU B 403 16.84 5.10 -26.51
CA GLU B 403 15.57 5.20 -25.80
C GLU B 403 15.17 3.83 -25.22
N ILE B 404 14.51 3.85 -24.08
CA ILE B 404 14.03 2.63 -23.47
C ILE B 404 12.54 2.42 -23.71
N ASP B 405 12.15 1.18 -23.94
CA ASP B 405 10.76 0.79 -24.09
C ASP B 405 10.20 -0.03 -22.90
N THR B 406 11.08 -0.54 -22.06
CA THR B 406 10.72 -1.42 -20.95
C THR B 406 11.63 -1.12 -19.78
N ASN B 407 11.51 -1.88 -18.71
CA ASN B 407 12.32 -1.64 -17.53
C ASN B 407 13.73 -2.23 -17.68
N ILE B 408 14.34 -1.96 -18.82
CA ILE B 408 15.69 -2.37 -19.11
C ILE B 408 16.51 -1.18 -19.64
N VAL B 409 17.69 -0.99 -19.07
CA VAL B 409 18.60 0.04 -19.55
C VAL B 409 19.99 -0.53 -19.85
N CYS B 410 20.42 -0.36 -21.08
CA CYS B 410 21.73 -0.80 -21.49
C CYS B 410 22.50 0.49 -21.72
N PHE B 411 23.67 0.56 -21.12
CA PHE B 411 24.51 1.75 -21.20
C PHE B 411 25.94 1.31 -21.05
N ARG B 412 26.90 2.18 -21.37
CA ARG B 412 28.29 1.85 -21.15
C ARG B 412 29.17 3.09 -20.99
N GLY B 413 30.35 2.88 -20.41
CA GLY B 413 31.37 3.90 -20.37
C GLY B 413 31.97 4.10 -21.74
N GLU B 414 32.14 5.35 -22.14
CA GLU B 414 32.95 5.68 -23.29
C GLU B 414 33.85 6.85 -22.89
N PRO B 415 34.77 6.61 -21.93
CA PRO B 415 35.57 7.68 -21.33
C PRO B 415 36.58 8.27 -22.32
N ASP B 416 36.69 9.59 -22.38
CA ASP B 416 37.58 10.20 -23.37
C ASP B 416 39.04 10.16 -22.91
N TRP B 417 39.27 9.62 -21.72
CA TRP B 417 40.63 9.44 -21.21
C TRP B 417 41.20 8.08 -21.59
N LEU B 418 40.44 7.33 -22.38
CA LEU B 418 40.93 6.11 -22.97
C LEU B 418 40.63 6.14 -24.45
N PRO B 419 41.46 5.46 -25.25
CA PRO B 419 41.09 5.21 -26.64
C PRO B 419 39.97 4.16 -26.67
N ALA B 420 39.18 4.17 -27.73
CA ALA B 420 38.00 3.32 -27.85
C ALA B 420 38.29 1.82 -27.64
N GLU B 421 39.46 1.35 -28.05
CA GLU B 421 39.75 -0.07 -27.93
C GLU B 421 40.01 -0.51 -26.49
N ARG B 422 40.06 0.44 -25.56
CA ARG B 422 40.17 0.11 -24.14
C ARG B 422 38.81 0.18 -23.42
N TRP B 423 37.75 0.51 -24.15
CA TRP B 423 36.45 0.69 -23.53
C TRP B 423 35.85 -0.60 -22.99
N ASP B 424 36.08 -1.71 -23.69
CA ASP B 424 35.60 -3.01 -23.22
C ASP B 424 36.20 -3.37 -21.86
N ASP B 425 37.49 -3.08 -21.68
CA ASP B 425 38.14 -3.42 -20.43
C ASP B 425 37.65 -2.54 -19.28
N TRP B 426 37.41 -1.27 -19.60
CA TRP B 426 36.91 -0.32 -18.63
C TRP B 426 35.54 -0.80 -18.11
N ASN B 427 34.67 -1.18 -19.04
CA ASN B 427 33.33 -1.59 -18.66
C ASN B 427 33.36 -2.94 -17.94
N ALA B 428 34.28 -3.82 -18.32
CA ALA B 428 34.40 -5.09 -17.63
C ALA B 428 34.89 -4.87 -16.20
N ALA B 429 35.81 -3.91 -16.06
CA ALA B 429 36.36 -3.61 -14.75
C ALA B 429 35.27 -2.97 -13.87
N LEU B 430 34.48 -2.08 -14.44
CA LEU B 430 33.39 -1.44 -13.70
C LEU B 430 32.42 -2.50 -13.22
N GLN B 431 32.05 -3.41 -14.12
CA GLN B 431 31.04 -4.43 -13.76
C GLN B 431 31.56 -5.30 -12.63
N ALA B 432 32.86 -5.61 -12.68
CA ALA B 432 33.44 -6.48 -11.68
C ALA B 432 33.51 -5.74 -10.34
N LEU B 433 33.80 -4.44 -10.39
CA LEU B 433 33.89 -3.62 -9.18
C LEU B 433 32.53 -3.41 -8.50
N LEU B 434 31.50 -3.18 -9.31
CA LEU B 434 30.13 -3.09 -8.80
C LEU B 434 29.73 -4.35 -8.04
N LEU B 435 30.04 -5.52 -8.60
CA LEU B 435 29.70 -6.77 -7.94
C LEU B 435 30.48 -6.96 -6.64
N ARG B 436 31.81 -6.81 -6.71
CA ARG B 436 32.66 -7.08 -5.55
C ARG B 436 32.46 -6.08 -4.44
N GLU B 437 32.48 -4.79 -4.76
CA GLU B 437 32.42 -3.72 -3.76
C GLU B 437 31.00 -3.25 -3.45
N GLY B 438 30.19 -3.13 -4.50
CA GLY B 438 28.84 -2.64 -4.34
C GLY B 438 27.81 -3.70 -4.01
N LYS B 439 28.15 -4.98 -4.21
CA LYS B 439 27.19 -6.09 -4.11
C LYS B 439 26.04 -5.85 -5.09
N ILE B 440 26.37 -5.31 -6.27
CA ILE B 440 25.40 -5.00 -7.30
C ILE B 440 25.77 -5.74 -8.59
N PHE B 441 24.82 -6.50 -9.10
CA PHE B 441 25.03 -7.25 -10.33
C PHE B 441 24.38 -6.61 -11.56
N LEU B 442 25.20 -6.14 -12.49
CA LEU B 442 24.78 -5.80 -13.84
C LEU B 442 25.29 -6.89 -14.79
N SER B 443 24.61 -7.14 -15.90
CA SER B 443 25.17 -8.08 -16.88
C SER B 443 25.99 -7.30 -17.88
N LEU B 444 26.79 -7.98 -18.69
CA LEU B 444 27.71 -7.32 -19.63
C LEU B 444 27.68 -7.98 -21.00
N PRO B 445 26.59 -7.77 -21.77
CA PRO B 445 26.48 -8.42 -23.09
C PRO B 445 27.40 -7.80 -24.14
N VAL B 446 27.71 -8.53 -25.20
CA VAL B 446 28.21 -7.90 -26.42
C VAL B 446 27.05 -7.21 -27.15
N TYR B 447 27.22 -5.96 -27.50
CA TYR B 447 26.23 -5.23 -28.30
C TYR B 447 26.93 -4.24 -29.22
N ARG B 448 26.50 -4.19 -30.48
CA ARG B 448 27.13 -3.31 -31.48
C ARG B 448 28.64 -3.45 -31.51
N GLY B 449 29.15 -4.67 -31.39
CA GLY B 449 30.59 -4.91 -31.39
C GLY B 449 31.38 -4.55 -30.15
N GLY B 450 30.71 -4.12 -29.07
CA GLY B 450 31.41 -3.86 -27.82
C GLY B 450 30.74 -4.43 -26.57
N ARG B 451 31.36 -4.22 -25.42
CA ARG B 451 30.83 -4.66 -24.15
C ARG B 451 29.97 -3.57 -23.49
N TRP B 452 28.69 -3.87 -23.29
CA TRP B 452 27.79 -2.90 -22.67
C TRP B 452 27.26 -3.35 -21.32
N LEU B 453 27.09 -2.42 -20.39
CA LEU B 453 26.49 -2.72 -19.10
C LEU B 453 24.96 -2.84 -19.32
N ARG B 454 24.29 -3.70 -18.55
CA ARG B 454 22.86 -3.95 -18.76
C ARG B 454 22.12 -4.15 -17.44
N ALA B 455 21.19 -3.23 -17.17
CA ALA B 455 20.30 -3.26 -16.01
C ALA B 455 18.89 -3.71 -16.41
N VAL B 456 18.41 -4.72 -15.70
CA VAL B 456 17.03 -5.21 -15.83
C VAL B 456 16.41 -4.98 -14.45
N LEU B 457 15.48 -4.04 -14.33
CA LEU B 457 15.05 -3.61 -12.99
C LEU B 457 13.80 -4.38 -12.57
N LEU B 458 14.00 -5.63 -12.15
CA LEU B 458 12.89 -6.57 -11.93
C LEU B 458 12.59 -6.88 -10.47
N ASN B 459 13.62 -6.92 -9.63
CA ASN B 459 13.41 -7.29 -8.23
C ASN B 459 12.49 -6.28 -7.59
N PRO B 460 11.35 -6.73 -7.05
CA PRO B 460 10.44 -5.77 -6.40
C PRO B 460 11.09 -5.07 -5.23
N TYR B 461 12.19 -5.61 -4.72
CA TYR B 461 12.88 -5.00 -3.56
C TYR B 461 14.10 -4.17 -3.95
N THR B 462 14.29 -4.00 -5.25
CA THR B 462 15.28 -3.05 -5.72
C THR B 462 14.73 -1.64 -5.44
N THR B 463 15.56 -0.77 -4.89
CA THR B 463 15.11 0.57 -4.49
C THR B 463 15.88 1.69 -5.17
N ASP B 464 15.40 2.92 -5.00
CA ASP B 464 16.18 4.09 -5.44
C ASP B 464 17.58 4.06 -4.82
N ALA B 465 17.66 3.61 -3.56
CA ALA B 465 18.92 3.60 -2.83
C ALA B 465 19.94 2.70 -3.52
N VAL B 466 19.46 1.59 -4.07
CA VAL B 466 20.32 0.66 -4.79
C VAL B 466 20.90 1.35 -6.02
N ILE B 467 20.02 2.01 -6.78
CA ILE B 467 20.47 2.66 -7.99
C ILE B 467 21.47 3.76 -7.64
N ASP B 468 21.20 4.48 -6.55
CA ASP B 468 22.11 5.52 -6.05
C ASP B 468 23.48 4.95 -5.68
N ALA B 469 23.48 3.81 -4.98
CA ALA B 469 24.72 3.13 -4.60
C ALA B 469 25.52 2.75 -5.84
N MET B 470 24.81 2.32 -6.86
CA MET B 470 25.42 1.91 -8.10
C MET B 470 26.19 3.08 -8.69
N PHE B 471 25.51 4.22 -8.87
CA PHE B 471 26.17 5.38 -9.44
C PHE B 471 27.27 5.96 -8.55
N LYS B 472 27.15 5.79 -7.23
CA LYS B 472 28.23 6.20 -6.34
C LYS B 472 29.51 5.43 -6.67
N GLN B 473 29.37 4.11 -6.79
CA GLN B 473 30.47 3.23 -7.16
C GLN B 473 31.03 3.60 -8.55
N ILE B 474 30.12 3.86 -9.50
CA ILE B 474 30.50 4.27 -10.83
C ILE B 474 31.34 5.56 -10.77
N ASP B 475 30.89 6.52 -9.97
CA ASP B 475 31.58 7.80 -9.86
C ASP B 475 32.99 7.60 -9.27
N ARG B 476 33.08 6.84 -8.19
CA ARG B 476 34.38 6.51 -7.60
C ARG B 476 35.32 5.86 -8.62
N PHE B 477 34.85 4.88 -9.37
CA PHE B 477 35.67 4.18 -10.37
C PHE B 477 36.20 5.13 -11.45
N ALA B 478 35.40 6.12 -11.84
CA ALA B 478 35.81 7.04 -12.89
C ALA B 478 36.52 8.30 -12.34
N GLY B 479 36.81 8.32 -11.05
CA GLY B 479 37.44 9.47 -10.42
C GLY B 479 36.50 10.66 -10.30
N ARG B 480 35.23 10.35 -10.05
CA ARG B 480 34.12 11.33 -10.01
C ARG B 480 34.06 12.17 -11.27
N ASN C 2 4.20 8.60 -0.49
CA ASN C 2 4.61 7.31 0.06
C ASN C 2 3.49 6.67 0.88
N ALA C 3 3.18 7.27 2.03
CA ALA C 3 2.17 6.71 2.93
C ALA C 3 0.84 6.47 2.22
N MET C 4 0.48 7.39 1.33
CA MET C 4 -0.85 7.33 0.73
C MET C 4 -0.95 6.26 -0.35
N ASP C 5 0.16 5.63 -0.68
CA ASP C 5 0.17 4.49 -1.60
C ASP C 5 0.26 3.17 -0.84
N SER C 6 0.53 3.26 0.47
CA SER C 6 0.76 2.08 1.27
C SER C 6 -0.55 1.42 1.68
N ARG C 7 -0.48 0.26 2.30
CA ARG C 7 -1.70 -0.46 2.67
C ARG C 7 -2.14 -0.09 4.08
N PHE C 8 -1.49 0.92 4.65
CA PHE C 8 -1.77 1.32 6.02
C PHE C 8 -2.60 2.60 6.10
N LEU C 9 -2.82 3.24 4.96
CA LEU C 9 -3.73 4.38 4.89
C LEU C 9 -4.88 4.13 3.92
N PRO C 10 -6.10 4.52 4.31
CA PRO C 10 -7.20 4.47 3.35
C PRO C 10 -6.91 5.46 2.21
N ALA C 11 -7.39 5.14 1.01
CA ALA C 11 -7.03 5.93 -0.17
C ALA C 11 -7.60 7.36 -0.09
N THR C 12 -8.62 7.55 0.75
CA THR C 12 -9.25 8.86 0.93
C THR C 12 -8.87 9.61 2.20
N ALA C 13 -7.80 9.19 2.88
CA ALA C 13 -7.39 9.80 4.14
C ALA C 13 -7.06 11.29 3.98
N PHE C 14 -6.47 11.61 2.83
CA PHE C 14 -6.14 12.97 2.41
C PHE C 14 -6.62 13.20 0.99
N ILE C 15 -6.60 14.46 0.57
CA ILE C 15 -7.01 14.78 -0.78
C ILE C 15 -5.74 14.97 -1.59
N ASP C 16 -5.59 14.13 -2.61
CA ASP C 16 -4.37 14.14 -3.42
C ASP C 16 -4.31 15.49 -4.13
N PRO C 17 -3.21 16.22 -3.97
CA PRO C 17 -3.15 17.58 -4.51
C PRO C 17 -2.93 17.60 -6.03
N GLU C 18 -2.93 16.43 -6.64
CA GLU C 18 -2.82 16.33 -8.09
C GLU C 18 -4.01 15.57 -8.65
N GLY C 19 -5.07 15.46 -7.85
CA GLY C 19 -6.31 14.88 -8.32
C GLY C 19 -6.34 13.36 -8.43
N ARG C 20 -5.25 12.69 -8.04
CA ARG C 20 -5.16 11.25 -8.24
C ARG C 20 -6.23 10.45 -7.52
N ASN C 21 -6.80 11.00 -6.45
CA ASN C 21 -7.87 10.25 -5.79
C ASN C 21 -9.20 11.00 -5.81
N ARG C 22 -9.35 11.92 -6.76
CA ARG C 22 -10.50 12.80 -6.79
C ARG C 22 -11.86 12.07 -6.81
N ASN C 23 -11.99 10.98 -7.58
CA ASN C 23 -13.29 10.29 -7.64
C ASN C 23 -13.71 9.73 -6.29
N GLU C 24 -12.78 9.10 -5.60
CA GLU C 24 -13.08 8.47 -4.33
C GLU C 24 -13.38 9.53 -3.25
N VAL C 25 -12.64 10.62 -3.23
N VAL C 25 -12.58 10.59 -3.24
CA VAL C 25 -12.88 11.66 -2.23
CA VAL C 25 -12.78 11.73 -2.33
C VAL C 25 -14.16 12.44 -2.54
C VAL C 25 -14.14 12.40 -2.56
N GLU C 26 -14.47 12.63 -3.83
CA GLU C 26 -15.73 13.26 -4.20
C GLU C 26 -16.90 12.46 -3.70
N ARG C 27 -16.81 11.15 -3.85
CA ARG C 27 -17.86 10.25 -3.40
C ARG C 27 -18.01 10.30 -1.88
N LEU C 28 -16.86 10.30 -1.18
CA LEU C 28 -16.90 10.32 0.27
C LEU C 28 -17.56 11.63 0.71
N VAL C 29 -17.09 12.73 0.15
CA VAL C 29 -17.57 14.06 0.51
C VAL C 29 -19.06 14.20 0.24
N GLN C 30 -19.48 13.67 -0.90
CA GLN C 30 -20.86 13.85 -1.33
C GLN C 30 -21.80 13.12 -0.40
N GLN C 31 -21.41 11.94 0.04
CA GLN C 31 -22.22 11.19 0.99
C GLN C 31 -22.45 11.96 2.29
N VAL C 32 -21.41 12.60 2.81
CA VAL C 32 -21.53 13.35 4.06
C VAL C 32 -22.36 14.59 3.80
N VAL C 33 -22.08 15.28 2.69
CA VAL C 33 -22.86 16.45 2.28
C VAL C 33 -24.35 16.10 2.19
N ASP C 34 -24.68 15.01 1.50
CA ASP C 34 -26.09 14.60 1.39
C ASP C 34 -26.76 14.26 2.73
N LEU C 35 -26.04 13.57 3.61
CA LEU C 35 -26.60 13.21 4.92
C LEU C 35 -26.92 14.46 5.76
N ILE C 36 -25.98 15.39 5.77
CA ILE C 36 -26.15 16.63 6.53
C ILE C 36 -27.23 17.51 5.91
N LEU C 37 -27.25 17.63 4.58
CA LEU C 37 -28.31 18.40 3.92
C LEU C 37 -29.68 17.80 4.25
N ALA C 38 -29.75 16.48 4.36
CA ALA C 38 -31.03 15.81 4.62
C ALA C 38 -31.49 16.06 6.05
N LYS C 39 -30.56 15.95 6.99
CA LYS C 39 -30.85 16.15 8.41
C LYS C 39 -31.27 17.58 8.75
N LEU C 40 -30.74 18.55 8.02
CA LEU C 40 -31.00 19.96 8.27
C LEU C 40 -32.22 20.48 7.54
N THR C 41 -32.38 20.08 6.27
CA THR C 41 -33.60 20.41 5.53
C THR C 41 -34.80 19.68 6.12
N GLY C 42 -34.53 18.67 6.94
CA GLY C 42 -35.60 17.95 7.61
C GLY C 42 -35.53 18.04 9.13
N ALA C 43 -34.98 19.15 9.64
CA ALA C 43 -34.64 19.26 11.06
C ALA C 43 -35.85 19.20 11.99
N ALA C 44 -37.01 19.60 11.48
CA ALA C 44 -38.26 19.54 12.25
C ALA C 44 -38.69 18.12 12.56
N GLU C 45 -38.16 17.14 11.84
CA GLU C 45 -38.47 15.74 12.09
C GLU C 45 -37.71 15.22 13.31
N ARG C 46 -36.79 16.04 13.83
CA ARG C 46 -36.08 15.71 15.05
C ARG C 46 -36.50 16.65 16.16
N PRO C 47 -36.78 16.12 17.36
CA PRO C 47 -37.17 16.96 18.50
C PRO C 47 -36.05 17.93 18.91
N PRO C 48 -36.38 19.02 19.64
CA PRO C 48 -35.37 20.01 20.00
C PRO C 48 -34.22 19.44 20.82
N MET C 49 -34.52 18.48 21.68
CA MET C 49 -33.53 17.75 22.44
C MET C 49 -33.64 16.27 22.04
N PRO C 50 -32.52 15.53 22.12
CA PRO C 50 -32.57 14.13 21.68
C PRO C 50 -33.06 13.21 22.80
N GLU C 51 -33.51 12.01 22.44
CA GLU C 51 -33.94 11.04 23.44
C GLU C 51 -32.74 10.36 24.09
N THR C 52 -31.84 9.82 23.27
CA THR C 52 -30.55 9.24 23.71
C THR C 52 -29.77 8.72 22.51
N LEU C 55 -26.39 5.83 26.84
CA LEU C 55 -25.20 6.01 27.67
C LEU C 55 -24.05 5.18 27.09
N PRO C 56 -23.06 5.87 26.49
CA PRO C 56 -21.94 5.23 25.78
C PRO C 56 -20.96 4.53 26.72
N GLY C 57 -20.26 3.51 26.20
CA GLY C 57 -19.21 2.83 26.94
C GLY C 57 -17.85 3.38 26.54
N PRO C 58 -16.77 2.80 27.09
CA PRO C 58 -15.39 3.24 26.82
C PRO C 58 -15.06 3.27 25.32
N ILE C 59 -14.22 4.21 24.94
CA ILE C 59 -13.89 4.45 23.55
C ILE C 59 -12.52 3.85 23.29
N THR C 60 -12.33 3.22 22.13
CA THR C 60 -11.00 2.79 21.74
C THR C 60 -10.66 3.32 20.35
N ILE C 61 -9.45 3.84 20.20
CA ILE C 61 -8.98 4.34 18.91
C ILE C 61 -8.57 3.16 18.05
N PRO C 62 -9.23 2.96 16.90
CA PRO C 62 -8.96 1.72 16.18
C PRO C 62 -7.52 1.62 15.65
N GLU C 63 -7.02 0.39 15.62
CA GLU C 63 -5.75 0.11 15.00
C GLU C 63 -5.79 0.39 13.51
N ALA C 64 -6.84 -0.11 12.86
CA ALA C 64 -6.91 -0.02 11.41
C ALA C 64 -8.01 0.95 10.96
N ALA C 65 -7.93 1.38 9.71
CA ALA C 65 -8.85 2.33 9.13
C ALA C 65 -10.30 1.87 9.23
N ALA C 66 -11.17 2.76 9.69
CA ALA C 66 -12.59 2.46 9.69
C ALA C 66 -13.12 2.57 8.28
N THR C 67 -14.16 1.81 7.98
CA THR C 67 -14.81 1.85 6.68
C THR C 67 -15.63 3.11 6.55
N GLU C 68 -15.85 3.56 5.31
CA GLU C 68 -16.70 4.69 5.08
C GLU C 68 -18.12 4.46 5.65
N ALA C 69 -18.56 3.20 5.70
CA ALA C 69 -19.87 2.85 6.28
C ALA C 69 -19.93 3.14 7.80
N THR C 70 -18.89 2.72 8.50
CA THR C 70 -18.73 3.02 9.90
C THR C 70 -18.72 4.55 10.16
N LEU C 71 -18.01 5.26 9.30
CA LEU C 71 -17.85 6.71 9.42
C LEU C 71 -19.19 7.44 9.25
N LEU C 72 -19.92 7.10 8.20
CA LEU C 72 -21.22 7.70 7.97
C LEU C 72 -22.19 7.37 9.09
N GLN C 73 -22.19 6.13 9.57
CA GLN C 73 -23.03 5.78 10.71
C GLN C 73 -22.67 6.60 11.96
N ALA C 74 -21.38 6.80 12.22
CA ALA C 74 -20.96 7.63 13.34
C ALA C 74 -21.56 9.02 13.21
N ILE C 75 -21.46 9.60 12.02
CA ILE C 75 -22.01 10.93 11.78
C ILE C 75 -23.52 10.94 12.01
N ARG C 76 -24.21 9.94 11.47
CA ARG C 76 -25.65 9.84 11.66
C ARG C 76 -25.99 9.80 13.16
N ASP C 77 -25.32 8.93 13.92
CA ASP C 77 -25.53 8.87 15.36
C ASP C 77 -25.23 10.22 16.05
N MET C 78 -24.12 10.86 15.69
CA MET C 78 -23.75 12.14 16.28
C MET C 78 -24.82 13.18 16.03
N VAL C 79 -25.33 13.21 14.80
CA VAL C 79 -26.38 14.14 14.42
C VAL C 79 -27.66 13.83 15.20
N ASP C 80 -28.08 12.56 15.21
CA ASP C 80 -29.31 12.17 15.92
C ASP C 80 -29.25 12.42 17.43
N GLY C 81 -28.06 12.37 18.00
CA GLY C 81 -27.92 12.52 19.44
C GLY C 81 -27.54 13.93 19.88
N SER C 82 -27.58 14.88 18.95
CA SER C 82 -27.21 16.26 19.26
C SER C 82 -28.44 17.09 19.63
N MET C 83 -28.24 18.21 20.32
CA MET C 83 -29.37 19.12 20.51
C MET C 83 -29.67 19.72 19.13
N ASN C 84 -30.90 20.19 18.95
CA ASN C 84 -31.39 20.60 17.65
C ASN C 84 -32.08 21.97 17.64
N PRO C 85 -31.29 23.03 17.74
CA PRO C 85 -31.80 24.41 17.70
C PRO C 85 -32.54 24.72 16.41
N ALA C 86 -32.38 23.90 15.38
CA ALA C 86 -33.07 24.15 14.13
C ALA C 86 -34.57 23.84 14.23
N ASN C 87 -34.96 22.99 15.18
CA ASN C 87 -36.37 22.78 15.42
C ASN C 87 -37.07 24.05 15.87
N PRO C 88 -38.21 24.38 15.29
CA PRO C 88 -38.90 25.63 15.60
C PRO C 88 -39.29 25.73 17.08
N GLY C 89 -39.44 24.58 17.71
CA GLY C 89 -39.69 24.46 19.14
C GLY C 89 -38.54 24.83 20.04
N TYR C 90 -37.34 24.93 19.50
CA TYR C 90 -36.20 25.22 20.34
C TYR C 90 -36.17 26.71 20.60
N ILE C 91 -36.56 27.05 21.82
CA ILE C 91 -36.69 28.43 22.24
C ILE C 91 -36.01 28.72 23.57
N GLY C 92 -35.02 27.92 23.92
CA GLY C 92 -34.45 27.97 25.25
C GLY C 92 -33.08 28.52 25.54
N HIS C 93 -32.25 28.69 24.51
CA HIS C 93 -30.86 29.09 24.71
C HIS C 93 -30.33 30.10 23.68
N MET C 94 -29.23 30.77 24.02
CA MET C 94 -28.59 31.66 23.06
C MET C 94 -27.73 30.82 22.13
N ASP C 95 -28.30 29.76 21.61
CA ASP C 95 -27.65 28.92 20.65
C ASP C 95 -28.63 28.68 19.53
N PRO C 96 -28.33 29.26 18.40
CA PRO C 96 -29.25 29.26 17.27
C PRO C 96 -28.85 28.29 16.18
N MET C 97 -29.80 27.95 15.29
CA MET C 97 -29.45 27.26 14.06
C MET C 97 -28.44 28.14 13.33
N PRO C 98 -27.44 27.53 12.64
CA PRO C 98 -26.42 28.35 11.97
C PRO C 98 -26.88 28.94 10.64
N ALA C 99 -26.33 30.10 10.29
CA ALA C 99 -26.49 30.61 8.93
C ALA C 99 -25.87 29.62 7.97
N THR C 100 -26.50 29.48 6.81
CA THR C 100 -25.99 28.62 5.74
C THR C 100 -24.52 28.95 5.38
N MET C 101 -24.21 30.24 5.24
CA MET C 101 -22.85 30.61 4.89
C MET C 101 -21.87 30.42 6.04
N ALA C 102 -22.36 30.24 7.26
CA ALA C 102 -21.44 29.96 8.36
C ALA C 102 -21.00 28.51 8.29
N ILE C 103 -21.92 27.65 7.89
CA ILE C 103 -21.62 26.22 7.75
C ILE C 103 -20.59 26.10 6.64
N LEU C 104 -20.87 26.78 5.54
CA LEU C 104 -20.00 26.74 4.38
C LEU C 104 -18.67 27.44 4.64
N GLY C 105 -18.71 28.51 5.41
CA GLY C 105 -17.48 29.17 5.83
C GLY C 105 -16.53 28.24 6.58
N ASP C 106 -17.08 27.40 7.45
CA ASP C 106 -16.22 26.50 8.22
C ASP C 106 -15.69 25.37 7.33
N LEU C 107 -16.44 25.04 6.28
CA LEU C 107 -15.99 24.05 5.29
C LEU C 107 -14.77 24.59 4.58
N VAL C 108 -14.90 25.81 4.08
CA VAL C 108 -13.81 26.49 3.41
C VAL C 108 -12.62 26.65 4.36
N ALA C 109 -12.87 27.07 5.61
CA ALA C 109 -11.78 27.28 6.58
C ALA C 109 -11.01 25.98 6.86
N ALA C 110 -11.74 24.91 7.10
CA ALA C 110 -11.08 23.63 7.40
C ALA C 110 -10.26 23.15 6.19
N ALA C 111 -10.82 23.41 5.00
CA ALA C 111 -10.21 22.94 3.75
C ALA C 111 -8.84 23.58 3.50
N VAL C 112 -8.74 24.91 3.56
CA VAL C 112 -7.43 25.54 3.40
C VAL C 112 -6.57 25.45 4.66
N ASN C 113 -7.20 25.28 5.83
CA ASN C 113 -6.48 24.98 7.07
C ASN C 113 -5.35 25.96 7.38
N ASN C 114 -5.66 27.24 7.24
CA ASN C 114 -4.69 28.28 7.56
C ASN C 114 -4.69 28.53 9.08
N ASN C 115 -3.72 29.28 9.57
CA ASN C 115 -3.51 29.43 11.00
C ASN C 115 -3.41 30.91 11.38
N MET C 116 -4.25 31.39 12.29
CA MET C 116 -4.30 32.82 12.58
C MET C 116 -3.13 33.29 13.43
N LEU C 117 -2.31 32.34 13.88
CA LEU C 117 -1.14 32.61 14.72
C LEU C 117 -0.25 33.72 14.13
N SER C 118 0.01 33.67 12.83
CA SER C 118 0.89 34.66 12.24
C SER C 118 0.44 34.98 10.82
N LEU C 119 0.95 36.08 10.29
CA LEU C 119 0.53 36.56 8.98
C LEU C 119 0.88 35.56 7.87
N GLU C 120 2.02 34.87 7.99
CA GLU C 120 2.51 34.04 6.89
C GLU C 120 1.78 32.70 6.87
N MET C 121 1.13 32.38 7.98
CA MET C 121 0.28 31.19 8.08
C MET C 121 -1.19 31.48 7.75
N SER C 122 -1.54 32.76 7.60
CA SER C 122 -2.89 33.16 7.21
C SER C 122 -2.87 34.49 6.47
N PRO C 123 -2.22 34.55 5.29
CA PRO C 123 -2.00 35.84 4.62
C PRO C 123 -3.27 36.58 4.22
N SER C 124 -4.30 35.88 3.74
CA SER C 124 -5.55 36.56 3.44
C SER C 124 -6.45 36.75 4.66
N PHE C 125 -6.38 35.82 5.61
CA PHE C 125 -7.36 35.86 6.71
C PHE C 125 -6.97 36.88 7.79
N SER C 126 -5.68 36.99 8.07
CA SER C 126 -5.19 37.90 9.11
C SER C 126 -5.61 39.33 8.81
N ARG C 127 -5.31 39.81 7.60
CA ARG C 127 -5.67 41.17 7.26
C ARG C 127 -7.18 41.36 7.19
N LEU C 128 -7.91 40.37 6.69
CA LEU C 128 -9.35 40.51 6.66
C LEU C 128 -9.91 40.64 8.09
N GLU C 129 -9.41 39.82 9.01
CA GLU C 129 -9.92 39.88 10.39
C GLU C 129 -9.65 41.25 10.99
N THR C 130 -8.41 41.70 10.90
CA THR C 130 -8.05 42.99 11.43
C THR C 130 -8.91 44.10 10.84
N LEU C 131 -9.08 44.13 9.51
CA LEU C 131 -9.90 45.15 8.89
C LEU C 131 -11.39 45.05 9.26
N LEU C 132 -11.93 43.83 9.26
CA LEU C 132 -13.32 43.60 9.60
C LEU C 132 -13.62 44.05 11.04
N LEU C 133 -12.71 43.75 11.96
CA LEU C 133 -12.93 44.12 13.38
C LEU C 133 -12.80 45.64 13.59
N ARG C 134 -11.97 46.30 12.79
CA ARG C 134 -11.98 47.75 12.76
C ARG C 134 -13.38 48.26 12.39
N ALA C 135 -13.97 47.72 11.33
CA ALA C 135 -15.30 48.17 10.89
C ALA C 135 -16.35 47.94 11.96
N ILE C 136 -16.28 46.78 12.61
CA ILE C 136 -17.26 46.46 13.64
C ILE C 136 -17.07 47.41 14.83
N ALA C 137 -15.81 47.70 15.18
CA ALA C 137 -15.51 48.62 16.27
C ALA C 137 -16.12 49.98 15.95
N GLY C 138 -16.06 50.35 14.68
CA GLY C 138 -16.75 51.54 14.19
C GLY C 138 -18.24 51.56 14.43
N LEU C 139 -18.93 50.45 14.16
CA LEU C 139 -20.35 50.34 14.43
C LEU C 139 -20.69 50.54 15.92
N PHE C 140 -19.74 50.22 16.79
CA PHE C 140 -19.93 50.43 18.22
C PHE C 140 -19.60 51.85 18.64
N GLY C 141 -18.92 52.60 17.78
CA GLY C 141 -18.63 54.01 18.06
C GLY C 141 -17.33 54.25 18.78
N LEU C 142 -16.44 53.25 18.75
CA LEU C 142 -15.22 53.26 19.56
C LEU C 142 -14.15 54.24 19.09
N GLY C 143 -14.28 54.76 17.87
CA GLY C 143 -13.34 55.77 17.44
C GLY C 143 -12.27 55.24 16.52
N GLU C 144 -11.28 56.06 16.21
CA GLU C 144 -10.37 55.77 15.10
C GLU C 144 -9.25 54.79 15.42
N GLN C 145 -8.86 54.71 16.68
CA GLN C 145 -7.75 53.84 17.08
C GLN C 145 -8.24 52.45 17.45
N ALA C 146 -9.52 52.19 17.25
CA ALA C 146 -10.12 50.97 17.79
C ALA C 146 -9.82 49.79 16.88
N GLY C 147 -9.64 48.63 17.51
CA GLY C 147 -9.49 47.40 16.76
C GLY C 147 -9.62 46.27 17.75
N GLY C 148 -9.37 45.06 17.29
CA GLY C 148 -9.48 43.93 18.16
C GLY C 148 -9.04 42.64 17.54
N VAL C 149 -9.34 41.55 18.23
CA VAL C 149 -9.07 40.22 17.71
C VAL C 149 -10.30 39.33 17.88
N LEU C 150 -10.45 38.35 16.99
CA LEU C 150 -11.38 37.27 17.21
C LEU C 150 -10.81 36.30 18.27
N THR C 151 -11.70 35.76 19.10
CA THR C 151 -11.32 34.79 20.12
C THR C 151 -12.28 33.58 20.07
N SER C 152 -11.79 32.41 20.45
CA SER C 152 -12.66 31.25 20.41
C SER C 152 -13.62 31.27 21.58
N GLY C 153 -14.64 32.11 21.48
CA GLY C 153 -15.57 32.30 22.56
C GLY C 153 -15.45 33.60 23.36
N GLY C 154 -16.55 34.00 23.98
CA GLY C 154 -16.64 35.23 24.75
C GLY C 154 -15.93 35.20 26.09
N SER C 155 -15.75 34.01 26.69
CA SER C 155 -14.96 33.89 27.93
C SER C 155 -13.55 34.36 27.71
N LEU C 156 -13.01 33.98 26.57
CA LEU C 156 -11.66 34.39 26.20
C LEU C 156 -11.62 35.87 25.94
N ALA C 157 -12.69 36.44 25.38
CA ALA C 157 -12.72 37.88 25.14
C ALA C 157 -12.69 38.64 26.47
N ASN C 158 -13.59 38.26 27.38
CA ASN C 158 -13.61 38.86 28.72
C ASN C 158 -12.28 38.68 29.45
N LEU C 159 -11.74 37.46 29.42
CA LEU C 159 -10.41 37.22 30.02
C LEU C 159 -9.36 38.15 29.46
N GLN C 160 -9.38 38.36 28.15
CA GLN C 160 -8.35 39.18 27.56
C GLN C 160 -8.53 40.65 27.94
N ALA C 161 -9.77 41.10 27.92
CA ALA C 161 -10.05 42.49 28.31
C ALA C 161 -9.62 42.76 29.78
N LEU C 162 -9.97 41.84 30.69
CA LEU C 162 -9.58 41.99 32.10
C LEU C 162 -8.06 41.87 32.27
N ALA C 163 -7.42 41.06 31.43
CA ALA C 163 -5.97 40.93 31.49
C ALA C 163 -5.31 42.25 31.13
N VAL C 164 -5.86 42.91 30.11
CA VAL C 164 -5.32 44.19 29.67
C VAL C 164 -5.59 45.25 30.74
N ALA C 165 -6.80 45.22 31.31
CA ALA C 165 -7.19 46.16 32.35
C ALA C 165 -6.29 46.03 33.58
N ARG C 166 -5.91 44.80 33.90
CA ARG C 166 -4.98 44.54 35.00
C ARG C 166 -3.58 45.00 34.65
N ASN C 167 -3.13 44.64 33.45
CA ASN C 167 -1.82 45.03 33.01
C ASN C 167 -1.65 46.55 32.99
N VAL C 168 -2.66 47.29 32.56
CA VAL C 168 -2.55 48.75 32.52
C VAL C 168 -2.47 49.34 33.95
N ALA C 169 -3.29 48.83 34.86
CA ALA C 169 -3.32 49.37 36.22
C ALA C 169 -2.11 48.99 37.08
N PHE C 170 -1.44 47.87 36.79
CA PHE C 170 -0.38 47.39 37.68
C PHE C 170 0.95 47.12 37.00
N ASP C 171 1.05 47.47 35.72
CA ASP C 171 2.24 47.24 34.91
C ASP C 171 2.80 45.81 35.08
N SER C 172 1.93 44.81 34.93
CA SER C 172 2.22 43.46 35.40
C SER C 172 2.63 42.45 34.32
N VAL C 173 2.69 42.87 33.06
CA VAL C 173 3.14 41.96 31.99
C VAL C 173 4.43 41.19 32.39
N GLU C 174 5.48 41.93 32.74
CA GLU C 174 6.78 41.34 33.09
C GLU C 174 6.95 40.87 34.55
N PRO C 175 6.52 41.70 35.54
CA PRO C 175 6.77 41.28 36.92
C PRO C 175 5.61 40.55 37.58
N GLY C 176 4.46 40.49 36.93
CA GLY C 176 3.31 39.83 37.54
C GLY C 176 2.67 40.70 38.61
N ILE C 177 1.78 40.12 39.42
CA ILE C 177 1.07 40.89 40.45
C ILE C 177 1.24 40.35 41.86
N THR C 178 2.20 39.46 42.07
CA THR C 178 2.34 38.80 43.36
C THR C 178 2.85 39.72 44.47
N GLY C 179 3.50 40.83 44.10
CA GLY C 179 4.03 41.73 45.10
C GLY C 179 3.01 42.65 45.77
N LEU C 180 1.82 42.73 45.22
CA LEU C 180 0.85 43.68 45.70
C LEU C 180 0.37 43.42 47.12
N ALA C 181 0.40 44.46 47.96
CA ALA C 181 -0.21 44.44 49.28
C ALA C 181 -1.73 44.60 49.19
N GLN C 182 -2.17 45.53 48.34
CA GLN C 182 -3.59 45.81 48.14
C GLN C 182 -4.18 44.93 47.03
N ARG C 183 -5.17 44.11 47.35
CA ARG C 183 -5.70 43.17 46.36
C ARG C 183 -6.56 43.85 45.28
N PRO C 184 -6.25 43.57 44.00
CA PRO C 184 -7.02 44.14 42.88
C PRO C 184 -8.43 43.58 42.82
N VAL C 185 -9.40 44.43 42.51
CA VAL C 185 -10.79 43.99 42.48
C VAL C 185 -11.53 44.61 41.29
N ILE C 186 -12.57 43.92 40.82
CA ILE C 186 -13.38 44.45 39.74
C ILE C 186 -14.83 44.42 40.19
N PHE C 187 -15.66 45.23 39.55
CA PHE C 187 -17.07 45.30 39.87
C PHE C 187 -17.92 44.82 38.71
N ALA C 188 -18.98 44.08 39.01
CA ALA C 188 -19.88 43.57 37.99
C ALA C 188 -21.24 43.40 38.60
N SER C 189 -22.28 43.45 37.77
CA SER C 189 -23.62 43.20 38.27
C SER C 189 -23.72 41.79 38.83
N GLU C 190 -24.59 41.62 39.83
CA GLU C 190 -24.88 40.29 40.38
C GLU C 190 -25.49 39.36 39.32
N ALA C 191 -25.90 39.91 38.18
CA ALA C 191 -26.48 39.09 37.13
C ALA C 191 -25.49 38.91 35.95
N ALA C 192 -24.25 39.38 36.14
CA ALA C 192 -23.21 39.29 35.11
C ALA C 192 -22.63 37.88 34.96
N HIS C 193 -21.89 37.62 33.90
CA HIS C 193 -21.41 36.28 33.52
C HIS C 193 -20.33 35.61 34.39
N THR C 194 -20.43 34.31 34.58
CA THR C 194 -19.52 33.56 35.43
C THR C 194 -18.10 33.57 34.84
N SER C 195 -17.99 33.92 33.56
CA SER C 195 -16.67 33.96 32.96
C SER C 195 -15.85 35.03 33.61
N LEU C 196 -16.53 35.95 34.31
CA LEU C 196 -15.82 36.98 35.04
C LEU C 196 -15.13 36.34 36.24
N GLN C 197 -15.81 35.54 37.00
CA GLN C 197 -15.11 34.82 38.03
C GLN C 197 -14.02 33.90 37.54
N LYS C 198 -14.30 33.18 36.48
CA LYS C 198 -13.28 32.27 35.95
C LYS C 198 -12.07 33.05 35.48
N ALA C 199 -12.33 34.12 34.73
CA ALA C 199 -11.29 35.05 34.32
C ALA C 199 -10.52 35.57 35.53
N ALA C 200 -11.24 35.95 36.57
CA ALA C 200 -10.59 36.44 37.77
C ALA C 200 -9.66 35.37 38.35
N MET C 201 -10.15 34.13 38.43
CA MET C 201 -9.30 33.03 38.91
C MET C 201 -8.07 32.88 38.02
N LEU C 202 -8.27 32.93 36.71
CA LEU C 202 -7.18 32.70 35.79
C LEU C 202 -6.12 33.78 35.90
N LEU C 203 -6.56 35.02 36.08
CA LEU C 203 -5.64 36.14 36.09
C LEU C 203 -4.92 36.29 37.41
N GLY C 204 -5.15 35.37 38.33
CA GLY C 204 -4.45 35.40 39.60
C GLY C 204 -5.05 36.43 40.56
N LEU C 205 -6.24 36.91 40.24
CA LEU C 205 -6.97 37.83 41.12
C LEU C 205 -7.84 37.06 42.11
N GLY C 206 -8.26 35.84 41.72
CA GLY C 206 -9.10 35.02 42.57
C GLY C 206 -10.56 35.31 42.29
N THR C 207 -11.44 34.35 42.54
CA THR C 207 -12.85 34.55 42.21
C THR C 207 -13.52 35.62 43.09
N ALA C 208 -13.00 35.81 44.31
CA ALA C 208 -13.56 36.80 45.23
C ALA C 208 -13.20 38.22 44.81
N ALA C 209 -12.35 38.36 43.81
CA ALA C 209 -11.97 39.68 43.36
C ALA C 209 -13.10 40.31 42.53
N VAL C 210 -14.12 39.53 42.17
CA VAL C 210 -15.24 40.08 41.43
C VAL C 210 -16.36 40.49 42.38
N ILE C 211 -16.43 41.78 42.68
CA ILE C 211 -17.39 42.28 43.65
C ILE C 211 -18.75 42.48 42.99
N PRO C 212 -19.77 41.77 43.48
CA PRO C 212 -21.10 41.90 42.89
C PRO C 212 -21.75 43.22 43.28
N VAL C 213 -22.37 43.84 42.30
CA VAL C 213 -23.09 45.09 42.49
C VAL C 213 -24.56 44.76 42.41
N ARG C 214 -25.36 45.36 43.28
CA ARG C 214 -26.79 45.11 43.30
C ARG C 214 -27.41 45.41 41.96
N ALA C 215 -28.38 44.59 41.55
CA ALA C 215 -29.10 44.84 40.33
C ALA C 215 -30.58 45.02 40.66
N THR C 216 -31.26 45.84 39.89
CA THR C 216 -32.68 46.11 40.14
C THR C 216 -33.59 44.92 39.95
N ALA C 217 -34.87 45.14 40.17
CA ALA C 217 -35.90 44.14 39.89
C ALA C 217 -35.96 43.77 38.41
N ASP C 218 -35.36 44.58 37.55
CA ASP C 218 -35.32 44.23 36.13
C ASP C 218 -33.90 43.83 35.74
N SER C 219 -33.16 43.35 36.72
CA SER C 219 -31.87 42.71 36.48
C SER C 219 -30.85 43.60 35.80
N ARG C 220 -30.99 44.91 35.96
CA ARG C 220 -29.99 45.87 35.51
C ARG C 220 -29.15 46.38 36.67
N MET C 221 -27.87 46.59 36.42
CA MET C 221 -26.96 47.08 37.45
C MET C 221 -27.42 48.41 38.04
N ASP C 222 -27.37 48.52 39.37
CA ASP C 222 -27.71 49.77 40.06
C ASP C 222 -26.50 50.65 40.22
N PRO C 223 -26.45 51.75 39.45
CA PRO C 223 -25.29 52.64 39.45
C PRO C 223 -25.02 53.25 40.83
N GLU C 224 -26.08 53.47 41.60
CA GLU C 224 -25.91 53.99 42.96
C GLU C 224 -25.11 52.97 43.79
N ASP C 225 -25.49 51.69 43.70
CA ASP C 225 -24.79 50.67 44.47
C ASP C 225 -23.37 50.46 43.99
N LEU C 226 -23.10 50.69 42.70
CA LEU C 226 -21.76 50.62 42.17
C LEU C 226 -20.87 51.65 42.84
N ARG C 227 -21.36 52.88 42.93
CA ARG C 227 -20.56 53.96 43.51
C ARG C 227 -20.22 53.63 44.96
N ALA C 228 -21.20 53.08 45.67
CA ALA C 228 -21.04 52.72 47.06
C ALA C 228 -20.00 51.61 47.22
N ARG C 229 -20.05 50.62 46.33
CA ARG C 229 -19.20 49.45 46.53
C ARG C 229 -17.78 49.81 46.17
N ILE C 230 -17.60 50.77 45.27
CA ILE C 230 -16.26 51.25 44.90
C ILE C 230 -15.60 52.02 46.05
N ASP C 231 -16.36 52.92 46.67
CA ASP C 231 -15.82 53.63 47.82
C ASP C 231 -15.58 52.63 48.96
N GLN C 232 -16.53 51.70 49.15
CA GLN C 232 -16.35 50.67 50.17
C GLN C 232 -15.05 49.89 49.94
N ALA C 233 -14.80 49.48 48.70
CA ALA C 233 -13.59 48.73 48.38
C ALA C 233 -12.33 49.51 48.71
N ARG C 234 -12.30 50.79 48.31
CA ARG C 234 -11.18 51.67 48.62
C ARG C 234 -10.98 51.81 50.12
N GLY C 235 -12.09 51.87 50.84
CA GLY C 235 -12.07 51.94 52.29
C GLY C 235 -11.33 50.75 52.89
N ALA C 236 -11.50 49.58 52.27
CA ALA C 236 -10.93 48.35 52.80
C ALA C 236 -9.52 48.08 52.28
N GLY C 237 -8.90 49.11 51.72
CA GLY C 237 -7.54 49.00 51.20
C GLY C 237 -7.41 48.10 49.98
N GLN C 238 -8.49 47.98 49.21
CA GLN C 238 -8.44 47.26 47.95
C GLN C 238 -8.18 48.21 46.81
N HIS C 239 -7.80 47.68 45.65
CA HIS C 239 -7.47 48.53 44.53
C HIS C 239 -8.35 48.17 43.36
N PRO C 240 -9.53 48.79 43.29
CA PRO C 240 -10.41 48.64 42.13
C PRO C 240 -9.70 49.05 40.86
N PHE C 241 -9.88 48.30 39.78
CA PHE C 241 -9.25 48.69 38.53
C PHE C 241 -10.17 48.50 37.32
N CYS C 242 -11.35 47.93 37.53
CA CYS C 242 -12.25 47.66 36.40
C CYS C 242 -13.73 47.44 36.78
N VAL C 243 -14.60 48.08 35.99
CA VAL C 243 -16.02 47.87 36.11
C VAL C 243 -16.52 47.17 34.85
N VAL C 244 -17.27 46.09 35.02
CA VAL C 244 -17.88 45.40 33.88
C VAL C 244 -19.38 45.64 33.84
N ALA C 245 -19.83 46.29 32.78
CA ALA C 245 -21.25 46.42 32.51
C ALA C 245 -21.67 45.33 31.55
N THR C 246 -22.88 44.80 31.70
CA THR C 246 -23.35 43.70 30.86
C THR C 246 -24.50 44.15 29.96
N ALA C 247 -24.23 44.18 28.67
CA ALA C 247 -25.25 44.48 27.68
C ALA C 247 -25.97 43.22 27.22
N GLY C 248 -26.93 42.79 28.01
CA GLY C 248 -27.62 41.55 27.77
C GLY C 248 -27.16 40.42 28.66
N THR C 249 -27.70 40.39 29.87
CA THR C 249 -27.35 39.40 30.86
C THR C 249 -27.80 38.03 30.38
N THR C 250 -27.03 37.01 30.69
CA THR C 250 -27.31 35.71 30.12
C THR C 250 -28.68 35.17 30.51
N THR C 251 -29.05 35.28 31.78
CA THR C 251 -30.31 34.69 32.22
C THR C 251 -31.51 35.44 31.70
N THR C 252 -31.58 36.74 31.96
CA THR C 252 -32.78 37.50 31.65
C THR C 252 -32.68 38.41 30.41
N GLY C 253 -31.48 38.54 29.84
CA GLY C 253 -31.32 39.35 28.65
C GLY C 253 -31.38 40.86 28.87
N ASN C 254 -31.20 41.31 30.10
CA ASN C 254 -31.27 42.75 30.38
C ASN C 254 -29.97 43.49 30.13
N ILE C 255 -30.09 44.80 29.94
CA ILE C 255 -28.95 45.68 29.65
C ILE C 255 -28.70 46.71 30.77
N ASP C 256 -27.49 46.70 31.33
CA ASP C 256 -27.10 47.67 32.33
C ASP C 256 -27.19 49.10 31.77
N PRO C 257 -27.32 50.11 32.65
CA PRO C 257 -27.31 51.51 32.18
C PRO C 257 -25.89 51.91 31.78
N LEU C 258 -25.52 51.68 30.53
CA LEU C 258 -24.12 51.78 30.11
C LEU C 258 -23.49 53.16 30.31
N ALA C 259 -24.27 54.21 30.04
CA ALA C 259 -23.80 55.58 30.18
C ALA C 259 -23.44 55.90 31.62
N GLU C 260 -24.37 55.60 32.51
CA GLU C 260 -24.17 55.89 33.92
C GLU C 260 -23.00 55.11 34.49
N ILE C 261 -22.97 53.81 34.22
CA ILE C 261 -21.90 52.97 34.74
C ILE C 261 -20.55 53.43 34.22
N GLY C 262 -20.49 53.71 32.93
CA GLY C 262 -19.26 54.21 32.34
C GLY C 262 -18.82 55.53 32.95
N ALA C 263 -19.79 56.38 33.33
CA ALA C 263 -19.45 57.67 33.93
C ALA C 263 -18.80 57.43 35.28
N ILE C 264 -19.34 56.47 36.03
CA ILE C 264 -18.78 56.12 37.32
C ILE C 264 -17.37 55.53 37.19
N ALA C 265 -17.18 54.61 36.23
CA ALA C 265 -15.86 54.05 35.99
C ALA C 265 -14.84 55.15 35.71
N ARG C 266 -15.18 56.05 34.81
CA ARG C 266 -14.22 57.08 34.39
C ARG C 266 -13.91 58.05 35.53
N GLU C 267 -14.88 58.31 36.38
CA GLU C 267 -14.72 59.20 37.53
C GLU C 267 -13.70 58.64 38.49
N HIS C 268 -13.72 57.34 38.68
CA HIS C 268 -12.81 56.67 39.57
C HIS C 268 -11.58 56.06 38.93
N GLY C 269 -11.28 56.41 37.72
CA GLY C 269 -10.13 55.89 37.00
C GLY C 269 -10.11 54.42 36.71
N LEU C 270 -11.27 53.82 36.56
CA LEU C 270 -11.40 52.41 36.31
C LEU C 270 -11.58 52.03 34.83
N TRP C 271 -10.96 50.95 34.43
CA TRP C 271 -11.19 50.44 33.08
C TRP C 271 -12.65 50.09 32.94
N PHE C 272 -13.25 50.52 31.84
CA PHE C 272 -14.66 50.26 31.59
C PHE C 272 -14.83 49.25 30.47
N HIS C 273 -15.20 48.02 30.87
CA HIS C 273 -15.42 46.94 29.91
C HIS C 273 -16.90 46.70 29.80
N VAL C 274 -17.39 46.62 28.59
CA VAL C 274 -18.72 46.21 28.35
C VAL C 274 -18.85 44.78 27.77
N ASP C 275 -19.49 43.93 28.52
CA ASP C 275 -19.79 42.60 28.09
C ASP C 275 -21.08 42.57 27.30
N ALA C 276 -20.92 42.79 26.01
CA ALA C 276 -22.01 42.84 25.08
C ALA C 276 -22.05 41.59 24.22
N ALA C 277 -21.68 40.48 24.81
CA ALA C 277 -21.61 39.25 24.08
C ALA C 277 -22.86 38.97 23.29
N TYR C 278 -24.01 39.13 23.92
CA TYR C 278 -25.28 38.92 23.28
C TYR C 278 -25.80 40.21 22.70
N GLY C 279 -25.93 41.21 23.55
CA GLY C 279 -26.62 42.42 23.18
C GLY C 279 -25.92 43.30 22.17
N GLY C 280 -24.62 43.12 21.96
CA GLY C 280 -23.90 43.93 20.97
C GLY C 280 -24.44 43.81 19.54
N ALA C 281 -25.24 42.79 19.27
CA ALA C 281 -25.83 42.65 17.94
C ALA C 281 -26.76 43.79 17.59
N LEU C 282 -27.28 44.47 18.61
CA LEU C 282 -28.16 45.62 18.36
C LEU C 282 -27.47 46.78 17.62
N VAL C 283 -26.15 46.77 17.50
CA VAL C 283 -25.52 47.83 16.67
C VAL C 283 -25.99 47.76 15.21
N PHE C 284 -26.56 46.63 14.82
CA PHE C 284 -27.13 46.45 13.47
C PHE C 284 -28.61 46.87 13.39
N SER C 285 -29.19 47.31 14.49
CA SER C 285 -30.60 47.69 14.52
C SER C 285 -30.80 49.13 14.93
N GLU C 286 -31.12 49.99 13.97
CA GLU C 286 -31.46 51.38 14.27
C GLU C 286 -32.62 51.48 15.24
N ARG C 287 -33.60 50.59 15.10
CA ARG C 287 -34.76 50.64 15.96
C ARG C 287 -34.41 50.39 17.43
N HIS C 288 -33.34 49.65 17.67
CA HIS C 288 -33.05 49.18 19.02
C HIS C 288 -31.69 49.56 19.60
N ARG C 289 -30.79 50.11 18.80
CA ARG C 289 -29.43 50.31 19.29
C ARG C 289 -29.29 51.45 20.30
N TRP C 290 -30.31 52.29 20.43
CA TRP C 290 -30.31 53.30 21.49
C TRP C 290 -30.17 52.64 22.88
N ARG C 291 -30.55 51.38 23.00
CA ARG C 291 -30.43 50.66 24.28
C ARG C 291 -28.98 50.50 24.71
N LEU C 292 -28.06 50.71 23.77
CA LEU C 292 -26.64 50.53 24.05
C LEU C 292 -25.91 51.85 24.27
N ALA C 293 -26.63 52.96 24.39
CA ALA C 293 -25.95 54.27 24.50
C ALA C 293 -25.05 54.35 25.73
N GLY C 294 -23.84 54.86 25.51
CA GLY C 294 -22.77 54.79 26.48
C GLY C 294 -21.70 53.77 26.09
N ILE C 295 -22.08 52.78 25.28
CA ILE C 295 -21.13 51.72 24.94
C ILE C 295 -19.96 52.26 24.12
N GLU C 296 -20.16 53.42 23.48
CA GLU C 296 -19.15 53.96 22.57
C GLU C 296 -17.95 54.54 23.33
N GLN C 297 -18.10 54.70 24.64
CA GLN C 297 -17.02 55.20 25.49
C GLN C 297 -16.27 54.07 26.23
N ALA C 298 -16.73 52.84 26.04
CA ALA C 298 -16.10 51.67 26.64
C ALA C 298 -14.59 51.65 26.36
N ASP C 299 -13.80 51.11 27.28
CA ASP C 299 -12.39 50.89 26.97
C ASP C 299 -12.27 49.59 26.18
N SER C 300 -13.22 48.70 26.40
CA SER C 300 -13.23 47.44 25.66
C SER C 300 -14.62 46.84 25.60
N ILE C 301 -14.82 46.00 24.59
CA ILE C 301 -16.12 45.41 24.38
C ILE C 301 -15.94 43.95 24.00
N THR C 302 -16.77 43.10 24.59
CA THR C 302 -16.86 41.71 24.20
C THR C 302 -18.12 41.56 23.37
N PHE C 303 -18.02 40.95 22.19
CA PHE C 303 -19.19 40.73 21.33
C PHE C 303 -19.11 39.34 20.69
N ASN C 304 -20.23 38.62 20.72
CA ASN C 304 -20.34 37.24 20.21
C ASN C 304 -21.31 37.05 19.05
N PRO C 305 -20.85 37.23 17.81
CA PRO C 305 -21.68 36.88 16.64
C PRO C 305 -22.27 35.47 16.68
N GLN C 306 -21.62 34.55 17.38
CA GLN C 306 -22.16 33.20 17.44
C GLN C 306 -23.55 33.14 18.17
N1 LLP C 307 -20.97 36.93 28.86
C2 LLP C 307 -22.27 36.98 28.56
C2' LLP C 307 -23.11 38.15 28.96
C3 LLP C 307 -22.87 35.89 27.80
O3 LLP C 307 -24.18 35.92 27.47
C4 LLP C 307 -22.01 34.74 27.46
C4' LLP C 307 -22.58 33.57 26.68
C5 LLP C 307 -20.59 34.82 27.86
C6 LLP C 307 -20.16 35.93 28.54
C5' LLP C 307 -19.61 33.72 27.54
OP4 LLP C 307 -19.40 33.60 26.16
P LLP C 307 -18.94 32.18 25.72
OP1 LLP C 307 -18.67 32.30 24.30
OP2 LLP C 307 -17.86 31.84 26.62
OP3 LLP C 307 -20.05 31.33 26.03
N LLP C 307 -23.96 34.19 18.84
CA LLP C 307 -25.23 34.18 19.49
CB LLP C 307 -25.07 34.82 20.86
CG LLP C 307 -24.19 33.98 21.75
CD LLP C 307 -24.50 34.28 23.18
CE LLP C 307 -23.52 33.78 24.24
NZ LLP C 307 -23.26 34.26 25.60
C LLP C 307 -26.28 34.85 18.62
O LLP C 307 -26.97 34.16 17.89
N TRP C 308 -26.40 36.14 18.67
CA TRP C 308 -27.50 36.81 17.94
C TRP C 308 -27.20 37.12 16.46
N LEU C 309 -25.99 36.82 15.95
CA LEU C 309 -25.74 36.98 14.49
C LEU C 309 -25.66 35.65 13.75
N TYR C 310 -25.99 34.56 14.45
CA TYR C 310 -26.21 33.25 13.84
C TYR C 310 -24.99 32.61 13.19
N VAL C 311 -23.79 33.11 13.53
CA VAL C 311 -22.54 32.49 13.10
C VAL C 311 -22.31 31.21 13.91
N ALA C 312 -22.00 30.13 13.23
CA ALA C 312 -21.79 28.87 13.91
C ALA C 312 -20.65 29.02 14.90
N LYS C 313 -20.80 28.38 16.03
CA LYS C 313 -19.82 28.44 17.09
C LYS C 313 -18.47 27.90 16.61
N THR C 314 -17.39 28.53 17.02
CA THR C 314 -17.40 29.71 17.85
C THR C 314 -17.06 30.96 17.05
N CYS C 315 -17.68 32.06 17.43
CA CYS C 315 -17.32 33.36 16.92
C CYS C 315 -17.56 34.47 17.93
N ALA C 316 -16.47 35.05 18.42
CA ALA C 316 -16.52 36.09 19.43
C ALA C 316 -15.33 36.99 19.26
N MET C 317 -15.40 38.18 19.82
CA MET C 317 -14.31 39.13 19.73
C MET C 317 -14.16 40.02 20.93
N VAL C 318 -12.94 40.50 21.13
CA VAL C 318 -12.74 41.59 22.09
C VAL C 318 -12.23 42.79 21.30
N LEU C 319 -12.91 43.92 21.47
CA LEU C 319 -12.55 45.16 20.80
C LEU C 319 -12.00 46.14 21.81
N PHE C 320 -10.92 46.83 21.47
CA PHE C 320 -10.34 47.84 22.36
C PHE C 320 -10.47 49.20 21.68
N ARG C 321 -10.83 50.26 22.43
CA ARG C 321 -10.98 51.57 21.79
C ARG C 321 -9.62 52.10 21.28
N ASP C 322 -8.55 51.69 21.95
CA ASP C 322 -7.20 51.94 21.47
C ASP C 322 -6.48 50.60 21.28
N ALA C 323 -6.46 50.10 20.04
CA ALA C 323 -5.87 48.81 19.75
C ALA C 323 -4.39 48.76 20.16
N GLY C 324 -3.73 49.92 20.20
CA GLY C 324 -2.33 50.03 20.59
C GLY C 324 -2.08 49.61 22.04
N VAL C 325 -3.14 49.45 22.82
CA VAL C 325 -3.01 49.01 24.20
C VAL C 325 -2.56 47.54 24.25
N LEU C 326 -2.88 46.76 23.21
CA LEU C 326 -2.44 45.35 23.14
C LEU C 326 -0.93 45.22 22.95
N GLU C 327 -0.32 46.21 22.34
CA GLU C 327 1.13 46.23 22.25
C GLU C 327 1.79 46.74 23.55
N ARG C 328 1.14 47.65 24.24
CA ARG C 328 1.71 48.26 25.44
C ARG C 328 1.49 47.47 26.74
N ALA C 329 0.36 46.78 26.86
CA ALA C 329 -0.01 46.10 28.09
C ALA C 329 -0.62 44.74 27.83
N PHE C 330 -0.07 44.01 26.85
CA PHE C 330 -0.44 42.61 26.67
C PHE C 330 0.69 41.81 26.00
N ARG C 331 1.05 42.23 24.78
CA ARG C 331 2.12 41.58 24.02
C ARG C 331 3.35 41.31 24.88
N ILE C 332 3.88 40.08 24.81
CA ILE C 332 5.05 39.72 25.62
C ILE C 332 6.31 40.27 24.95
N PRO C 333 7.36 40.53 25.75
CA PRO C 333 8.61 41.07 25.20
C PRO C 333 9.22 40.11 24.17
N ALA C 334 9.41 40.58 22.96
CA ALA C 334 9.95 39.75 21.93
C ALA C 334 10.43 40.61 20.78
N PRO C 335 11.41 40.14 20.04
CA PRO C 335 11.93 40.96 18.96
C PRO C 335 10.81 41.20 18.00
N GLN C 336 10.80 42.31 17.31
CA GLN C 336 9.68 42.65 16.43
C GLN C 336 9.67 41.83 15.14
N MET C 337 8.48 41.50 14.67
CA MET C 337 8.35 40.74 13.43
C MET C 337 7.08 41.06 12.64
N ARG C 338 6.99 42.27 12.13
CA ARG C 338 5.85 42.74 11.37
C ARG C 338 6.07 42.54 9.87
N ALA C 339 5.21 43.15 9.06
CA ALA C 339 5.41 43.20 7.61
C ALA C 339 5.02 44.57 7.07
N ASP C 341 3.74 47.73 6.27
CA ASP C 341 3.06 48.68 7.15
C ASP C 341 3.27 48.35 8.63
N GLY C 342 3.96 47.27 8.90
CA GLY C 342 4.16 46.84 10.27
C GLY C 342 2.93 46.17 10.88
N PHE C 343 2.09 45.59 10.03
CA PHE C 343 0.97 44.76 10.48
C PHE C 343 1.51 43.65 11.37
N ILE C 344 0.81 43.37 12.46
CA ILE C 344 1.32 42.47 13.49
C ILE C 344 0.65 41.08 13.47
N ASN C 345 1.47 40.04 13.71
CA ASN C 345 0.99 38.68 13.84
C ASN C 345 -0.05 38.61 14.95
N LEU C 346 -1.23 38.13 14.62
CA LEU C 346 -2.34 38.16 15.58
C LEU C 346 -2.09 37.35 16.85
N GLY C 347 -1.27 36.30 16.78
CA GLY C 347 -0.98 35.50 17.95
C GLY C 347 -0.24 36.24 19.07
N GLU C 348 0.49 37.28 18.72
CA GLU C 348 1.16 38.07 19.76
C GLU C 348 0.21 38.94 20.58
N ILE C 349 -1.00 39.15 20.08
CA ILE C 349 -1.96 40.04 20.73
C ILE C 349 -3.29 39.34 21.04
N GLY C 350 -3.27 38.01 21.12
CA GLY C 350 -4.41 37.28 21.66
C GLY C 350 -4.04 36.32 22.79
N VAL C 351 -5.04 35.85 23.53
CA VAL C 351 -4.78 34.78 24.50
C VAL C 351 -4.33 33.52 23.76
N GLN C 352 -5.03 33.15 22.71
CA GLN C 352 -4.63 31.98 21.94
C GLN C 352 -3.42 32.34 21.09
N GLY C 353 -2.64 31.34 20.69
CA GLY C 353 -1.62 31.53 19.68
C GLY C 353 -2.18 31.03 18.35
N THR C 354 -2.14 29.72 18.12
CA THR C 354 -2.83 29.14 16.99
C THR C 354 -4.31 29.31 17.16
N ARG C 355 -5.00 29.63 16.07
CA ARG C 355 -6.42 29.92 16.14
C ARG C 355 -7.07 29.55 14.81
N HIS C 356 -8.21 28.87 14.88
CA HIS C 356 -9.06 28.57 13.72
C HIS C 356 -9.53 29.83 12.99
N ALA C 357 -9.56 29.80 11.66
CA ALA C 357 -9.95 31.01 10.91
C ALA C 357 -11.46 31.29 10.98
N ASP C 358 -11.93 31.86 12.09
CA ASP C 358 -13.37 32.16 12.24
C ASP C 358 -13.80 33.30 11.34
N VAL C 359 -12.85 34.11 10.86
CA VAL C 359 -13.22 35.28 10.05
C VAL C 359 -13.96 34.85 8.76
N VAL C 360 -13.74 33.61 8.33
CA VAL C 360 -14.37 33.16 7.10
C VAL C 360 -15.89 33.04 7.29
N LYS C 361 -16.34 32.25 8.27
CA LYS C 361 -17.79 32.13 8.47
C LYS C 361 -18.40 33.46 8.88
N LEU C 362 -17.64 34.26 9.60
CA LEU C 362 -18.13 35.53 10.06
C LEU C 362 -18.39 36.47 8.89
N TRP C 363 -17.39 36.62 8.02
CA TRP C 363 -17.45 37.57 6.92
C TRP C 363 -18.47 37.13 5.89
N LEU C 364 -18.53 35.82 5.62
CA LEU C 364 -19.47 35.32 4.63
C LEU C 364 -20.88 35.46 5.13
N THR C 365 -21.08 35.24 6.43
CA THR C 365 -22.41 35.34 7.04
C THR C 365 -22.86 36.79 7.06
N LEU C 366 -21.97 37.69 7.46
CA LEU C 366 -22.32 39.10 7.50
C LEU C 366 -22.71 39.60 6.09
N GLN C 367 -22.01 39.16 5.05
CA GLN C 367 -22.35 39.60 3.70
C GLN C 367 -23.67 39.05 3.20
N HIS C 368 -23.93 37.79 3.52
CA HIS C 368 -25.09 37.13 3.00
C HIS C 368 -26.37 37.66 3.64
N ILE C 369 -26.33 38.03 4.90
CA ILE C 369 -27.49 38.54 5.56
C ILE C 369 -27.57 40.04 5.52
N GLY C 370 -26.47 40.73 5.66
CA GLY C 370 -26.45 42.16 5.66
C GLY C 370 -27.04 42.87 6.86
N GLN C 371 -26.67 44.12 7.06
CA GLN C 371 -27.19 44.91 8.16
C GLN C 371 -28.71 44.87 8.22
N GLN C 372 -29.35 44.96 7.08
CA GLN C 372 -30.77 44.99 7.00
C GLN C 372 -31.42 43.66 7.35
N GLY C 373 -30.79 42.55 6.96
CA GLY C 373 -31.18 41.25 7.36
C GLY C 373 -31.25 41.15 8.87
N TYR C 374 -30.17 41.53 9.51
CA TYR C 374 -30.06 41.49 10.94
C TYR C 374 -31.08 42.39 11.61
N ALA C 375 -31.35 43.54 11.04
CA ALA C 375 -32.33 44.46 11.56
C ALA C 375 -33.66 43.77 11.67
N ARG C 376 -33.98 43.01 10.63
CA ARG C 376 -35.24 42.31 10.54
C ARG C 376 -35.30 41.13 11.52
N LEU C 377 -34.25 40.32 11.57
CA LEU C 377 -34.22 39.16 12.47
C LEU C 377 -34.38 39.63 13.91
N ILE C 378 -33.68 40.72 14.24
CA ILE C 378 -33.72 41.28 15.59
C ILE C 378 -35.15 41.74 15.89
N ASP C 379 -35.80 42.43 14.96
CA ASP C 379 -37.19 42.86 15.16
C ASP C 379 -38.14 41.69 15.39
N ASP C 380 -37.99 40.62 14.61
CA ASP C 380 -38.84 39.45 14.78
C ASP C 380 -38.62 38.83 16.15
N GLY C 381 -37.38 38.91 16.63
CA GLY C 381 -37.01 38.43 17.94
C GLY C 381 -37.78 39.17 19.02
N TYR C 382 -37.76 40.50 18.99
CA TYR C 382 -38.49 41.32 19.96
C TYR C 382 -39.98 41.03 19.93
N ARG C 383 -40.52 40.84 18.73
CA ARG C 383 -41.95 40.60 18.56
C ARG C 383 -42.40 39.29 19.21
N LEU C 384 -41.68 38.20 18.93
CA LEU C 384 -41.96 36.92 19.60
C LEU C 384 -41.84 37.05 21.13
N ALA C 385 -40.75 37.65 21.61
CA ALA C 385 -40.57 37.90 23.04
C ALA C 385 -41.74 38.65 23.67
N GLU C 386 -42.28 39.62 22.94
CA GLU C 386 -43.36 40.46 23.48
C GLU C 386 -44.67 39.69 23.55
N ARG C 387 -44.81 38.67 22.71
CA ARG C 387 -45.99 37.83 22.76
C ARG C 387 -45.86 36.88 23.96
N VAL C 388 -44.63 36.51 24.28
CA VAL C 388 -44.39 35.68 25.46
C VAL C 388 -44.74 36.47 26.71
N VAL C 389 -44.24 37.71 26.78
CA VAL C 389 -44.51 38.62 27.91
C VAL C 389 -46.00 38.84 28.12
N GLU C 390 -46.71 39.03 27.01
CA GLU C 390 -48.14 39.23 27.03
C GLU C 390 -48.88 38.00 27.53
N GLY C 391 -48.42 36.82 27.12
CA GLY C 391 -48.98 35.58 27.62
C GLY C 391 -48.78 35.46 29.12
N VAL C 392 -47.60 35.85 29.60
CA VAL C 392 -47.30 35.75 31.02
C VAL C 392 -48.14 36.77 31.80
N ARG C 393 -48.35 37.95 31.21
CA ARG C 393 -49.19 38.95 31.86
C ARG C 393 -50.65 38.50 31.99
N GLN C 394 -51.11 37.70 31.03
CA GLN C 394 -52.49 37.22 31.07
C GLN C 394 -52.70 36.10 32.07
N ARG C 395 -51.63 35.60 32.67
CA ARG C 395 -51.73 34.46 33.56
C ARG C 395 -51.16 34.76 34.94
N PRO C 396 -52.06 35.01 35.91
CA PRO C 396 -51.70 35.40 37.29
C PRO C 396 -50.81 34.39 37.98
N PHE C 397 -50.86 33.12 37.60
CA PHE C 397 -50.00 32.12 38.22
C PHE C 397 -48.58 32.13 37.66
N LEU C 398 -48.37 32.84 36.55
CA LEU C 398 -47.02 33.13 36.02
C LEU C 398 -46.50 34.50 36.44
N ARG C 399 -45.19 34.62 36.63
CA ARG C 399 -44.56 35.88 36.96
C ARG C 399 -43.35 36.16 36.06
N LEU C 400 -43.21 37.40 35.58
CA LEU C 400 -42.02 37.76 34.81
C LEU C 400 -40.87 38.04 35.74
N ALA C 401 -39.65 37.69 35.32
CA ALA C 401 -38.49 38.05 36.11
C ALA C 401 -38.40 39.58 36.18
N GLY C 402 -38.84 40.23 35.12
CA GLY C 402 -38.86 41.70 35.06
C GLY C 402 -39.17 42.17 33.66
N GLU C 403 -39.07 43.48 33.43
CA GLU C 403 -39.08 44.03 32.09
C GLU C 403 -38.01 43.38 31.19
N ILE C 404 -38.25 43.34 29.88
CA ILE C 404 -37.27 42.74 28.97
C ILE C 404 -36.51 43.83 28.21
N ASP C 405 -35.26 43.57 27.89
CA ASP C 405 -34.48 44.48 27.09
C ASP C 405 -34.09 43.90 25.72
N THR C 406 -34.19 42.58 25.60
CA THR C 406 -33.81 41.86 24.39
C THR C 406 -34.85 40.78 24.14
N ASN C 407 -34.61 39.93 23.15
CA ASN C 407 -35.55 38.87 22.82
C ASN C 407 -35.40 37.63 23.70
N ILE C 408 -35.31 37.87 25.00
CA ILE C 408 -35.21 36.86 26.02
C ILE C 408 -36.23 37.15 27.12
N VAL C 409 -37.04 36.15 27.45
CA VAL C 409 -37.98 36.29 28.55
C VAL C 409 -37.78 35.21 29.60
N CYS C 410 -37.34 35.61 30.78
CA CYS C 410 -37.24 34.71 31.91
C CYS C 410 -38.53 34.86 32.74
N PHE C 411 -39.21 33.75 33.00
CA PHE C 411 -40.44 33.75 33.80
C PHE C 411 -40.58 32.43 34.55
N ARG C 412 -41.56 32.33 35.45
CA ARG C 412 -41.82 31.07 36.15
C ARG C 412 -43.22 31.06 36.74
N GLY C 413 -43.73 29.88 37.03
CA GLY C 413 -44.97 29.78 37.77
C GLY C 413 -44.73 30.05 39.24
N GLU C 414 -45.62 30.84 39.83
CA GLU C 414 -45.65 31.05 41.27
C GLU C 414 -47.09 30.80 41.72
N PRO C 415 -47.57 29.57 41.59
CA PRO C 415 -49.00 29.30 41.76
C PRO C 415 -49.41 29.41 43.22
N ASP C 416 -50.48 30.16 43.48
CA ASP C 416 -50.86 30.49 44.84
C ASP C 416 -51.49 29.30 45.55
N TRP C 417 -51.67 28.20 44.82
CA TRP C 417 -52.28 27.01 45.38
C TRP C 417 -51.21 25.98 45.75
N LEU C 418 -49.97 26.43 45.90
CA LEU C 418 -48.88 25.57 46.34
C LEU C 418 -47.92 26.36 47.22
N PRO C 419 -47.31 25.68 48.20
CA PRO C 419 -46.25 26.34 48.99
C PRO C 419 -45.05 26.65 48.11
N ALA C 420 -44.36 27.74 48.39
CA ALA C 420 -43.21 28.15 47.60
C ALA C 420 -42.15 27.05 47.57
N GLU C 421 -42.08 26.25 48.63
CA GLU C 421 -41.12 25.15 48.75
C GLU C 421 -41.22 24.18 47.58
N ARG C 422 -42.35 24.19 46.88
CA ARG C 422 -42.62 23.25 45.81
C ARG C 422 -42.75 23.92 44.43
N TRP C 423 -42.30 25.17 44.32
CA TRP C 423 -42.35 25.89 43.05
C TRP C 423 -41.30 25.40 42.05
N ASP C 424 -40.11 25.04 42.54
CA ASP C 424 -39.07 24.52 41.68
C ASP C 424 -39.55 23.24 41.01
N ASP C 425 -40.30 22.42 41.75
CA ASP C 425 -40.78 21.15 41.23
C ASP C 425 -41.84 21.36 40.17
N TRP C 426 -42.72 22.33 40.41
CA TRP C 426 -43.76 22.70 39.47
C TRP C 426 -43.16 23.23 38.16
N ASN C 427 -42.13 24.05 38.29
CA ASN C 427 -41.49 24.63 37.11
C ASN C 427 -40.65 23.61 36.32
N ALA C 428 -39.95 22.71 37.02
CA ALA C 428 -39.19 21.66 36.34
C ALA C 428 -40.14 20.67 35.68
N ALA C 429 -41.28 20.43 36.33
CA ALA C 429 -42.29 19.53 35.79
C ALA C 429 -42.85 20.07 34.49
N LEU C 430 -43.08 21.38 34.47
CA LEU C 430 -43.64 22.07 33.32
C LEU C 430 -42.65 22.11 32.17
N GLN C 431 -41.39 22.41 32.49
CA GLN C 431 -40.34 22.35 31.49
C GLN C 431 -40.29 20.96 30.85
N ALA C 432 -40.29 19.92 31.69
CA ALA C 432 -40.22 18.53 31.22
C ALA C 432 -41.39 18.20 30.30
N LEU C 433 -42.58 18.63 30.70
CA LEU C 433 -43.80 18.37 29.93
C LEU C 433 -43.83 19.12 28.61
N LEU C 434 -43.36 20.35 28.62
CA LEU C 434 -43.39 21.18 27.43
C LEU C 434 -42.50 20.56 26.34
N LEU C 435 -41.42 19.93 26.78
CA LEU C 435 -40.47 19.27 25.88
C LEU C 435 -41.00 17.91 25.41
N ARG C 436 -41.57 17.13 26.32
CA ARG C 436 -42.04 15.79 26.00
C ARG C 436 -43.34 15.80 25.18
N GLU C 437 -44.29 16.63 25.59
CA GLU C 437 -45.62 16.63 24.98
C GLU C 437 -45.73 17.62 23.83
N GLY C 438 -45.12 18.78 24.01
CA GLY C 438 -45.27 19.85 23.04
C GLY C 438 -44.07 20.02 22.15
N LYS C 439 -43.02 19.24 22.40
CA LYS C 439 -41.77 19.38 21.67
C LYS C 439 -41.31 20.84 21.71
N ILE C 440 -41.38 21.45 22.89
CA ILE C 440 -40.94 22.83 23.05
C ILE C 440 -39.89 22.88 24.14
N PHE C 441 -38.73 23.47 23.81
CA PHE C 441 -37.65 23.52 24.78
C PHE C 441 -37.45 24.91 25.36
N LEU C 442 -37.75 25.02 26.65
CA LEU C 442 -37.31 26.17 27.43
C LEU C 442 -36.18 25.72 28.34
N SER C 443 -35.28 26.62 28.68
CA SER C 443 -34.24 26.28 29.66
C SER C 443 -34.76 26.59 31.06
N LEU C 444 -34.09 26.06 32.06
CA LEU C 444 -34.54 26.19 33.44
C LEU C 444 -33.36 26.62 34.27
N PRO C 445 -32.91 27.87 34.10
CA PRO C 445 -31.78 28.32 34.91
C PRO C 445 -32.12 28.45 36.40
N VAL C 446 -31.09 28.50 37.25
CA VAL C 446 -31.22 28.96 38.63
C VAL C 446 -31.08 30.48 38.65
N TYR C 447 -32.03 31.16 39.27
CA TYR C 447 -32.03 32.61 39.34
C TYR C 447 -32.75 33.05 40.60
N ARG C 448 -32.16 33.99 41.33
CA ARG C 448 -32.74 34.46 42.59
C ARG C 448 -33.06 33.28 43.51
N GLY C 449 -32.14 32.32 43.56
CA GLY C 449 -32.30 31.14 44.38
C GLY C 449 -33.41 30.19 44.01
N GLY C 450 -34.07 30.42 42.88
CA GLY C 450 -35.16 29.55 42.43
C GLY C 450 -34.91 29.01 41.02
N ARG C 451 -35.76 28.08 40.58
CA ARG C 451 -35.76 27.63 39.19
C ARG C 451 -36.74 28.44 38.37
N TRP C 452 -36.24 29.12 37.35
CA TRP C 452 -37.10 29.88 36.45
C TRP C 452 -37.12 29.28 35.05
N LEU C 453 -38.22 29.46 34.33
CA LEU C 453 -38.24 29.14 32.90
C LEU C 453 -37.59 30.29 32.12
N ARG C 454 -36.93 29.97 31.01
CA ARG C 454 -36.24 31.01 30.23
C ARG C 454 -36.37 30.77 28.74
N ALA C 455 -37.04 31.70 28.07
CA ALA C 455 -37.24 31.66 26.63
C ALA C 455 -36.23 32.58 25.93
N VAL C 456 -35.61 32.10 24.87
CA VAL C 456 -34.70 32.91 24.06
C VAL C 456 -35.18 32.73 22.63
N LEU C 457 -35.81 33.76 22.07
CA LEU C 457 -36.54 33.57 20.83
C LEU C 457 -35.67 33.93 19.62
N LEU C 458 -34.78 33.00 19.27
CA LEU C 458 -33.75 33.17 18.25
C LEU C 458 -34.07 32.52 16.90
N ASN C 459 -34.69 31.34 16.94
CA ASN C 459 -34.91 30.58 15.69
C ASN C 459 -35.76 31.39 14.73
N PRO C 460 -35.25 31.61 13.50
CA PRO C 460 -36.05 32.38 12.54
C PRO C 460 -37.32 31.65 12.13
N TYR C 461 -37.41 30.35 12.37
CA TYR C 461 -38.62 29.61 12.03
C TYR C 461 -39.50 29.36 13.26
N THR C 462 -39.21 30.04 14.36
CA THR C 462 -40.14 30.01 15.48
C THR C 462 -41.28 30.99 15.19
N THR C 463 -42.52 30.55 15.38
CA THR C 463 -43.67 31.37 15.02
C THR C 463 -44.63 31.67 16.15
N ASP C 464 -45.64 32.49 15.85
CA ASP C 464 -46.73 32.76 16.78
C ASP C 464 -47.38 31.47 17.27
N ALA C 465 -47.57 30.53 16.32
CA ALA C 465 -48.19 29.24 16.62
C ALA C 465 -47.44 28.47 17.70
N VAL C 466 -46.12 28.58 17.69
CA VAL C 466 -45.28 27.91 18.67
C VAL C 466 -45.53 28.49 20.06
N ILE C 467 -45.48 29.81 20.17
CA ILE C 467 -45.73 30.48 21.44
C ILE C 467 -47.12 30.17 21.98
N ASP C 468 -48.10 30.22 21.09
CA ASP C 468 -49.48 29.88 21.40
C ASP C 468 -49.61 28.41 21.85
N ALA C 469 -48.86 27.52 21.20
CA ALA C 469 -48.89 26.12 21.59
C ALA C 469 -48.31 25.98 22.99
N MET C 470 -47.24 26.73 23.26
CA MET C 470 -46.61 26.70 24.57
C MET C 470 -47.63 27.08 25.66
N PHE C 471 -48.30 28.21 25.50
CA PHE C 471 -49.28 28.66 26.52
C PHE C 471 -50.47 27.73 26.63
N LYS C 472 -50.92 27.15 25.52
CA LYS C 472 -51.96 26.14 25.58
C LYS C 472 -51.55 24.99 26.51
N GLN C 473 -50.33 24.50 26.33
CA GLN C 473 -49.80 23.44 27.20
C GLN C 473 -49.67 23.90 28.65
N ILE C 474 -49.19 25.13 28.85
CA ILE C 474 -49.03 25.66 30.20
C ILE C 474 -50.40 25.68 30.91
N ASP C 475 -51.45 26.05 30.19
CA ASP C 475 -52.78 26.11 30.76
C ASP C 475 -53.27 24.72 31.14
N ARG C 476 -52.95 23.73 30.32
CA ARG C 476 -53.32 22.35 30.62
C ARG C 476 -52.63 21.85 31.88
N PHE C 477 -51.32 22.06 31.96
CA PHE C 477 -50.54 21.65 33.12
C PHE C 477 -51.07 22.37 34.36
N ALA C 478 -51.49 23.62 34.18
CA ALA C 478 -52.01 24.45 35.26
C ALA C 478 -53.26 23.86 35.89
N GLY C 479 -54.29 23.60 35.08
CA GLY C 479 -55.57 23.10 35.58
C GLY C 479 -55.83 21.61 35.45
N ARG C 480 -54.77 20.80 35.46
CA ARG C 480 -54.89 19.34 35.36
C ARG C 480 -53.59 18.68 35.82
N PHE D 8 -35.36 42.35 4.59
CA PHE D 8 -35.43 41.19 3.71
C PHE D 8 -34.27 40.22 3.94
N LEU D 9 -34.43 38.98 3.49
CA LEU D 9 -33.38 37.95 3.59
C LEU D 9 -33.30 37.09 2.33
N PRO D 10 -32.07 36.67 1.95
CA PRO D 10 -31.95 35.68 0.89
C PRO D 10 -32.70 34.39 1.25
N ALA D 11 -33.23 33.71 0.24
CA ALA D 11 -33.98 32.48 0.44
C ALA D 11 -33.11 31.42 1.10
N THR D 12 -31.79 31.56 0.96
CA THR D 12 -30.87 30.57 1.52
C THR D 12 -30.11 31.04 2.76
N ALA D 13 -30.57 32.11 3.40
CA ALA D 13 -29.83 32.68 4.51
C ALA D 13 -29.67 31.67 5.62
N PHE D 14 -30.71 30.86 5.75
CA PHE D 14 -30.82 29.77 6.71
C PHE D 14 -31.38 28.55 6.00
N ILE D 15 -31.30 27.40 6.63
CA ILE D 15 -31.85 26.20 6.02
C ILE D 15 -33.17 25.88 6.68
N ASP D 16 -34.23 25.89 5.86
CA ASP D 16 -35.60 25.70 6.33
C ASP D 16 -35.80 24.29 6.89
N PRO D 17 -36.15 24.19 8.19
CA PRO D 17 -36.28 22.91 8.89
C PRO D 17 -37.44 22.00 8.41
N GLU D 18 -38.26 22.49 7.48
CA GLU D 18 -39.36 21.70 6.90
C GLU D 18 -39.18 21.55 5.40
N GLY D 19 -38.00 21.87 4.89
CA GLY D 19 -37.63 21.52 3.53
C GLY D 19 -38.05 22.52 2.46
N ARG D 20 -38.70 23.59 2.89
CA ARG D 20 -39.24 24.58 1.94
C ARG D 20 -38.19 25.30 1.09
N ASN D 21 -36.91 25.33 1.47
CA ASN D 21 -35.92 25.93 0.57
C ASN D 21 -34.79 24.97 0.21
N ARG D 22 -35.10 23.68 0.29
CA ARG D 22 -34.16 22.58 0.10
C ARG D 22 -33.40 22.63 -1.21
N ASN D 23 -34.11 22.79 -2.33
CA ASN D 23 -33.42 22.73 -3.61
C ASN D 23 -32.45 23.91 -3.75
N GLU D 24 -32.88 25.08 -3.30
CA GLU D 24 -32.02 26.26 -3.39
C GLU D 24 -30.79 26.12 -2.48
N VAL D 25 -30.95 25.58 -1.27
CA VAL D 25 -29.78 25.45 -0.38
C VAL D 25 -28.84 24.35 -0.92
N GLU D 26 -29.42 23.29 -1.47
CA GLU D 26 -28.66 22.24 -2.13
C GLU D 26 -27.73 22.78 -3.22
N ARG D 27 -28.27 23.59 -4.13
CA ARG D 27 -27.44 24.16 -5.20
C ARG D 27 -26.31 24.97 -4.61
N LEU D 28 -26.64 25.85 -3.65
CA LEU D 28 -25.64 26.76 -3.09
C LEU D 28 -24.52 26.01 -2.38
N VAL D 29 -24.90 25.07 -1.52
CA VAL D 29 -23.94 24.21 -0.86
C VAL D 29 -23.10 23.48 -1.90
N GLN D 30 -23.76 22.89 -2.89
CA GLN D 30 -23.06 22.11 -3.90
C GLN D 30 -22.03 22.96 -4.65
N GLN D 31 -22.33 24.24 -4.87
CA GLN D 31 -21.40 25.11 -5.58
C GLN D 31 -20.12 25.37 -4.77
N VAL D 32 -20.27 25.53 -3.46
CA VAL D 32 -19.09 25.79 -2.62
C VAL D 32 -18.29 24.51 -2.48
N VAL D 33 -18.98 23.39 -2.29
CA VAL D 33 -18.34 22.07 -2.23
C VAL D 33 -17.49 21.78 -3.49
N ASP D 34 -18.07 22.03 -4.67
CA ASP D 34 -17.32 21.82 -5.90
C ASP D 34 -16.15 22.78 -6.00
N LEU D 35 -16.38 24.03 -5.64
CA LEU D 35 -15.29 25.01 -5.65
C LEU D 35 -14.14 24.56 -4.76
N ILE D 36 -14.49 24.14 -3.55
CA ILE D 36 -13.48 23.73 -2.59
C ILE D 36 -12.81 22.43 -3.02
N LEU D 37 -13.59 21.46 -3.49
CA LEU D 37 -12.97 20.23 -3.98
C LEU D 37 -12.01 20.53 -5.14
N ALA D 38 -12.32 21.52 -5.97
CA ALA D 38 -11.47 21.81 -7.12
C ALA D 38 -10.13 22.37 -6.68
N LYS D 39 -10.16 23.32 -5.74
CA LYS D 39 -8.93 23.93 -5.25
C LYS D 39 -8.04 22.92 -4.51
N LEU D 40 -8.66 21.98 -3.84
CA LEU D 40 -7.89 21.03 -3.09
C LEU D 40 -7.31 19.91 -3.99
N THR D 41 -8.14 19.30 -4.80
CA THR D 41 -7.67 18.29 -5.76
C THR D 41 -6.72 18.91 -6.78
N GLY D 42 -6.71 20.25 -6.85
CA GLY D 42 -5.80 20.95 -7.73
C GLY D 42 -4.76 21.75 -6.96
N ALA D 43 -4.46 21.30 -5.74
CA ALA D 43 -3.65 22.11 -4.85
C ALA D 43 -2.19 22.23 -5.30
N ALA D 44 -1.66 21.23 -6.00
CA ALA D 44 -0.29 21.36 -6.51
C ALA D 44 -0.19 22.48 -7.56
N GLU D 45 -1.32 22.88 -8.12
CA GLU D 45 -1.33 23.95 -9.13
C GLU D 45 -0.94 25.28 -8.49
N ARG D 46 -1.41 25.50 -7.26
CA ARG D 46 -1.07 26.71 -6.52
C ARG D 46 0.22 26.55 -5.73
N PRO D 47 1.08 27.58 -5.76
CA PRO D 47 2.35 27.55 -5.03
C PRO D 47 2.11 27.52 -3.49
N PRO D 48 3.13 27.15 -2.69
CA PRO D 48 2.91 26.96 -1.25
C PRO D 48 2.51 28.25 -0.54
N MET D 49 3.00 29.38 -1.02
CA MET D 49 2.61 30.69 -0.50
C MET D 49 1.96 31.50 -1.63
N PRO D 50 0.97 32.36 -1.29
CA PRO D 50 0.26 33.11 -2.34
C PRO D 50 1.17 34.11 -3.03
N GLU D 51 0.95 34.36 -4.32
CA GLU D 51 1.61 35.47 -4.98
C GLU D 51 1.11 36.77 -4.36
N THR D 52 2.02 37.70 -4.10
CA THR D 52 1.68 38.93 -3.41
C THR D 52 0.63 39.75 -4.18
N VAL D 53 -0.55 39.87 -3.58
CA VAL D 53 -1.61 40.69 -4.17
C VAL D 53 -1.73 42.02 -3.42
N PRO D 56 -5.41 45.31 0.86
CA PRO D 56 -6.85 45.54 0.81
C PRO D 56 -7.29 46.79 1.58
N GLY D 57 -8.30 47.50 1.07
CA GLY D 57 -8.80 48.73 1.68
C GLY D 57 -9.79 48.47 2.80
N PRO D 58 -10.46 49.53 3.30
CA PRO D 58 -11.38 49.37 4.43
C PRO D 58 -12.56 48.49 4.07
N ILE D 59 -13.00 47.69 5.05
CA ILE D 59 -14.12 46.77 4.83
C ILE D 59 -15.43 47.49 5.16
N THR D 60 -16.45 47.25 4.34
CA THR D 60 -17.78 47.75 4.61
C THR D 60 -18.69 46.56 4.83
N ILE D 61 -19.33 46.48 6.00
CA ILE D 61 -20.38 45.50 6.18
C ILE D 61 -21.57 46.01 5.41
N PRO D 62 -22.04 45.22 4.45
CA PRO D 62 -23.09 45.63 3.51
C PRO D 62 -24.43 45.81 4.19
N GLU D 63 -25.17 46.83 3.75
CA GLU D 63 -26.56 47.02 4.14
C GLU D 63 -27.44 45.91 3.55
N ALA D 64 -27.21 45.64 2.29
CA ALA D 64 -28.02 44.68 1.55
C ALA D 64 -27.35 43.33 1.47
N ALA D 65 -28.15 42.28 1.39
CA ALA D 65 -27.65 40.93 1.22
C ALA D 65 -26.85 40.81 -0.06
N ALA D 66 -25.69 40.18 0.04
CA ALA D 66 -24.82 39.96 -1.10
C ALA D 66 -25.35 38.80 -1.94
N THR D 67 -25.03 38.81 -3.23
CA THR D 67 -25.46 37.76 -4.15
C THR D 67 -24.66 36.48 -3.98
N GLU D 68 -25.22 35.35 -4.39
CA GLU D 68 -24.48 34.10 -4.37
C GLU D 68 -23.19 34.19 -5.19
N ALA D 69 -23.20 35.05 -6.20
CA ALA D 69 -22.04 35.21 -7.07
C ALA D 69 -20.91 35.92 -6.34
N THR D 70 -21.26 36.96 -5.60
CA THR D 70 -20.28 37.71 -4.84
C THR D 70 -19.67 36.81 -3.77
N LEU D 71 -20.52 35.97 -3.18
CA LEU D 71 -20.11 35.11 -2.10
C LEU D 71 -19.12 34.08 -2.61
N LEU D 72 -19.40 33.52 -3.79
CA LEU D 72 -18.51 32.53 -4.39
C LEU D 72 -17.18 33.14 -4.82
N GLN D 73 -17.22 34.37 -5.31
CA GLN D 73 -16.00 35.07 -5.66
C GLN D 73 -15.14 35.39 -4.44
N ALA D 74 -15.77 35.79 -3.34
CA ALA D 74 -15.03 36.02 -2.10
C ALA D 74 -14.33 34.73 -1.63
N ILE D 75 -15.04 33.62 -1.73
CA ILE D 75 -14.49 32.33 -1.32
C ILE D 75 -13.28 32.01 -2.18
N ARG D 76 -13.46 32.15 -3.50
CA ARG D 76 -12.40 32.00 -4.49
C ARG D 76 -11.18 32.85 -4.12
N ASP D 77 -11.40 34.12 -3.87
CA ASP D 77 -10.34 35.05 -3.50
C ASP D 77 -9.67 34.66 -2.19
N MET D 78 -10.46 34.24 -1.20
CA MET D 78 -9.88 33.86 0.09
C MET D 78 -8.95 32.66 -0.02
N VAL D 79 -9.42 31.60 -0.69
CA VAL D 79 -8.56 30.45 -0.96
C VAL D 79 -7.29 30.81 -1.72
N ASP D 80 -7.42 31.49 -2.86
CA ASP D 80 -6.25 31.80 -3.69
C ASP D 80 -5.24 32.67 -2.96
N GLY D 81 -5.71 33.45 -1.99
CA GLY D 81 -4.82 34.28 -1.21
C GLY D 81 -4.32 33.63 0.08
N SER D 82 -4.61 32.35 0.26
CA SER D 82 -4.27 31.71 1.54
C SER D 82 -2.96 30.93 1.43
N MET D 83 -2.37 30.55 2.55
CA MET D 83 -1.22 29.67 2.45
C MET D 83 -1.74 28.30 2.06
N ASN D 84 -0.87 27.50 1.43
CA ASN D 84 -1.26 26.23 0.84
C ASN D 84 -0.33 25.07 1.25
N PRO D 85 -0.53 24.53 2.45
CA PRO D 85 0.33 23.41 2.88
C PRO D 85 0.06 22.12 2.13
N ALA D 86 -0.98 22.07 1.29
CA ALA D 86 -1.27 20.90 0.49
C ALA D 86 -0.27 20.77 -0.67
N ASN D 87 0.41 21.87 -0.98
CA ASN D 87 1.47 21.81 -1.99
C ASN D 87 2.60 20.94 -1.49
N PRO D 88 3.04 19.93 -2.28
CA PRO D 88 4.13 19.03 -1.85
C PRO D 88 5.40 19.77 -1.44
N GLY D 89 5.61 20.97 -2.00
CA GLY D 89 6.78 21.77 -1.67
C GLY D 89 6.65 22.59 -0.39
N TYR D 90 5.48 22.55 0.23
CA TYR D 90 5.31 23.20 1.53
C TYR D 90 5.90 22.30 2.61
N ILE D 91 7.06 22.68 3.13
CA ILE D 91 7.79 21.87 4.09
C ILE D 91 8.36 22.75 5.19
N GLY D 92 7.62 23.79 5.59
CA GLY D 92 8.24 24.82 6.43
C GLY D 92 7.68 25.03 7.83
N HIS D 93 6.49 24.52 8.11
CA HIS D 93 5.82 24.74 9.40
C HIS D 93 5.03 23.54 9.89
N MET D 94 4.70 23.53 11.18
CA MET D 94 3.88 22.49 11.74
C MET D 94 2.41 22.77 11.42
N ASP D 95 2.14 22.96 10.15
CA ASP D 95 0.80 23.20 9.69
C ASP D 95 0.54 22.36 8.46
N PRO D 96 -0.18 21.25 8.62
CA PRO D 96 -0.37 20.29 7.53
C PRO D 96 -1.66 20.50 6.75
N MET D 97 -1.69 19.92 5.56
CA MET D 97 -2.94 19.74 4.85
C MET D 97 -3.83 18.87 5.74
N PRO D 98 -5.12 19.15 5.78
CA PRO D 98 -6.01 18.44 6.70
C PRO D 98 -6.45 17.07 6.20
N ALA D 99 -6.56 16.11 7.12
CA ALA D 99 -7.23 14.86 6.83
C ALA D 99 -8.62 15.17 6.25
N THR D 100 -9.01 14.41 5.25
CA THR D 100 -10.32 14.54 4.62
C THR D 100 -11.47 14.50 5.63
N MET D 101 -11.41 13.57 6.58
CA MET D 101 -12.50 13.46 7.55
C MET D 101 -12.51 14.60 8.55
N ALA D 102 -11.41 15.32 8.68
CA ALA D 102 -11.36 16.53 9.51
C ALA D 102 -12.11 17.69 8.86
N ILE D 103 -11.93 17.85 7.55
CA ILE D 103 -12.76 18.79 6.82
C ILE D 103 -14.21 18.47 7.01
N LEU D 104 -14.56 17.20 6.82
CA LEU D 104 -15.96 16.81 6.83
C LEU D 104 -16.55 16.87 8.26
N GLY D 105 -15.70 16.55 9.23
CA GLY D 105 -16.03 16.71 10.64
C GLY D 105 -16.44 18.13 10.97
N ASP D 106 -15.75 19.11 10.43
CA ASP D 106 -16.08 20.51 10.73
C ASP D 106 -17.36 20.98 10.02
N LEU D 107 -17.61 20.40 8.85
CA LEU D 107 -18.89 20.57 8.18
C LEU D 107 -20.01 20.06 9.08
N VAL D 108 -19.83 18.88 9.66
CA VAL D 108 -20.88 18.30 10.51
C VAL D 108 -21.06 19.13 11.78
N ALA D 109 -19.97 19.46 12.44
CA ALA D 109 -20.00 20.26 13.67
C ALA D 109 -20.74 21.60 13.46
N ALA D 110 -20.44 22.29 12.37
CA ALA D 110 -21.04 23.60 12.11
C ALA D 110 -22.53 23.45 11.79
N ALA D 111 -22.86 22.35 11.11
CA ALA D 111 -24.21 22.05 10.70
C ALA D 111 -25.11 21.82 11.90
N VAL D 112 -24.66 21.05 12.88
CA VAL D 112 -25.48 20.86 14.05
C VAL D 112 -25.32 21.96 15.12
N ASN D 113 -24.20 22.65 15.07
CA ASN D 113 -23.93 23.79 15.90
C ASN D 113 -24.22 23.62 17.41
N ASN D 114 -23.82 22.49 17.97
CA ASN D 114 -23.92 22.30 19.40
C ASN D 114 -22.84 23.09 20.12
N ASN D 115 -22.89 23.12 21.44
CA ASN D 115 -22.00 23.90 22.27
C ASN D 115 -21.41 23.05 23.37
N MET D 116 -20.08 23.01 23.46
CA MET D 116 -19.38 22.25 24.47
C MET D 116 -19.53 22.82 25.89
N LEU D 117 -20.13 23.98 26.04
CA LEU D 117 -20.28 24.63 27.35
C LEU D 117 -20.94 23.71 28.36
N SER D 118 -22.06 23.12 27.97
CA SER D 118 -22.78 22.24 28.88
C SER D 118 -23.22 20.96 28.20
N LEU D 119 -23.53 19.94 29.01
CA LEU D 119 -24.01 18.66 28.48
C LEU D 119 -25.33 18.85 27.73
N GLU D 120 -26.13 19.75 28.25
CA GLU D 120 -27.44 20.03 27.73
C GLU D 120 -27.32 20.55 26.30
N MET D 121 -26.26 21.28 26.01
CA MET D 121 -26.05 21.85 24.71
C MET D 121 -25.16 21.02 23.77
N SER D 122 -24.60 19.95 24.27
CA SER D 122 -23.82 19.02 23.45
C SER D 122 -24.00 17.60 23.93
N PRO D 123 -25.20 17.03 23.81
CA PRO D 123 -25.47 15.73 24.42
C PRO D 123 -24.63 14.57 23.90
N SER D 124 -24.49 14.44 22.59
CA SER D 124 -23.55 13.47 22.05
C SER D 124 -22.07 13.82 22.23
N PHE D 125 -21.74 15.07 21.97
CA PHE D 125 -20.36 15.51 21.96
C PHE D 125 -19.65 15.50 23.30
N SER D 126 -20.34 15.90 24.35
CA SER D 126 -19.70 16.07 25.63
C SER D 126 -19.20 14.74 26.17
N ARG D 127 -20.03 13.71 26.08
CA ARG D 127 -19.65 12.41 26.58
C ARG D 127 -18.57 11.80 25.70
N LEU D 128 -18.78 11.90 24.40
CA LEU D 128 -17.77 11.44 23.46
C LEU D 128 -16.41 12.01 23.80
N GLU D 129 -16.37 13.32 24.01
CA GLU D 129 -15.09 13.98 24.25
C GLU D 129 -14.41 13.48 25.51
N THR D 130 -15.15 13.47 26.61
CA THR D 130 -14.61 12.98 27.88
C THR D 130 -14.09 11.55 27.74
N LEU D 131 -14.90 10.67 27.16
CA LEU D 131 -14.47 9.27 26.94
C LEU D 131 -13.26 9.20 26.01
N LEU D 132 -13.26 9.95 24.91
CA LEU D 132 -12.14 9.85 23.97
C LEU D 132 -10.84 10.29 24.64
N LEU D 133 -10.92 11.35 25.45
CA LEU D 133 -9.69 11.88 26.05
C LEU D 133 -9.20 11.00 27.18
N ARG D 134 -10.08 10.23 27.80
CA ARG D 134 -9.63 9.20 28.74
C ARG D 134 -8.88 8.12 28.00
N ALA D 135 -9.40 7.71 26.85
CA ALA D 135 -8.68 6.76 25.97
C ALA D 135 -7.30 7.31 25.59
N ILE D 136 -7.22 8.58 25.19
CA ILE D 136 -5.92 9.10 24.78
C ILE D 136 -4.98 9.23 25.98
N ALA D 137 -5.49 9.73 27.11
CA ALA D 137 -4.69 9.79 28.34
C ALA D 137 -4.08 8.42 28.63
N GLY D 138 -4.89 7.38 28.50
CA GLY D 138 -4.42 6.01 28.67
C GLY D 138 -3.26 5.63 27.76
N LEU D 139 -3.33 6.02 26.50
CA LEU D 139 -2.24 5.80 25.56
C LEU D 139 -0.95 6.48 26.00
N PHE D 140 -1.06 7.60 26.70
CA PHE D 140 0.13 8.30 27.21
C PHE D 140 0.63 7.63 28.49
N GLY D 141 -0.16 6.69 28.99
CA GLY D 141 0.22 5.91 30.16
C GLY D 141 -0.08 6.60 31.47
N LEU D 142 -1.04 7.53 31.47
CA LEU D 142 -1.31 8.35 32.65
C LEU D 142 -2.14 7.67 33.77
N GLY D 143 -2.63 6.46 33.53
CA GLY D 143 -3.34 5.75 34.59
C GLY D 143 -4.85 5.93 34.59
N GLU D 144 -5.53 5.28 35.52
CA GLU D 144 -6.98 5.15 35.41
C GLU D 144 -7.76 6.41 35.82
N GLN D 145 -7.12 7.32 36.54
CA GLN D 145 -7.76 8.57 36.94
C GLN D 145 -7.61 9.68 35.90
N ALA D 146 -6.89 9.37 34.82
CA ALA D 146 -6.50 10.39 33.88
C ALA D 146 -7.64 10.84 33.00
N GLY D 147 -7.62 12.10 32.59
CA GLY D 147 -8.65 12.62 31.71
C GLY D 147 -8.28 14.05 31.40
N GLY D 148 -9.10 14.70 30.59
CA GLY D 148 -8.86 16.10 30.27
C GLY D 148 -9.98 16.70 29.47
N VAL D 149 -9.66 17.81 28.79
CA VAL D 149 -10.62 18.57 28.00
C VAL D 149 -9.93 19.01 26.71
N LEU D 150 -10.70 19.07 25.62
CA LEU D 150 -10.24 19.72 24.40
C LEU D 150 -10.24 21.24 24.61
N THR D 151 -9.24 21.90 24.04
CA THR D 151 -9.08 23.35 24.10
C THR D 151 -8.85 23.89 22.68
N SER D 152 -9.16 25.16 22.45
CA SER D 152 -8.92 25.72 21.10
C SER D 152 -7.48 26.15 20.94
N GLY D 153 -6.58 25.17 20.85
CA GLY D 153 -5.17 25.44 20.65
C GLY D 153 -4.31 25.08 21.85
N GLY D 154 -3.03 24.82 21.60
CA GLY D 154 -2.11 24.38 22.63
C GLY D 154 -1.75 25.45 23.67
N SER D 155 -1.77 26.72 23.27
CA SER D 155 -1.53 27.83 24.21
C SER D 155 -2.49 27.76 25.41
N LEU D 156 -3.77 27.53 25.12
CA LEU D 156 -4.78 27.36 26.16
C LEU D 156 -4.57 26.08 27.00
N ALA D 157 -4.19 24.97 26.36
CA ALA D 157 -3.89 23.77 27.12
C ALA D 157 -2.78 24.09 28.12
N ASN D 158 -1.72 24.74 27.64
CA ASN D 158 -0.59 25.11 28.49
C ASN D 158 -1.06 26.02 29.60
N LEU D 159 -1.90 27.00 29.26
CA LEU D 159 -2.41 27.98 30.23
C LEU D 159 -3.19 27.26 31.33
N GLN D 160 -4.00 26.29 30.93
CA GLN D 160 -4.83 25.62 31.91
C GLN D 160 -4.00 24.72 32.81
N ALA D 161 -2.96 24.14 32.24
CA ALA D 161 -2.09 23.26 32.99
C ALA D 161 -1.35 24.07 34.04
N LEU D 162 -0.76 25.18 33.62
CA LEU D 162 -0.02 26.02 34.57
C LEU D 162 -0.96 26.68 35.58
N ALA D 163 -2.20 26.97 35.18
CA ALA D 163 -3.22 27.45 36.12
C ALA D 163 -3.48 26.45 37.22
N VAL D 164 -3.68 25.18 36.85
CA VAL D 164 -3.92 24.13 37.84
C VAL D 164 -2.68 23.98 38.74
N ALA D 165 -1.49 23.92 38.15
CA ALA D 165 -0.24 23.87 38.93
C ALA D 165 -0.14 25.01 39.96
N ARG D 166 -0.41 26.24 39.52
CA ARG D 166 -0.40 27.40 40.42
C ARG D 166 -1.45 27.27 41.54
N ASN D 167 -2.66 26.84 41.18
CA ASN D 167 -3.75 26.73 42.14
C ASN D 167 -3.50 25.65 43.17
N VAL D 168 -2.88 24.56 42.76
CA VAL D 168 -2.54 23.49 43.69
C VAL D 168 -1.47 23.99 44.65
N ALA D 169 -0.46 24.68 44.12
CA ALA D 169 0.68 25.10 44.92
C ALA D 169 0.34 26.23 45.90
N PHE D 170 -0.58 27.11 45.51
CA PHE D 170 -0.77 28.36 46.26
C PHE D 170 -2.20 28.55 46.71
N ASP D 171 -3.05 27.60 46.44
CA ASP D 171 -4.45 27.69 46.78
C ASP D 171 -5.13 29.00 46.31
N SER D 172 -4.92 29.35 45.06
CA SER D 172 -5.37 30.66 44.59
C SER D 172 -6.75 30.77 43.93
N VAL D 173 -7.60 29.74 44.01
CA VAL D 173 -8.84 29.76 43.21
C VAL D 173 -9.74 30.91 43.64
N GLU D 174 -9.89 31.08 44.95
CA GLU D 174 -10.69 32.19 45.48
C GLU D 174 -9.89 33.43 45.89
N PRO D 175 -8.76 33.27 46.61
CA PRO D 175 -8.03 34.47 47.05
C PRO D 175 -7.08 35.12 46.04
N GLY D 176 -6.74 34.39 44.98
CA GLY D 176 -5.74 34.87 44.05
C GLY D 176 -4.33 34.70 44.59
N ILE D 177 -3.37 35.35 43.96
CA ILE D 177 -1.96 35.20 44.33
C ILE D 177 -1.27 36.50 44.72
N THR D 178 -2.03 37.55 44.98
CA THR D 178 -1.46 38.87 45.31
C THR D 178 -0.71 38.95 46.62
N GLY D 179 -1.15 38.17 47.59
CA GLY D 179 -0.55 38.23 48.92
C GLY D 179 0.92 37.86 48.98
N LEU D 180 1.33 36.95 48.09
CA LEU D 180 2.48 36.09 48.27
C LEU D 180 3.78 36.82 48.56
N ALA D 181 4.54 36.24 49.48
CA ALA D 181 5.84 36.76 49.90
C ALA D 181 6.95 36.82 48.84
N GLN D 182 7.13 35.74 48.07
CA GLN D 182 8.08 35.75 46.96
C GLN D 182 7.52 35.14 45.66
N ARG D 183 8.03 35.60 44.53
CA ARG D 183 7.49 35.29 43.21
C ARG D 183 7.49 33.80 42.89
N PRO D 184 6.30 33.24 42.63
CA PRO D 184 6.17 31.91 42.06
C PRO D 184 6.88 31.88 40.72
N VAL D 185 7.67 30.84 40.47
CA VAL D 185 8.39 30.75 39.19
C VAL D 185 8.25 29.35 38.62
N ILE D 186 8.41 29.22 37.31
CA ILE D 186 8.45 27.91 36.67
C ILE D 186 9.72 27.75 35.87
N PHE D 187 10.05 26.50 35.55
CA PHE D 187 11.23 26.22 34.75
C PHE D 187 10.87 25.58 33.43
N ALA D 188 11.60 25.96 32.39
CA ALA D 188 11.47 25.36 31.08
C ALA D 188 12.74 25.58 30.29
N SER D 189 12.95 24.74 29.28
CA SER D 189 14.10 24.84 28.41
C SER D 189 14.15 26.18 27.70
N GLU D 190 15.34 26.74 27.53
CA GLU D 190 15.50 27.98 26.77
C GLU D 190 14.93 27.86 25.35
N ALA D 191 14.59 26.65 24.92
CA ALA D 191 13.96 26.45 23.62
C ALA D 191 12.46 26.09 23.74
N ALA D 192 11.89 26.27 24.94
CA ALA D 192 10.48 25.96 25.15
C ALA D 192 9.61 27.05 24.56
N HIS D 193 8.31 26.77 24.44
CA HIS D 193 7.40 27.60 23.64
C HIS D 193 7.05 28.91 24.36
N THR D 194 6.86 29.97 23.59
CA THR D 194 6.57 31.28 24.13
C THR D 194 5.21 31.32 24.87
N SER D 195 4.35 30.31 24.65
CA SER D 195 3.02 30.32 25.29
C SER D 195 3.17 30.06 26.77
N LEU D 196 4.36 29.66 27.19
CA LEU D 196 4.65 29.59 28.61
C LEU D 196 4.74 31.04 29.16
N GLN D 197 5.47 31.92 28.47
N GLN D 197 5.49 31.91 28.49
CA GLN D 197 5.60 33.33 28.86
CA GLN D 197 5.60 33.32 28.84
C GLN D 197 4.27 34.07 28.82
C GLN D 197 4.26 34.03 28.82
N LYS D 198 3.47 33.83 27.79
CA LYS D 198 2.15 34.45 27.68
C LYS D 198 1.24 33.95 28.77
N ALA D 199 1.29 32.63 29.03
CA ALA D 199 0.51 32.04 30.11
C ALA D 199 0.96 32.58 31.46
N ALA D 200 2.27 32.74 31.63
CA ALA D 200 2.80 33.27 32.87
C ALA D 200 2.24 34.69 33.08
N MET D 201 2.32 35.52 32.04
CA MET D 201 1.72 36.85 32.05
C MET D 201 0.23 36.82 32.39
N LEU D 202 -0.53 35.99 31.69
CA LEU D 202 -1.95 35.87 31.92
C LEU D 202 -2.30 35.42 33.33
N LEU D 203 -1.56 34.47 33.87
CA LEU D 203 -1.89 33.90 35.18
C LEU D 203 -1.55 34.84 36.35
N GLY D 204 -0.85 35.94 36.06
CA GLY D 204 -0.51 36.93 37.07
C GLY D 204 0.88 36.70 37.63
N LEU D 205 1.69 35.96 36.90
CA LEU D 205 3.02 35.59 37.37
C LEU D 205 4.07 36.49 36.77
N GLY D 206 3.76 37.04 35.59
CA GLY D 206 4.73 37.83 34.84
C GLY D 206 5.53 36.94 33.91
N THR D 207 5.89 37.47 32.75
CA THR D 207 6.74 36.75 31.80
C THR D 207 8.09 36.34 32.41
N ALA D 208 8.53 37.08 33.43
CA ALA D 208 9.85 36.87 34.00
C ALA D 208 9.83 35.66 34.94
N ALA D 209 8.63 35.14 35.18
CA ALA D 209 8.46 33.99 36.07
C ALA D 209 8.80 32.66 35.38
N VAL D 210 9.16 32.73 34.10
CA VAL D 210 9.56 31.54 33.32
C VAL D 210 11.07 31.52 33.22
N ILE D 211 11.70 30.86 34.17
CA ILE D 211 13.16 30.80 34.21
C ILE D 211 13.64 29.77 33.21
N PRO D 212 14.44 30.21 32.23
CA PRO D 212 14.96 29.32 31.18
C PRO D 212 16.11 28.45 31.69
N VAL D 213 16.07 27.17 31.34
CA VAL D 213 17.13 26.21 31.69
C VAL D 213 17.99 25.99 30.46
N ARG D 214 19.31 25.92 30.65
CA ARG D 214 20.23 25.69 29.54
C ARG D 214 19.83 24.47 28.72
N ALA D 215 20.07 24.54 27.42
CA ALA D 215 19.79 23.44 26.51
C ALA D 215 21.07 23.02 25.80
N THR D 216 21.18 21.73 25.48
CA THR D 216 22.37 21.21 24.83
C THR D 216 22.50 21.72 23.40
N ALA D 217 23.59 21.38 22.75
CA ALA D 217 23.75 21.69 21.33
C ALA D 217 22.64 21.05 20.51
N ASP D 218 22.00 20.03 21.05
CA ASP D 218 20.89 19.40 20.37
C ASP D 218 19.54 19.90 20.86
N SER D 219 19.57 21.05 21.51
CA SER D 219 18.36 21.76 21.93
C SER D 219 17.49 20.94 22.89
N ARG D 220 18.13 20.11 23.73
CA ARG D 220 17.43 19.36 24.75
C ARG D 220 17.73 19.95 26.13
N MET D 221 16.77 19.97 27.01
CA MET D 221 16.98 20.51 28.34
C MET D 221 18.07 19.78 29.15
N ASP D 222 18.93 20.54 29.77
CA ASP D 222 20.02 19.99 30.55
C ASP D 222 19.56 19.74 31.99
N PRO D 223 19.45 18.46 32.38
CA PRO D 223 18.94 18.15 33.73
C PRO D 223 19.82 18.70 34.84
N GLU D 224 21.12 18.85 34.60
CA GLU D 224 21.97 19.39 35.64
C GLU D 224 21.64 20.87 35.83
N ASP D 225 21.55 21.63 34.74
CA ASP D 225 21.27 23.05 34.85
C ASP D 225 19.89 23.29 35.47
N LEU D 226 18.95 22.35 35.29
CA LEU D 226 17.64 22.48 35.93
C LEU D 226 17.80 22.50 37.44
N ARG D 227 18.55 21.54 37.96
CA ARG D 227 18.86 21.48 39.41
C ARG D 227 19.50 22.77 39.89
N ALA D 228 20.48 23.27 39.15
CA ALA D 228 21.14 24.53 39.50
C ALA D 228 20.12 25.66 39.60
N ARG D 229 19.32 25.85 38.57
CA ARG D 229 18.37 26.96 38.55
C ARG D 229 17.27 26.84 39.62
N ILE D 230 16.91 25.63 40.02
CA ILE D 230 15.95 25.45 41.11
C ILE D 230 16.55 25.90 42.45
N ASP D 231 17.80 25.52 42.71
CA ASP D 231 18.48 25.98 43.93
C ASP D 231 18.70 27.50 43.91
N GLN D 232 19.11 28.02 42.76
CA GLN D 232 19.35 29.45 42.61
C GLN D 232 18.06 30.24 42.82
N ALA D 233 16.94 29.64 42.44
CA ALA D 233 15.65 30.30 42.64
C ALA D 233 15.32 30.37 44.11
N ARG D 234 15.42 29.23 44.81
CA ARG D 234 15.07 29.19 46.22
C ARG D 234 16.00 30.07 47.06
N GLY D 235 17.25 30.20 46.62
CA GLY D 235 18.21 31.01 47.33
C GLY D 235 17.88 32.48 47.15
N ALA D 236 17.29 32.80 46.00
CA ALA D 236 16.98 34.18 45.64
C ALA D 236 15.61 34.62 46.15
N GLY D 237 14.98 33.78 46.96
CA GLY D 237 13.67 34.12 47.53
C GLY D 237 12.46 33.56 46.81
N GLN D 238 12.64 33.11 45.57
CA GLN D 238 11.53 32.70 44.71
C GLN D 238 10.87 31.39 45.14
N HIS D 239 9.68 31.12 44.60
CA HIS D 239 8.92 29.93 44.97
C HIS D 239 8.62 29.05 43.72
N PRO D 240 9.53 28.11 43.41
CA PRO D 240 9.30 27.20 42.28
C PRO D 240 8.13 26.26 42.53
N PHE D 241 7.23 26.16 41.54
CA PHE D 241 6.08 25.30 41.67
C PHE D 241 5.83 24.42 40.45
N CYS D 242 6.60 24.61 39.37
CA CYS D 242 6.37 23.82 38.15
C CYS D 242 7.60 23.72 37.27
N VAL D 243 7.81 22.53 36.70
CA VAL D 243 8.81 22.34 35.66
C VAL D 243 8.12 21.93 34.36
N VAL D 244 8.41 22.61 33.27
CA VAL D 244 7.84 22.24 31.97
C VAL D 244 8.92 21.63 31.06
N ALA D 245 8.74 20.37 30.76
CA ALA D 245 9.51 19.70 29.73
C ALA D 245 8.76 19.75 28.41
N THR D 246 9.50 19.85 27.32
CA THR D 246 8.94 19.94 26.00
C THR D 246 9.31 18.74 25.14
N ALA D 247 8.30 18.02 24.67
CA ALA D 247 8.48 16.94 23.71
C ALA D 247 8.21 17.41 22.29
N GLY D 248 9.26 17.89 21.63
CA GLY D 248 9.18 18.50 20.32
C GLY D 248 9.12 20.02 20.36
N THR D 249 10.28 20.62 20.55
CA THR D 249 10.40 22.06 20.59
C THR D 249 10.03 22.59 19.24
N THR D 250 9.44 23.78 19.24
CA THR D 250 8.90 24.32 18.02
C THR D 250 9.91 24.59 16.92
N THR D 251 11.05 25.18 17.24
CA THR D 251 12.04 25.43 16.20
C THR D 251 12.79 24.19 15.63
N THR D 252 13.37 23.39 16.48
CA THR D 252 14.21 22.27 16.06
C THR D 252 13.56 20.89 16.22
N GLY D 253 12.43 20.82 16.92
CA GLY D 253 11.71 19.57 17.05
C GLY D 253 12.32 18.56 18.00
N ASN D 254 13.13 19.04 18.94
CA ASN D 254 13.80 18.13 19.86
C ASN D 254 12.94 17.80 21.08
N ILE D 255 13.29 16.70 21.74
CA ILE D 255 12.52 16.18 22.87
C ILE D 255 13.37 16.20 24.15
N ASP D 256 12.87 16.86 25.19
CA ASP D 256 13.60 16.92 26.47
C ASP D 256 13.76 15.52 27.04
N PRO D 257 14.77 15.30 27.89
CA PRO D 257 14.86 13.95 28.46
C PRO D 257 13.85 13.82 29.60
N LEU D 258 12.68 13.28 29.25
CA LEU D 258 11.49 13.40 30.08
C LEU D 258 11.59 12.66 31.40
N ALA D 259 12.20 11.47 31.37
CA ALA D 259 12.30 10.69 32.59
C ALA D 259 13.20 11.41 33.59
N GLU D 260 14.35 11.86 33.12
CA GLU D 260 15.29 12.58 34.00
C GLU D 260 14.66 13.87 34.55
N ILE D 261 14.05 14.68 33.69
CA ILE D 261 13.40 15.92 34.15
C ILE D 261 12.28 15.64 35.14
N GLY D 262 11.47 14.62 34.85
CA GLY D 262 10.36 14.28 35.72
C GLY D 262 10.84 13.78 37.08
N ALA D 263 11.93 13.03 37.08
CA ALA D 263 12.57 12.61 38.33
C ALA D 263 12.99 13.83 39.18
N ILE D 264 13.62 14.81 38.53
CA ILE D 264 14.11 16.00 39.22
C ILE D 264 12.96 16.87 39.70
N ALA D 265 11.92 16.98 38.89
CA ALA D 265 10.73 17.73 39.29
C ALA D 265 10.10 17.09 40.52
N ARG D 266 9.94 15.78 40.48
CA ARG D 266 9.31 15.10 41.63
C ARG D 266 10.20 15.18 42.87
N GLU D 267 11.52 15.19 42.68
CA GLU D 267 12.46 15.25 43.80
C GLU D 267 12.27 16.57 44.55
N HIS D 268 11.98 17.61 43.80
CA HIS D 268 11.84 18.94 44.36
C HIS D 268 10.39 19.30 44.65
N GLY D 269 9.50 18.32 44.56
CA GLY D 269 8.08 18.54 44.78
C GLY D 269 7.42 19.51 43.80
N LEU D 270 7.92 19.58 42.57
CA LEU D 270 7.35 20.49 41.56
C LEU D 270 6.36 19.79 40.62
N TRP D 271 5.31 20.52 40.24
CA TRP D 271 4.39 20.04 39.22
C TRP D 271 5.19 19.75 37.95
N PHE D 272 5.01 18.56 37.39
CA PHE D 272 5.68 18.20 36.15
C PHE D 272 4.71 18.24 34.95
N HIS D 273 4.89 19.23 34.07
CA HIS D 273 4.04 19.41 32.89
C HIS D 273 4.87 19.08 31.67
N VAL D 274 4.32 18.27 30.78
CA VAL D 274 4.97 18.02 29.51
C VAL D 274 4.18 18.68 28.38
N ASP D 275 4.80 19.65 27.74
CA ASP D 275 4.31 20.22 26.49
C ASP D 275 4.65 19.27 25.33
N ALA D 276 3.75 18.33 25.06
CA ALA D 276 3.92 17.43 23.93
C ALA D 276 3.03 17.90 22.79
N ALA D 277 2.92 19.22 22.62
CA ALA D 277 2.09 19.79 21.55
C ALA D 277 2.34 19.04 20.26
N TYR D 278 3.60 18.96 19.87
CA TYR D 278 3.95 18.37 18.60
C TYR D 278 4.30 16.89 18.78
N GLY D 279 5.25 16.60 19.65
CA GLY D 279 5.80 15.26 19.76
C GLY D 279 4.87 14.24 20.40
N GLY D 280 3.78 14.70 20.99
CA GLY D 280 2.80 13.79 21.57
C GLY D 280 2.25 12.77 20.58
N ALA D 281 2.29 13.11 19.29
CA ALA D 281 1.73 12.26 18.25
C ALA D 281 2.42 10.90 18.19
N LEU D 282 3.65 10.85 18.69
CA LEU D 282 4.42 9.58 18.68
C LEU D 282 3.76 8.44 19.47
N VAL D 283 2.77 8.74 20.32
CA VAL D 283 2.06 7.65 21.02
C VAL D 283 1.35 6.68 20.09
N PHE D 284 1.10 7.10 18.85
CA PHE D 284 0.45 6.22 17.89
C PHE D 284 1.46 5.41 17.08
N SER D 285 2.74 5.62 17.36
CA SER D 285 3.81 4.90 16.67
C SER D 285 4.56 3.93 17.59
N GLU D 286 4.41 2.63 17.37
CA GLU D 286 5.09 1.64 18.20
C GLU D 286 6.59 1.80 18.04
N ARG D 287 7.00 2.19 16.85
CA ARG D 287 8.41 2.29 16.50
C ARG D 287 9.14 3.44 17.19
N HIS D 288 8.45 4.55 17.41
CA HIS D 288 9.14 5.74 17.86
C HIS D 288 8.70 6.26 19.23
N ARG D 289 7.67 5.68 19.82
CA ARG D 289 7.14 6.28 21.03
C ARG D 289 8.04 6.12 22.25
N TRP D 290 9.09 5.31 22.13
CA TRP D 290 10.09 5.24 23.18
C TRP D 290 10.67 6.61 23.49
N ARG D 291 10.69 7.50 22.49
CA ARG D 291 11.27 8.82 22.67
C ARG D 291 10.53 9.65 23.73
N LEU D 292 9.32 9.23 24.08
CA LEU D 292 8.53 9.94 25.08
C LEU D 292 8.60 9.28 26.45
N ALA D 293 9.51 8.32 26.62
CA ALA D 293 9.60 7.60 27.90
C ALA D 293 9.78 8.59 29.05
N GLY D 294 8.96 8.43 30.08
CA GLY D 294 8.96 9.36 31.19
C GLY D 294 7.68 10.21 31.22
N ILE D 295 7.05 10.40 30.04
CA ILE D 295 5.83 11.21 29.94
C ILE D 295 4.69 10.57 30.74
N GLU D 296 4.75 9.26 30.94
CA GLU D 296 3.68 8.55 31.65
C GLU D 296 3.53 9.00 33.11
N GLN D 297 4.55 9.67 33.63
CA GLN D 297 4.52 10.13 35.01
C GLN D 297 4.20 11.62 35.15
N ALA D 298 3.90 12.27 34.04
CA ALA D 298 3.54 13.68 34.11
C ALA D 298 2.29 13.89 34.94
N ASP D 299 2.24 15.04 35.60
CA ASP D 299 1.03 15.53 36.22
C ASP D 299 0.05 16.06 35.16
N SER D 300 0.59 16.69 34.13
CA SER D 300 -0.26 17.16 33.02
C SER D 300 0.49 17.05 31.70
N ILE D 301 -0.27 16.97 30.62
CA ILE D 301 0.28 16.86 29.27
C ILE D 301 -0.52 17.76 28.34
N THR D 302 0.18 18.54 27.52
CA THR D 302 -0.44 19.27 26.43
C THR D 302 -0.18 18.50 25.15
N PHE D 303 -1.21 18.27 24.33
CA PHE D 303 -1.02 17.54 23.05
C PHE D 303 -1.92 18.18 21.97
N ASN D 304 -1.34 18.47 20.79
CA ASN D 304 -2.11 19.09 19.69
C ASN D 304 -2.30 18.17 18.47
N PRO D 305 -3.43 17.45 18.37
CA PRO D 305 -3.68 16.71 17.11
C PRO D 305 -3.65 17.60 15.82
N GLN D 306 -3.87 18.88 15.93
CA GLN D 306 -3.83 19.77 14.78
C GLN D 306 -2.48 19.80 14.04
N1 LLP D 307 4.21 24.26 22.37
C2 LLP D 307 4.90 23.73 21.36
C2' LLP D 307 6.17 22.92 21.68
C3 LLP D 307 4.45 23.92 20.07
O3 LLP D 307 5.20 23.35 19.01
C4 LLP D 307 3.28 24.66 19.79
C4' LLP D 307 2.83 24.85 18.34
C5 LLP D 307 2.59 25.19 20.89
C6 LLP D 307 3.10 24.96 22.16
C5' LLP D 307 1.34 26.02 20.81
OP4 LLP D 307 0.13 25.49 20.41
P LLP D 307 -0.80 26.55 19.72
OP1 LLP D 307 -2.05 25.90 19.17
OP2 LLP D 307 -1.14 27.66 20.65
OP3 LLP D 307 -0.02 27.14 18.57
N LLP D 307 -1.42 19.41 14.72
CA LLP D 307 -0.09 19.38 14.19
CB LLP D 307 0.90 19.74 15.28
CG LLP D 307 0.94 21.25 15.54
CD LLP D 307 1.66 21.65 16.82
CE LLP D 307 2.07 23.08 17.07
NZ LLP D 307 1.77 23.99 17.75
C LLP D 307 0.18 18.03 13.55
O LLP D 307 -0.15 17.91 12.38
N TRP D 308 0.75 17.06 14.26
CA TRP D 308 1.16 15.80 13.65
C TRP D 308 0.04 14.77 13.47
N LEU D 309 -1.18 15.08 13.87
CA LEU D 309 -2.31 14.16 13.59
C LEU D 309 -3.21 14.65 12.47
N TYR D 310 -2.82 15.75 11.84
CA TYR D 310 -3.46 16.21 10.60
C TYR D 310 -4.92 16.65 10.81
N VAL D 311 -5.31 16.98 12.04
CA VAL D 311 -6.66 17.45 12.29
C VAL D 311 -6.74 18.93 11.94
N ALA D 312 -7.72 19.35 11.17
CA ALA D 312 -7.80 20.76 10.81
C ALA D 312 -7.87 21.58 12.10
N LYS D 313 -7.16 22.71 12.11
CA LYS D 313 -7.12 23.59 13.27
C LYS D 313 -8.52 24.06 13.61
N THR D 314 -8.82 24.21 14.90
CA THR D 314 -7.89 23.92 16.00
C THR D 314 -8.28 22.61 16.67
N CYS D 315 -7.28 21.84 17.06
CA CYS D 315 -7.51 20.66 17.90
C CYS D 315 -6.35 20.45 18.85
N ALA D 316 -6.64 20.62 20.13
CA ALA D 316 -5.63 20.50 21.16
C ALA D 316 -6.29 20.10 22.46
N MET D 317 -5.48 19.58 23.38
CA MET D 317 -6.01 19.09 24.62
C MET D 317 -5.03 19.26 25.75
N VAL D 318 -5.54 19.37 26.96
CA VAL D 318 -4.75 19.30 28.16
C VAL D 318 -5.24 18.06 28.92
N LEU D 319 -4.31 17.20 29.34
CA LEU D 319 -4.67 15.97 30.01
C LEU D 319 -4.07 15.98 31.41
N PHE D 320 -4.83 15.51 32.39
CA PHE D 320 -4.29 15.43 33.75
C PHE D 320 -4.23 13.99 34.21
N ARG D 321 -3.17 13.61 34.90
CA ARG D 321 -3.08 12.26 35.42
C ARG D 321 -4.20 12.01 36.45
N ASP D 322 -4.64 13.10 37.10
CA ASP D 322 -5.79 13.02 37.97
C ASP D 322 -6.79 14.08 37.57
N ALA D 323 -7.80 13.70 36.79
CA ALA D 323 -8.73 14.67 36.23
C ALA D 323 -9.54 15.35 37.35
N GLY D 324 -9.67 14.68 38.50
CA GLY D 324 -10.28 15.27 39.69
C GLY D 324 -9.64 16.58 40.13
N VAL D 325 -8.39 16.82 39.75
CA VAL D 325 -7.73 18.07 40.10
C VAL D 325 -8.48 19.28 39.54
N LEU D 326 -9.21 19.09 38.44
CA LEU D 326 -9.97 20.18 37.83
C LEU D 326 -11.17 20.60 38.67
N GLU D 327 -11.72 19.65 39.43
CA GLU D 327 -12.79 20.00 40.36
C GLU D 327 -12.25 20.72 41.58
N ARG D 328 -11.01 20.42 41.95
CA ARG D 328 -10.48 20.84 43.25
C ARG D 328 -9.64 22.09 43.16
N ALA D 329 -9.10 22.34 41.97
CA ALA D 329 -8.12 23.40 41.85
C ALA D 329 -8.24 24.07 40.49
N PHE D 330 -9.47 24.23 40.03
CA PHE D 330 -9.72 25.02 38.83
C PHE D 330 -11.14 25.52 38.85
N ARG D 331 -12.08 24.58 38.96
CA ARG D 331 -13.49 24.90 38.80
C ARG D 331 -13.86 25.93 39.84
N ILE D 332 -14.65 26.90 39.44
CA ILE D 332 -14.96 27.99 40.36
C ILE D 332 -16.12 27.54 41.26
N PRO D 333 -16.16 28.08 42.49
CA PRO D 333 -17.28 27.81 43.39
C PRO D 333 -18.63 28.03 42.71
N ALA D 334 -19.50 27.03 42.79
CA ALA D 334 -20.78 27.07 42.10
C ALA D 334 -21.60 25.85 42.50
N PRO D 335 -22.94 26.00 42.50
CA PRO D 335 -23.84 24.88 42.79
C PRO D 335 -23.54 23.65 41.91
N GLN D 336 -23.18 22.54 42.52
CA GLN D 336 -22.98 21.32 41.77
C GLN D 336 -24.33 20.68 41.53
N MET D 337 -25.03 21.19 40.54
CA MET D 337 -26.12 20.47 39.89
C MET D 337 -25.50 19.66 38.74
N ARG D 338 -24.96 18.50 39.08
CA ARG D 338 -24.33 17.57 38.13
C ARG D 338 -25.37 16.70 37.43
N ALA D 339 -24.99 16.09 36.32
CA ALA D 339 -25.92 15.21 35.63
C ALA D 339 -26.21 14.00 36.52
N THR D 340 -27.34 13.33 36.30
CA THR D 340 -27.68 12.19 37.13
C THR D 340 -26.91 11.02 36.59
N ASP D 341 -25.60 11.13 36.77
CA ASP D 341 -24.65 10.21 36.21
C ASP D 341 -23.33 10.45 36.90
N GLY D 342 -23.11 11.71 37.25
CA GLY D 342 -21.82 12.25 37.63
C GLY D 342 -21.07 13.09 36.58
N PHE D 343 -21.55 13.14 35.34
CA PHE D 343 -20.92 13.98 34.33
C PHE D 343 -21.04 15.47 34.63
N ILE D 344 -19.90 16.16 34.49
CA ILE D 344 -19.79 17.60 34.76
C ILE D 344 -19.70 18.40 33.45
N ASN D 345 -20.52 19.45 33.34
CA ASN D 345 -20.47 20.37 32.21
C ASN D 345 -19.06 20.80 31.87
N LEU D 346 -18.61 20.58 30.64
CA LEU D 346 -17.21 20.79 30.32
C LEU D 346 -16.82 22.25 30.48
N GLY D 347 -17.77 23.18 30.33
CA GLY D 347 -17.49 24.60 30.55
C GLY D 347 -16.94 24.93 31.94
N GLU D 348 -17.31 24.15 32.95
CA GLU D 348 -16.86 24.42 34.32
C GLU D 348 -15.42 24.03 34.57
N ILE D 349 -14.87 23.14 33.73
CA ILE D 349 -13.51 22.66 33.93
C ILE D 349 -12.58 22.97 32.74
N GLY D 350 -12.89 24.03 32.00
CA GLY D 350 -12.01 24.51 30.95
C GLY D 350 -11.80 26.01 31.04
N VAL D 351 -10.78 26.52 30.36
CA VAL D 351 -10.60 27.96 30.27
C VAL D 351 -11.79 28.55 29.53
N GLN D 352 -12.12 27.95 28.40
CA GLN D 352 -13.29 28.40 27.64
C GLN D 352 -14.60 27.99 28.29
N GLY D 353 -15.64 28.76 27.98
CA GLY D 353 -17.00 28.37 28.29
C GLY D 353 -17.55 27.72 27.04
N THR D 354 -18.18 28.53 26.20
CA THR D 354 -18.65 28.02 24.93
C THR D 354 -17.44 27.55 24.14
N ARG D 355 -17.60 26.43 23.49
CA ARG D 355 -16.56 25.85 22.69
C ARG D 355 -17.15 25.18 21.46
N HIS D 356 -16.45 25.32 20.35
CA HIS D 356 -16.73 24.60 19.11
C HIS D 356 -16.51 23.11 19.38
N ALA D 357 -17.29 22.27 18.74
CA ALA D 357 -17.17 20.83 18.92
C ALA D 357 -16.05 20.21 18.05
N ASP D 358 -14.82 20.36 18.49
CA ASP D 358 -13.64 19.80 17.84
C ASP D 358 -13.59 18.28 17.95
N VAL D 359 -14.35 17.72 18.86
CA VAL D 359 -14.39 16.29 19.04
C VAL D 359 -14.86 15.59 17.77
N VAL D 360 -15.75 16.22 17.01
CA VAL D 360 -16.25 15.59 15.81
C VAL D 360 -15.15 15.32 14.77
N LYS D 361 -14.35 16.32 14.45
CA LYS D 361 -13.27 16.15 13.50
C LYS D 361 -12.19 15.23 14.04
N LEU D 362 -11.90 15.36 15.33
CA LEU D 362 -10.90 14.49 15.97
C LEU D 362 -11.28 13.02 15.89
N TRP D 363 -12.48 12.70 16.36
CA TRP D 363 -12.92 11.31 16.42
C TRP D 363 -13.04 10.71 15.00
N LEU D 364 -13.64 11.43 14.06
CA LEU D 364 -13.71 10.92 12.68
C LEU D 364 -12.34 10.71 12.05
N THR D 365 -11.40 11.62 12.31
CA THR D 365 -10.09 11.53 11.69
C THR D 365 -9.31 10.35 12.32
N LEU D 366 -9.40 10.22 13.64
CA LEU D 366 -8.75 9.13 14.36
C LEU D 366 -9.27 7.78 13.87
N GLN D 367 -10.58 7.71 13.62
CA GLN D 367 -11.18 6.48 13.12
C GLN D 367 -10.72 6.17 11.70
N HIS D 368 -10.63 7.21 10.87
CA HIS D 368 -10.40 6.98 9.44
C HIS D 368 -8.96 6.57 9.22
N ILE D 369 -8.06 7.24 9.93
CA ILE D 369 -6.65 6.99 9.73
C ILE D 369 -6.19 5.83 10.59
N GLY D 370 -6.64 5.78 11.85
CA GLY D 370 -6.31 4.69 12.73
C GLY D 370 -4.87 4.77 13.20
N GLN D 371 -4.52 3.99 14.21
CA GLN D 371 -3.16 4.05 14.75
C GLN D 371 -2.10 3.56 13.77
N GLN D 372 -2.44 2.55 12.98
CA GLN D 372 -1.51 2.03 11.99
C GLN D 372 -1.20 3.09 10.92
N GLY D 373 -2.22 3.85 10.54
CA GLY D 373 -2.04 4.93 9.58
C GLY D 373 -1.13 6.02 10.10
N TYR D 374 -1.32 6.43 11.35
CA TYR D 374 -0.44 7.42 11.95
C TYR D 374 0.98 6.87 12.07
N ALA D 375 1.09 5.60 12.42
CA ALA D 375 2.42 4.99 12.48
C ALA D 375 3.13 5.11 11.14
N ARG D 376 2.39 4.92 10.05
CA ARG D 376 2.98 4.97 8.70
C ARG D 376 3.34 6.40 8.34
N LEU D 377 2.41 7.33 8.58
CA LEU D 377 2.66 8.76 8.34
C LEU D 377 3.91 9.25 9.07
N ILE D 378 4.02 8.86 10.34
CA ILE D 378 5.13 9.30 11.16
C ILE D 378 6.44 8.76 10.61
N ASP D 379 6.47 7.52 10.19
CA ASP D 379 7.68 6.96 9.64
C ASP D 379 8.14 7.66 8.41
N ASP D 380 7.20 7.94 7.52
CA ASP D 380 7.53 8.64 6.28
C ASP D 380 8.14 10.00 6.60
N GLY D 381 7.58 10.66 7.60
CA GLY D 381 8.08 11.95 8.04
C GLY D 381 9.53 11.83 8.46
N TYR D 382 9.84 10.83 9.30
CA TYR D 382 11.23 10.62 9.75
C TYR D 382 12.15 10.28 8.57
N ARG D 383 11.63 9.50 7.63
CA ARG D 383 12.37 9.21 6.39
C ARG D 383 12.76 10.48 5.64
N LEU D 384 11.80 11.40 5.48
CA LEU D 384 12.07 12.65 4.76
C LEU D 384 13.06 13.51 5.53
N ALA D 385 12.94 13.49 6.84
CA ALA D 385 13.83 14.28 7.69
C ALA D 385 15.25 13.79 7.56
N GLU D 386 15.43 12.47 7.58
CA GLU D 386 16.76 11.91 7.49
C GLU D 386 17.36 12.20 6.13
N ARG D 387 16.51 12.34 5.11
CA ARG D 387 17.04 12.73 3.79
C ARG D 387 17.58 14.16 3.82
N VAL D 388 16.85 15.06 4.49
CA VAL D 388 17.37 16.42 4.65
C VAL D 388 18.68 16.38 5.46
N VAL D 389 18.71 15.63 6.55
CA VAL D 389 19.94 15.53 7.35
C VAL D 389 21.13 15.04 6.51
N GLU D 390 20.91 14.01 5.70
CA GLU D 390 21.99 13.47 4.88
C GLU D 390 22.45 14.50 3.84
N GLY D 391 21.50 15.22 3.27
CA GLY D 391 21.81 16.24 2.29
C GLY D 391 22.69 17.32 2.90
N VAL D 392 22.42 17.67 4.15
CA VAL D 392 23.22 18.67 4.88
C VAL D 392 24.64 18.17 5.21
N ARG D 393 24.76 16.92 5.65
CA ARG D 393 26.08 16.38 6.00
C ARG D 393 27.02 16.26 4.82
N GLN D 394 26.47 16.25 3.62
CA GLN D 394 27.27 16.17 2.40
C GLN D 394 27.77 17.55 1.95
N ARG D 395 27.06 18.60 2.34
CA ARG D 395 27.44 19.96 1.96
C ARG D 395 28.09 20.68 3.13
N PRO D 396 29.40 20.95 3.02
CA PRO D 396 30.21 21.56 4.07
C PRO D 396 29.84 23.00 4.35
N PHE D 397 29.20 23.67 3.39
CA PHE D 397 28.73 25.04 3.56
C PHE D 397 27.41 25.09 4.33
N LEU D 398 26.81 23.92 4.56
CA LEU D 398 25.60 23.80 5.38
C LEU D 398 25.93 23.21 6.74
N ARG D 399 25.24 23.66 7.78
CA ARG D 399 25.40 23.09 9.11
C ARG D 399 24.04 22.77 9.75
N LEU D 400 23.98 21.69 10.50
CA LEU D 400 22.76 21.29 11.19
C LEU D 400 22.69 22.00 12.53
N ALA D 401 21.48 22.30 13.01
CA ALA D 401 21.34 22.88 14.33
C ALA D 401 21.77 21.86 15.38
N GLY D 402 21.48 20.59 15.13
CA GLY D 402 21.78 19.54 16.09
C GLY D 402 21.15 18.22 15.66
N GLU D 403 21.27 17.19 16.49
CA GLU D 403 20.58 15.92 16.24
C GLU D 403 19.09 16.20 16.09
N ILE D 404 18.39 15.39 15.29
CA ILE D 404 16.93 15.50 15.20
C ILE D 404 16.20 14.45 16.03
N ASP D 405 15.05 14.82 16.60
CA ASP D 405 14.22 13.88 17.37
C ASP D 405 12.88 13.59 16.73
N THR D 406 12.39 14.50 15.90
CA THR D 406 11.13 14.31 15.18
C THR D 406 11.38 14.61 13.71
N ASN D 407 10.32 14.69 12.90
CA ASN D 407 10.45 14.96 11.45
C ASN D 407 10.69 16.42 11.14
N ILE D 408 11.56 17.06 11.91
CA ILE D 408 11.86 18.47 11.76
C ILE D 408 13.36 18.67 11.68
N VAL D 409 13.82 19.43 10.71
CA VAL D 409 15.26 19.64 10.59
C VAL D 409 15.59 21.11 10.44
N CYS D 410 16.38 21.63 11.37
N CYS D 410 16.40 21.62 11.36
CA CYS D 410 16.82 23.03 11.35
CA CYS D 410 16.84 23.01 11.31
C CYS D 410 18.29 23.08 10.91
C CYS D 410 18.30 23.04 10.87
N PHE D 411 18.58 23.84 9.86
CA PHE D 411 19.92 23.94 9.30
C PHE D 411 20.09 25.32 8.68
N ARG D 412 21.33 25.69 8.36
CA ARG D 412 21.58 26.96 7.70
C ARG D 412 22.89 26.92 6.93
N GLY D 413 23.03 27.82 5.96
CA GLY D 413 24.29 27.96 5.27
C GLY D 413 25.28 28.71 6.15
N GLU D 414 26.51 28.22 6.20
CA GLU D 414 27.61 28.91 6.87
C GLU D 414 28.85 28.92 5.96
N PRO D 415 28.75 29.53 4.79
CA PRO D 415 29.81 29.52 3.78
C PRO D 415 31.11 30.13 4.33
N ASP D 416 32.23 29.44 4.12
CA ASP D 416 33.53 29.91 4.60
C ASP D 416 34.12 31.00 3.70
N TRP D 417 33.49 31.25 2.56
CA TRP D 417 33.98 32.26 1.63
C TRP D 417 33.29 33.59 1.89
N LEU D 418 32.45 33.60 2.91
CA LEU D 418 31.73 34.80 3.32
C LEU D 418 31.96 35.03 4.81
N PRO D 419 31.99 36.30 5.23
CA PRO D 419 32.16 36.59 6.66
C PRO D 419 30.88 36.28 7.42
N ALA D 420 31.01 35.92 8.69
CA ALA D 420 29.84 35.51 9.47
C ALA D 420 28.77 36.60 9.54
N GLU D 421 29.18 37.85 9.34
CA GLU D 421 28.27 38.99 9.35
C GLU D 421 27.21 38.88 8.26
N ARG D 422 27.53 38.16 7.19
CA ARG D 422 26.66 38.11 6.02
C ARG D 422 25.83 36.82 5.91
N TRP D 423 25.91 35.98 6.94
CA TRP D 423 25.24 34.68 6.85
C TRP D 423 23.71 34.77 6.87
N ASP D 424 23.17 35.64 7.71
CA ASP D 424 21.72 35.86 7.73
C ASP D 424 21.17 36.26 6.36
N ASP D 425 21.78 37.26 5.74
CA ASP D 425 21.33 37.72 4.41
C ASP D 425 21.41 36.59 3.40
N TRP D 426 22.44 35.75 3.53
CA TRP D 426 22.66 34.63 2.63
C TRP D 426 21.52 33.62 2.76
N ASN D 427 21.27 33.21 3.98
CA ASN D 427 20.19 32.28 4.24
C ASN D 427 18.82 32.86 3.88
N ALA D 428 18.63 34.16 4.13
CA ALA D 428 17.36 34.80 3.78
C ALA D 428 17.14 34.82 2.27
N ALA D 429 18.22 35.08 1.54
CA ALA D 429 18.19 35.09 0.09
C ALA D 429 17.89 33.69 -0.46
N LEU D 430 18.49 32.68 0.14
CA LEU D 430 18.25 31.29 -0.24
C LEU D 430 16.78 30.89 -0.03
N GLN D 431 16.25 31.18 1.16
CA GLN D 431 14.85 30.91 1.44
C GLN D 431 13.94 31.55 0.39
N ALA D 432 14.27 32.79 0.00
CA ALA D 432 13.51 33.52 -0.99
C ALA D 432 13.62 32.85 -2.36
N LEU D 433 14.82 32.42 -2.70
CA LEU D 433 15.06 31.71 -3.96
C LEU D 433 14.29 30.38 -4.01
N LEU D 434 14.41 29.57 -2.97
CA LEU D 434 13.74 28.25 -2.93
C LEU D 434 12.24 28.41 -3.16
N LEU D 435 11.66 29.46 -2.60
CA LEU D 435 10.23 29.71 -2.74
C LEU D 435 9.84 30.21 -4.15
N ARG D 436 10.58 31.20 -4.65
CA ARG D 436 10.24 31.82 -5.94
C ARG D 436 10.54 30.90 -7.12
N GLU D 437 11.74 30.33 -7.13
CA GLU D 437 12.20 29.47 -8.23
C GLU D 437 11.80 28.00 -8.02
N GLY D 438 12.11 27.45 -6.86
CA GLY D 438 11.79 26.06 -6.60
C GLY D 438 10.34 25.74 -6.23
N LYS D 439 9.55 26.74 -5.87
CA LYS D 439 8.21 26.50 -5.29
C LYS D 439 8.33 25.60 -4.06
N ILE D 440 9.38 25.82 -3.27
CA ILE D 440 9.62 25.09 -2.04
C ILE D 440 9.60 26.07 -0.88
N PHE D 441 8.87 25.76 0.18
CA PHE D 441 8.76 26.66 1.33
C PHE D 441 9.44 26.11 2.56
N LEU D 442 10.48 26.79 3.00
CA LEU D 442 11.10 26.59 4.31
C LEU D 442 10.82 27.80 5.21
N SER D 443 10.68 27.58 6.52
CA SER D 443 10.56 28.74 7.37
C SER D 443 11.96 29.19 7.74
N LEU D 444 12.05 30.40 8.26
CA LEU D 444 13.34 31.01 8.59
C LEU D 444 13.30 31.66 9.97
N PRO D 445 13.25 30.82 11.02
CA PRO D 445 13.17 31.36 12.38
C PRO D 445 14.49 31.96 12.83
N VAL D 446 14.42 32.86 13.80
CA VAL D 446 15.60 33.28 14.52
C VAL D 446 15.95 32.22 15.56
N TYR D 447 17.18 31.74 15.53
CA TYR D 447 17.58 30.73 16.48
C TYR D 447 19.04 30.91 16.81
N ARG D 448 19.36 30.91 18.09
CA ARG D 448 20.72 31.14 18.54
C ARG D 448 21.32 32.42 17.96
N GLY D 449 20.50 33.45 17.84
CA GLY D 449 20.97 34.76 17.42
C GLY D 449 21.21 34.92 15.93
N GLY D 450 20.72 33.97 15.14
CA GLY D 450 20.89 34.06 13.71
C GLY D 450 19.63 33.59 13.00
N ARG D 451 19.65 33.64 11.67
CA ARG D 451 18.55 33.14 10.89
C ARG D 451 18.81 31.70 10.43
N TRP D 452 17.94 30.77 10.80
CA TRP D 452 18.11 29.39 10.35
C TRP D 452 16.98 28.94 9.42
N LEU D 453 17.30 28.04 8.50
CA LEU D 453 16.28 27.43 7.68
C LEU D 453 15.62 26.32 8.49
N ARG D 454 14.33 26.08 8.25
CA ARG D 454 13.60 25.12 9.06
C ARG D 454 12.66 24.32 8.18
N ALA D 455 12.90 23.01 8.14
CA ALA D 455 12.05 22.08 7.42
C ALA D 455 11.22 21.25 8.38
N VAL D 456 9.91 21.23 8.13
CA VAL D 456 8.97 20.39 8.87
C VAL D 456 8.26 19.46 7.87
N LEU D 457 8.63 18.19 7.90
CA LEU D 457 8.30 17.27 6.83
C LEU D 457 6.99 16.52 7.04
N LEU D 458 5.91 17.23 6.84
CA LEU D 458 4.59 16.80 7.30
C LEU D 458 3.62 16.41 6.19
N ASN D 459 3.73 17.10 5.06
CA ASN D 459 2.84 16.79 3.94
C ASN D 459 3.04 15.36 3.49
N PRO D 460 1.98 14.54 3.54
CA PRO D 460 2.04 13.13 3.09
C PRO D 460 2.43 13.01 1.61
N TYR D 461 2.31 14.12 0.87
CA TYR D 461 2.63 14.10 -0.55
C TYR D 461 3.98 14.74 -0.87
N THR D 462 4.74 15.09 0.16
CA THR D 462 6.11 15.53 -0.04
C THR D 462 6.97 14.27 -0.31
N THR D 463 7.80 14.31 -1.35
CA THR D 463 8.57 13.15 -1.81
C THR D 463 10.07 13.38 -1.72
N ASP D 464 10.85 12.30 -1.89
CA ASP D 464 12.30 12.42 -2.04
C ASP D 464 12.64 13.43 -3.12
N ALA D 465 11.84 13.44 -4.19
CA ALA D 465 12.14 14.29 -5.33
C ALA D 465 12.04 15.76 -4.94
N VAL D 466 11.10 16.08 -4.05
CA VAL D 466 10.98 17.44 -3.55
C VAL D 466 12.26 17.80 -2.80
N ILE D 467 12.72 16.92 -1.91
CA ILE D 467 13.92 17.18 -1.14
C ILE D 467 15.13 17.35 -2.07
N ASP D 468 15.24 16.48 -3.07
CA ASP D 468 16.36 16.53 -4.02
C ASP D 468 16.41 17.86 -4.76
N ALA D 469 15.25 18.29 -5.25
CA ALA D 469 15.13 19.53 -5.99
C ALA D 469 15.52 20.72 -5.14
N MET D 470 15.18 20.68 -3.84
CA MET D 470 15.62 21.69 -2.89
C MET D 470 17.14 21.82 -2.84
N PHE D 471 17.84 20.69 -2.70
CA PHE D 471 19.30 20.73 -2.67
C PHE D 471 19.89 21.09 -4.04
N LYS D 472 19.16 20.80 -5.11
CA LYS D 472 19.63 21.22 -6.43
C LYS D 472 19.66 22.75 -6.50
N GLN D 473 18.60 23.38 -5.99
CA GLN D 473 18.54 24.84 -5.93
C GLN D 473 19.59 25.41 -4.97
N ILE D 474 19.80 24.72 -3.85
CA ILE D 474 20.81 25.16 -2.88
C ILE D 474 22.21 25.09 -3.49
N ASP D 475 22.49 24.02 -4.23
CA ASP D 475 23.79 23.88 -4.90
C ASP D 475 24.02 25.01 -5.90
N ARG D 476 23.00 25.30 -6.71
CA ARG D 476 23.09 26.34 -7.72
C ARG D 476 23.36 27.68 -7.06
N PHE D 477 22.63 27.96 -5.99
CA PHE D 477 22.76 29.21 -5.25
C PHE D 477 24.17 29.39 -4.66
N ALA D 478 24.80 28.29 -4.25
CA ALA D 478 26.11 28.38 -3.62
C ALA D 478 27.23 28.25 -4.64
N GLY D 479 26.91 28.39 -5.91
CA GLY D 479 27.89 28.31 -6.99
C GLY D 479 27.60 29.26 -8.14
N1 PMP E . 10.50 -42.82 -26.19
C2 PMP E . 10.12 -43.84 -25.43
C2A PMP E . 10.59 -45.20 -25.79
C3 PMP E . 9.26 -43.61 -24.24
O3 PMP E . 8.84 -44.59 -23.41
C4 PMP E . 8.84 -42.23 -24.02
C4A PMP E . 7.99 -41.89 -22.83
N4A PMP E . 6.58 -41.73 -23.19
C5 PMP E . 9.32 -41.19 -24.95
C6 PMP E . 10.12 -41.58 -26.00
C5A PMP E . 8.95 -39.72 -24.82
O4P PMP E . 9.48 -39.01 -23.73
P PMP E . 8.65 -37.84 -23.23
O1P PMP E . 9.36 -37.33 -22.12
O2P PMP E . 8.44 -36.95 -24.34
O3P PMP E . 7.38 -38.45 -22.84
C1 GOL F . 27.42 -52.21 -21.41
O1 GOL F . 26.18 -52.63 -21.87
C2 GOL F . 27.26 -51.72 -19.97
O2 GOL F . 26.95 -50.37 -20.04
C3 GOL F . 26.14 -52.31 -19.19
O3 GOL F . 25.38 -51.18 -18.81
C1 GOL G . 30.43 -19.55 -14.31
O1 GOL G . 31.73 -19.07 -14.17
C2 GOL G . 29.71 -19.27 -13.03
O2 GOL G . 30.63 -19.74 -12.08
C3 GOL G . 29.70 -17.76 -12.93
O3 GOL G . 29.78 -17.31 -14.29
C1 GOL H . 4.55 -45.41 -29.60
O1 GOL H . 5.89 -45.65 -29.17
C2 GOL H . 4.00 -44.17 -28.90
O2 GOL H . 4.91 -43.07 -29.10
C3 GOL H . 3.87 -44.45 -27.41
O3 GOL H . 2.48 -44.68 -27.10
CL CL I . 10.09 -27.96 -15.99
C1 GOL J . 34.39 -0.25 -28.44
O1 GOL J . 34.20 -1.49 -27.78
C2 GOL J . 34.09 -0.43 -29.92
O2 GOL J . 34.64 0.66 -30.61
C3 GOL J . 32.57 -0.45 -30.14
O3 GOL J . 32.28 -1.14 -31.35
C1 GOL K . -2.98 -5.93 -26.68
O1 GOL K . -4.34 -5.90 -27.04
C2 GOL K . -2.83 -4.56 -26.12
O2 GOL K . -4.20 -4.31 -25.87
C3 GOL K . -2.28 -3.70 -27.26
O3 GOL K . -2.37 -2.29 -27.09
C1 GOL L . 21.80 -10.90 -36.74
O1 GOL L . 22.83 -11.55 -37.51
C2 GOL L . 20.54 -11.76 -36.74
O2 GOL L . 20.24 -12.18 -38.07
C3 GOL L . 19.38 -10.96 -36.17
O3 GOL L . 18.22 -11.80 -36.08
N1 PMP M . -21.04 36.92 28.92
C2 PMP M . -22.33 37.00 28.57
C2A PMP M . -23.14 38.15 29.02
C3 PMP M . -22.90 35.95 27.72
O3 PMP M . -24.19 35.96 27.33
C4 PMP M . -22.04 34.83 27.33
C4A PMP M . -22.60 33.76 26.43
N4A PMP M . -23.20 32.66 27.14
C5 PMP M . -20.64 34.88 27.78
C6 PMP M . -20.24 35.94 28.56
C5A PMP M . -19.63 33.81 27.46
O4P PMP M . -19.38 33.62 26.11
P PMP M . -18.95 32.18 25.73
O1P PMP M . -18.62 32.32 24.34
O2P PMP M . -17.85 31.83 26.58
O3P PMP M . -20.09 31.34 26.00
CL CL N . -12.78 26.63 16.64
#